data_9RD1
#
_entry.id   9RD1
#
_cell.length_a   59.990
_cell.length_b   200.690
_cell.length_c   103.380
_cell.angle_alpha   90.00
_cell.angle_beta   95.73
_cell.angle_gamma   90.00
#
_symmetry.space_group_name_H-M   'P 1 21 1'
#
loop_
_entity.id
_entity.type
_entity.pdbx_description
1 polymer 'Periplasmic oligopeptide-binding protein OppA'
2 non-polymer Gly-Ser-epsilon-Lys
3 non-polymer (R,R)-2,3-BUTANEDIOL
4 non-polymer 1,2-ETHANEDIOL
5 non-polymer GLYCEROL
6 water water
#
_entity_poly.entity_id   1
_entity_poly.type   'polypeptide(L)'
_entity_poly.pdbx_seq_one_letter_code
;ADVPAGVTLAEKQTLVRNNGSEVQSLDPHKIEGVPESNISRDLFEGLLVSDLDGHPAPGVAESWDNKDAKVWTFHLRKDA
KWSDGTPVTAQDFVYSWQRSVDPNTASPYASYLQYGHIAGIDEILEGKKPITDLGVKAIDDHTLEVTLSEPVPYFYKLLV
HPSTSPVPKAAIEKFGEKWTQPGNIVTNGAYTLKDWVVNERIVLERSPTYWNNAKTVINQVTYLPIASEVTDVNRYRSGE
IDMTNNSMPIELFQKLKKEIPDEVHVDPYLCTYYYEINNQKPPFNDVRVRTALKLGMDRDIIVNKVKAQGNMPAYGYTPP
YTDGAKLTQPEWFGWSQEKRNEEAKKLLAEAGYTADKPLTINLLYNTSDLHKKLAIAASSLWKKNIGVNVKLVNQEWKTF
LDTRHQGTFDVARAGWCADYNEPTSFLNTMLSNSSMNTAHYKSPAFDSIMAETLKVTDEAQRTALYTKAEQQLDKDSAIV
PVYYYVNARLVKPWVGGYTGKDPLDNTYTRNMYIVKHHHHHH
;
_entity_poly.pdbx_strand_id   A,B,C,D
#
# COMPACT_ATOMS: atom_id res chain seq x y z
N ALA A 1 -36.16 24.16 -24.98
CA ALA A 1 -34.90 23.39 -25.19
C ALA A 1 -34.78 22.98 -26.66
N ASP A 2 -33.54 22.88 -27.16
CA ASP A 2 -33.21 22.42 -28.54
C ASP A 2 -32.39 21.13 -28.44
N VAL A 3 -33.08 19.98 -28.47
CA VAL A 3 -32.48 18.62 -28.37
C VAL A 3 -31.81 18.29 -29.69
N PRO A 4 -30.47 18.03 -29.72
CA PRO A 4 -29.79 17.65 -30.96
C PRO A 4 -30.34 16.34 -31.54
N ALA A 5 -30.41 16.24 -32.87
CA ALA A 5 -30.79 15.02 -33.61
C ALA A 5 -29.80 13.89 -33.26
N GLY A 6 -30.31 12.67 -33.05
CA GLY A 6 -29.50 11.49 -32.70
C GLY A 6 -29.39 11.27 -31.20
N VAL A 7 -29.68 12.30 -30.40
CA VAL A 7 -29.72 12.22 -28.90
C VAL A 7 -31.01 11.51 -28.50
N THR A 8 -30.90 10.46 -27.69
CA THR A 8 -32.03 9.70 -27.09
C THR A 8 -32.35 10.31 -25.73
N LEU A 9 -33.56 10.88 -25.57
CA LEU A 9 -34.05 11.44 -24.29
C LEU A 9 -34.40 10.28 -23.34
N ALA A 10 -34.27 10.49 -22.03
CA ALA A 10 -34.61 9.50 -20.98
C ALA A 10 -36.12 9.42 -20.82
N GLU A 11 -36.61 8.31 -20.26
CA GLU A 11 -38.04 8.07 -19.92
C GLU A 11 -38.49 9.20 -18.98
N LYS A 12 -37.78 9.37 -17.85
CA LYS A 12 -38.08 10.36 -16.79
C LYS A 12 -37.30 11.65 -17.05
N GLN A 13 -38.02 12.77 -17.20
CA GLN A 13 -37.45 14.13 -17.44
C GLN A 13 -37.60 14.96 -16.16
N THR A 14 -36.88 14.56 -15.10
CA THR A 14 -36.75 15.29 -13.82
C THR A 14 -35.33 15.85 -13.69
N LEU A 15 -35.18 16.90 -12.88
CA LEU A 15 -33.88 17.56 -12.58
C LEU A 15 -33.89 17.95 -11.09
N VAL A 16 -32.87 17.52 -10.34
CA VAL A 16 -32.59 18.03 -8.97
C VAL A 16 -31.36 18.92 -9.06
N ARG A 17 -31.38 20.09 -8.44
CA ARG A 17 -30.17 20.93 -8.26
C ARG A 17 -30.24 21.68 -6.93
N ASN A 18 -29.06 21.97 -6.37
CA ASN A 18 -28.89 22.76 -5.12
C ASN A 18 -28.88 24.25 -5.50
N ASN A 19 -29.68 25.06 -4.78
CA ASN A 19 -29.82 26.52 -4.99
C ASN A 19 -28.84 27.26 -4.08
N GLY A 20 -28.39 26.61 -3.01
CA GLY A 20 -27.32 27.11 -2.11
C GLY A 20 -27.86 27.60 -0.78
N SER A 21 -29.16 27.93 -0.71
CA SER A 21 -29.82 28.49 0.49
C SER A 21 -31.34 28.55 0.31
N GLU A 22 -32.07 28.80 1.41
CA GLU A 22 -33.53 29.02 1.42
C GLU A 22 -33.81 30.42 0.88
N VAL A 23 -34.68 30.53 -0.13
CA VAL A 23 -34.95 31.80 -0.87
C VAL A 23 -35.66 32.79 0.07
N GLN A 24 -35.40 34.09 -0.14
CA GLN A 24 -36.10 35.22 0.54
C GLN A 24 -37.60 35.12 0.30
N SER A 25 -37.99 34.90 -0.96
CA SER A 25 -39.39 34.94 -1.45
C SER A 25 -39.45 34.40 -2.89
N LEU A 26 -40.65 34.05 -3.36
CA LEU A 26 -40.94 33.72 -4.78
C LEU A 26 -41.64 34.92 -5.46
N ASP A 27 -41.79 36.02 -4.72
CA ASP A 27 -42.35 37.31 -5.22
C ASP A 27 -41.21 38.08 -5.91
N PRO A 28 -41.26 38.25 -7.25
CA PRO A 28 -40.19 38.93 -7.98
C PRO A 28 -39.75 40.32 -7.46
N HIS A 29 -40.60 41.00 -6.68
CA HIS A 29 -40.33 42.36 -6.13
C HIS A 29 -39.82 42.28 -4.68
N LYS A 30 -39.50 41.09 -4.17
CA LYS A 30 -39.10 40.86 -2.75
C LYS A 30 -37.79 40.07 -2.70
N ILE A 31 -36.98 40.10 -3.77
CA ILE A 31 -35.73 39.29 -3.84
C ILE A 31 -34.57 40.13 -4.36
N GLU A 32 -33.34 39.71 -4.06
CA GLU A 32 -32.11 40.44 -4.50
C GLU A 32 -30.96 39.45 -4.68
N GLY A 33 -31.14 38.19 -4.26
CA GLY A 33 -30.08 37.18 -4.34
C GLY A 33 -30.14 36.31 -5.58
N VAL A 34 -29.00 35.71 -5.93
CA VAL A 34 -28.87 34.82 -7.12
C VAL A 34 -29.79 33.61 -6.94
N PRO A 35 -29.81 32.95 -5.76
CA PRO A 35 -30.67 31.79 -5.54
C PRO A 35 -32.14 32.12 -5.86
N GLU A 36 -32.61 33.26 -5.38
CA GLU A 36 -34.00 33.73 -5.60
C GLU A 36 -34.28 33.87 -7.10
N SER A 37 -33.31 34.41 -7.84
CA SER A 37 -33.47 34.64 -9.30
C SER A 37 -33.49 33.32 -10.09
N ASN A 38 -32.75 32.30 -9.64
CA ASN A 38 -32.66 30.98 -10.30
C ASN A 38 -34.06 30.37 -10.40
N ILE A 39 -34.86 30.46 -9.34
CA ILE A 39 -36.25 29.92 -9.28
C ILE A 39 -37.18 30.84 -10.05
N SER A 40 -37.05 32.16 -9.87
CA SER A 40 -37.93 33.20 -10.50
C SER A 40 -37.89 33.09 -12.03
N ARG A 41 -36.73 32.76 -12.61
CA ARG A 41 -36.52 32.68 -14.09
C ARG A 41 -37.33 31.50 -14.67
N ASP A 42 -37.59 30.45 -13.86
CA ASP A 42 -38.42 29.28 -14.24
C ASP A 42 -39.91 29.61 -14.07
N LEU A 43 -40.26 30.41 -13.04
CA LEU A 43 -41.66 30.72 -12.65
C LEU A 43 -42.19 31.91 -13.44
N PHE A 44 -41.40 32.97 -13.62
CA PHE A 44 -41.82 34.25 -14.25
C PHE A 44 -40.87 34.59 -15.41
N GLU A 45 -41.44 35.08 -16.51
CA GLU A 45 -40.72 35.46 -17.76
C GLU A 45 -40.99 36.94 -18.07
N GLY A 46 -39.94 37.75 -18.11
CA GLY A 46 -40.00 39.19 -18.45
C GLY A 46 -40.11 39.41 -19.95
N LEU A 47 -39.90 40.65 -20.39
CA LEU A 47 -39.99 41.06 -21.82
C LEU A 47 -38.94 40.29 -22.62
N LEU A 48 -37.69 40.30 -22.13
CA LEU A 48 -36.52 39.60 -22.75
C LEU A 48 -36.03 38.50 -21.78
N VAL A 49 -35.35 37.49 -22.32
CA VAL A 49 -34.65 36.41 -21.55
C VAL A 49 -33.21 36.32 -22.07
N SER A 50 -32.33 35.67 -21.30
CA SER A 50 -30.94 35.37 -21.70
C SER A 50 -30.92 34.09 -22.53
N ASP A 51 -30.33 34.13 -23.73
CA ASP A 51 -30.10 32.93 -24.58
C ASP A 51 -28.92 32.15 -23.97
N LEU A 52 -28.44 31.12 -24.65
CA LEU A 52 -27.42 30.17 -24.13
C LEU A 52 -26.05 30.86 -24.01
N ASP A 53 -25.84 31.96 -24.74
CA ASP A 53 -24.56 32.72 -24.77
C ASP A 53 -24.67 33.99 -23.91
N GLY A 54 -25.84 34.26 -23.32
CA GLY A 54 -26.06 35.36 -22.36
C GLY A 54 -26.57 36.63 -23.02
N HIS A 55 -26.88 36.58 -24.32
CA HIS A 55 -27.36 37.75 -25.12
C HIS A 55 -28.86 37.90 -24.94
N PRO A 56 -29.37 39.16 -24.77
CA PRO A 56 -30.81 39.41 -24.72
C PRO A 56 -31.55 38.79 -25.93
N ALA A 57 -32.59 38.00 -25.66
CA ALA A 57 -33.40 37.27 -26.66
C ALA A 57 -34.88 37.46 -26.33
N PRO A 58 -35.80 37.21 -27.30
CA PRO A 58 -37.23 37.40 -27.07
C PRO A 58 -37.79 36.55 -25.91
N GLY A 59 -38.52 37.20 -24.99
CA GLY A 59 -39.33 36.57 -23.94
C GLY A 59 -40.81 36.73 -24.24
N VAL A 60 -41.52 37.53 -23.44
CA VAL A 60 -42.95 37.91 -23.68
C VAL A 60 -42.97 38.87 -24.87
N ALA A 61 -41.95 39.72 -25.02
CA ALA A 61 -41.73 40.63 -26.17
C ALA A 61 -41.08 39.84 -27.31
N GLU A 62 -41.80 39.64 -28.43
CA GLU A 62 -41.34 38.83 -29.59
C GLU A 62 -40.45 39.70 -30.50
N SER A 63 -40.69 41.02 -30.52
CA SER A 63 -39.80 42.05 -31.13
C SER A 63 -39.88 43.33 -30.32
N TRP A 64 -38.94 44.26 -30.54
CA TRP A 64 -38.90 45.60 -29.91
C TRP A 64 -38.15 46.58 -30.80
N ASP A 65 -38.46 47.88 -30.66
CA ASP A 65 -37.76 49.01 -31.33
C ASP A 65 -37.51 50.10 -30.30
N ASN A 66 -36.62 51.05 -30.63
CA ASN A 66 -36.25 52.20 -29.78
C ASN A 66 -36.04 53.43 -30.68
N LYS A 67 -36.30 54.63 -30.15
CA LYS A 67 -35.99 55.92 -30.80
C LYS A 67 -35.05 56.71 -29.89
N ASP A 68 -33.80 56.91 -30.34
CA ASP A 68 -32.74 57.68 -29.62
C ASP A 68 -32.38 56.96 -28.30
N ALA A 69 -32.69 55.67 -28.20
CA ALA A 69 -32.55 54.85 -26.97
C ALA A 69 -33.27 55.55 -25.80
N LYS A 70 -34.37 56.25 -26.09
CA LYS A 70 -35.15 57.06 -25.12
C LYS A 70 -36.56 56.47 -24.96
N VAL A 71 -37.21 56.15 -26.07
CA VAL A 71 -38.59 55.58 -26.12
C VAL A 71 -38.51 54.15 -26.67
N TRP A 72 -38.72 53.15 -25.80
CA TRP A 72 -38.65 51.70 -26.12
C TRP A 72 -40.07 51.13 -26.26
N THR A 73 -40.39 50.57 -27.42
CA THR A 73 -41.70 49.92 -27.73
C THR A 73 -41.47 48.41 -27.84
N PHE A 74 -42.14 47.63 -26.98
CA PHE A 74 -42.05 46.15 -26.92
C PHE A 74 -43.36 45.54 -27.44
N HIS A 75 -43.26 44.74 -28.50
CA HIS A 75 -44.40 44.06 -29.17
C HIS A 75 -44.56 42.66 -28.57
N LEU A 76 -45.59 42.48 -27.73
CA LEU A 76 -45.81 41.25 -26.92
C LEU A 76 -46.51 40.20 -27.79
N ARG A 77 -46.05 38.95 -27.74
CA ARG A 77 -46.67 37.80 -28.45
C ARG A 77 -48.06 37.56 -27.85
N LYS A 78 -49.02 37.15 -28.69
CA LYS A 78 -50.46 37.11 -28.36
C LYS A 78 -50.83 35.79 -27.68
N ASP A 79 -49.94 34.79 -27.74
CA ASP A 79 -50.14 33.44 -27.12
C ASP A 79 -49.44 33.38 -25.76
N ALA A 80 -48.91 34.51 -25.26
CA ALA A 80 -48.34 34.65 -23.90
C ALA A 80 -49.47 34.57 -22.87
N LYS A 81 -49.43 33.56 -21.99
CA LYS A 81 -50.52 33.24 -21.03
C LYS A 81 -49.95 33.10 -19.61
N TRP A 82 -50.80 33.33 -18.60
CA TRP A 82 -50.59 33.01 -17.17
C TRP A 82 -50.96 31.54 -16.93
N SER A 83 -50.75 31.04 -15.70
CA SER A 83 -51.03 29.63 -15.31
C SER A 83 -52.53 29.43 -15.03
N ASP A 84 -53.35 30.48 -15.09
CA ASP A 84 -54.82 30.43 -14.91
C ASP A 84 -55.53 30.54 -16.26
N GLY A 85 -54.78 30.69 -17.36
CA GLY A 85 -55.31 30.71 -18.74
C GLY A 85 -55.50 32.11 -19.28
N THR A 86 -55.41 33.14 -18.44
CA THR A 86 -55.55 34.57 -18.82
C THR A 86 -54.33 34.99 -19.62
N PRO A 87 -54.48 35.84 -20.67
CA PRO A 87 -53.33 36.28 -21.45
C PRO A 87 -52.44 37.26 -20.68
N VAL A 88 -51.13 37.24 -20.97
CA VAL A 88 -50.14 38.23 -20.45
C VAL A 88 -50.23 39.48 -21.33
N THR A 89 -50.62 40.61 -20.74
CA THR A 89 -50.89 41.89 -21.46
C THR A 89 -49.88 42.95 -21.02
N ALA A 90 -49.72 44.02 -21.83
CA ALA A 90 -48.85 45.18 -21.54
C ALA A 90 -49.24 45.80 -20.19
N GLN A 91 -50.55 45.82 -19.87
CA GLN A 91 -51.11 46.36 -18.60
C GLN A 91 -50.47 45.65 -17.40
N ASP A 92 -50.19 44.34 -17.51
CA ASP A 92 -49.53 43.54 -16.44
C ASP A 92 -48.17 44.15 -16.12
N PHE A 93 -47.41 44.55 -17.15
CA PHE A 93 -46.05 45.13 -17.06
C PHE A 93 -46.12 46.56 -16.49
N VAL A 94 -47.17 47.31 -16.82
CA VAL A 94 -47.42 48.67 -16.24
C VAL A 94 -47.59 48.49 -14.73
N TYR A 95 -48.55 47.65 -14.32
CA TYR A 95 -48.87 47.35 -12.90
C TYR A 95 -47.62 46.84 -12.18
N SER A 96 -46.94 45.85 -12.76
CA SER A 96 -45.76 45.16 -12.18
C SER A 96 -44.63 46.16 -11.91
N TRP A 97 -44.26 46.96 -12.90
CA TRP A 97 -43.14 47.94 -12.82
C TRP A 97 -43.52 49.09 -11.88
N GLN A 98 -44.81 49.46 -11.83
CA GLN A 98 -45.35 50.47 -10.88
C GLN A 98 -45.25 49.93 -9.45
N ARG A 99 -45.53 48.62 -9.25
CA ARG A 99 -45.45 47.95 -7.93
C ARG A 99 -44.00 47.94 -7.44
N SER A 100 -43.04 47.61 -8.34
CA SER A 100 -41.60 47.39 -8.01
C SER A 100 -41.00 48.65 -7.39
N VAL A 101 -41.49 49.84 -7.77
CA VAL A 101 -40.92 51.17 -7.37
C VAL A 101 -41.80 51.82 -6.30
N ASP A 102 -42.90 51.15 -5.89
CA ASP A 102 -43.83 51.65 -4.84
C ASP A 102 -43.12 51.53 -3.50
N PRO A 103 -42.94 52.64 -2.75
CA PRO A 103 -42.34 52.60 -1.40
C PRO A 103 -42.96 51.51 -0.51
N ASN A 104 -44.27 51.27 -0.66
CA ASN A 104 -45.07 50.34 0.17
C ASN A 104 -44.68 48.89 -0.13
N THR A 105 -44.25 48.59 -1.36
CA THR A 105 -43.70 47.26 -1.75
C THR A 105 -42.36 47.06 -1.04
N ALA A 106 -41.58 48.14 -0.88
CA ALA A 106 -40.26 48.17 -0.20
C ALA A 106 -39.34 47.12 -0.83
N SER A 107 -39.32 47.05 -2.17
CA SER A 107 -38.48 46.12 -2.95
C SER A 107 -37.01 46.45 -2.70
N PRO A 108 -36.14 45.45 -2.43
CA PRO A 108 -34.70 45.68 -2.37
C PRO A 108 -34.15 46.04 -3.77
N TYR A 109 -34.87 45.65 -4.82
CA TYR A 109 -34.56 45.97 -6.25
C TYR A 109 -35.49 47.10 -6.74
N ALA A 110 -35.90 47.98 -5.83
CA ALA A 110 -36.73 49.17 -6.11
C ALA A 110 -36.02 50.08 -7.12
N SER A 111 -34.70 50.25 -6.96
CA SER A 111 -33.87 51.21 -7.72
C SER A 111 -33.45 50.63 -9.08
N TYR A 112 -33.79 49.37 -9.37
CA TYR A 112 -33.31 48.65 -10.60
C TYR A 112 -33.76 49.41 -11.86
N LEU A 113 -35.04 49.75 -11.96
CA LEU A 113 -35.62 50.46 -13.13
C LEU A 113 -35.10 51.91 -13.18
N GLN A 114 -34.60 52.42 -12.05
CA GLN A 114 -33.92 53.75 -11.96
C GLN A 114 -32.57 53.70 -12.68
N TYR A 115 -31.97 52.51 -12.84
CA TYR A 115 -30.72 52.29 -13.62
C TYR A 115 -31.02 52.48 -15.11
N GLY A 116 -32.24 52.16 -15.54
CA GLY A 116 -32.77 52.42 -16.89
C GLY A 116 -33.25 53.85 -17.05
N HIS A 117 -33.50 54.53 -15.92
CA HIS A 117 -33.87 55.98 -15.84
C HIS A 117 -35.19 56.21 -16.59
N ILE A 118 -36.22 55.43 -16.24
CA ILE A 118 -37.62 55.58 -16.74
C ILE A 118 -38.14 56.94 -16.25
N ALA A 119 -38.92 57.62 -17.10
CA ALA A 119 -39.43 59.00 -16.86
C ALA A 119 -40.20 59.08 -15.54
N GLY A 120 -39.83 60.02 -14.67
CA GLY A 120 -40.54 60.36 -13.43
C GLY A 120 -40.24 59.39 -12.29
N ILE A 121 -39.24 58.51 -12.44
CA ILE A 121 -38.92 57.43 -11.46
C ILE A 121 -38.32 58.04 -10.18
N ASP A 122 -37.47 59.06 -10.32
CA ASP A 122 -36.69 59.68 -9.21
C ASP A 122 -37.63 60.07 -8.06
N GLU A 123 -38.71 60.79 -8.37
CA GLU A 123 -39.64 61.38 -7.36
C GLU A 123 -40.60 60.31 -6.83
N ILE A 124 -40.90 59.28 -7.64
CA ILE A 124 -41.81 58.15 -7.27
C ILE A 124 -41.15 57.31 -6.17
N LEU A 125 -39.84 57.07 -6.28
CA LEU A 125 -39.08 56.17 -5.36
C LEU A 125 -38.97 56.80 -3.97
N GLU A 126 -38.90 58.13 -3.88
CA GLU A 126 -38.82 58.89 -2.60
C GLU A 126 -40.23 59.33 -2.17
N GLY A 127 -41.27 58.82 -2.85
CA GLY A 127 -42.68 58.94 -2.45
C GLY A 127 -43.21 60.37 -2.52
N LYS A 128 -42.78 61.14 -3.53
CA LYS A 128 -43.20 62.55 -3.75
C LYS A 128 -44.34 62.57 -4.79
N LYS A 129 -44.18 61.85 -5.90
CA LYS A 129 -45.21 61.67 -6.96
C LYS A 129 -45.85 60.29 -6.80
N PRO A 130 -47.06 60.05 -7.35
CA PRO A 130 -47.68 58.72 -7.31
C PRO A 130 -47.05 57.76 -8.32
N ILE A 131 -47.24 56.46 -8.13
CA ILE A 131 -46.63 55.37 -8.97
C ILE A 131 -47.20 55.44 -10.39
N THR A 132 -48.42 55.97 -10.56
CA THR A 132 -49.15 56.05 -11.85
C THR A 132 -48.49 57.08 -12.78
N ASP A 133 -47.50 57.85 -12.29
CA ASP A 133 -46.74 58.85 -13.08
C ASP A 133 -45.58 58.17 -13.84
N LEU A 134 -45.27 56.90 -13.54
CA LEU A 134 -44.11 56.17 -14.14
C LEU A 134 -44.26 56.15 -15.67
N GLY A 135 -43.14 56.31 -16.40
CA GLY A 135 -43.09 56.48 -17.86
C GLY A 135 -43.21 55.16 -18.61
N VAL A 136 -44.16 54.31 -18.22
CA VAL A 136 -44.51 53.02 -18.90
C VAL A 136 -46.03 53.02 -19.11
N LYS A 137 -46.51 52.70 -20.31
CA LYS A 137 -47.96 52.71 -20.63
C LYS A 137 -48.30 51.60 -21.63
N ALA A 138 -49.48 51.00 -21.47
CA ALA A 138 -50.09 50.02 -22.39
C ALA A 138 -50.74 50.79 -23.56
N ILE A 139 -50.03 50.89 -24.69
CA ILE A 139 -50.54 51.52 -25.94
C ILE A 139 -51.70 50.66 -26.48
N ASP A 140 -51.56 49.34 -26.39
CA ASP A 140 -52.68 48.36 -26.51
C ASP A 140 -52.30 47.12 -25.69
N ASP A 141 -53.11 46.05 -25.79
CA ASP A 141 -52.96 44.81 -24.97
C ASP A 141 -51.59 44.16 -25.21
N HIS A 142 -51.02 44.30 -26.42
CA HIS A 142 -49.78 43.62 -26.86
C HIS A 142 -48.72 44.63 -27.34
N THR A 143 -48.77 45.86 -26.82
CA THR A 143 -47.79 46.95 -27.12
C THR A 143 -47.51 47.73 -25.83
N LEU A 144 -46.26 47.72 -25.36
CA LEU A 144 -45.79 48.41 -24.13
C LEU A 144 -44.76 49.48 -24.52
N GLU A 145 -45.03 50.74 -24.18
CA GLU A 145 -44.12 51.90 -24.47
C GLU A 145 -43.45 52.35 -23.16
N VAL A 146 -42.12 52.27 -23.12
CA VAL A 146 -41.28 52.70 -21.97
C VAL A 146 -40.54 53.98 -22.36
N THR A 147 -40.85 55.10 -21.70
CA THR A 147 -40.24 56.44 -21.93
C THR A 147 -39.17 56.71 -20.87
N LEU A 148 -37.94 57.00 -21.30
CA LEU A 148 -36.78 57.28 -20.41
C LEU A 148 -36.49 58.79 -20.42
N SER A 149 -35.87 59.29 -19.34
CA SER A 149 -35.55 60.73 -19.12
C SER A 149 -34.25 61.11 -19.84
N GLU A 150 -33.34 60.15 -20.02
CA GLU A 150 -32.06 60.30 -20.78
C GLU A 150 -31.87 59.09 -21.69
N PRO A 151 -30.97 59.15 -22.70
CA PRO A 151 -30.69 57.99 -23.55
C PRO A 151 -29.88 56.91 -22.83
N VAL A 152 -30.31 55.65 -22.98
CA VAL A 152 -29.71 54.45 -22.32
C VAL A 152 -29.74 53.29 -23.32
N PRO A 153 -28.75 53.17 -24.24
CA PRO A 153 -28.75 52.10 -25.24
C PRO A 153 -28.69 50.67 -24.66
N TYR A 154 -28.30 50.52 -23.39
CA TYR A 154 -28.19 49.21 -22.69
C TYR A 154 -29.45 48.92 -21.86
N PHE A 155 -30.52 49.72 -22.02
CA PHE A 155 -31.78 49.59 -21.25
C PHE A 155 -32.36 48.18 -21.40
N TYR A 156 -32.34 47.64 -22.63
CA TYR A 156 -32.97 46.36 -23.02
C TYR A 156 -32.29 45.18 -22.31
N LYS A 157 -30.99 45.30 -22.00
CA LYS A 157 -30.20 44.25 -21.30
C LYS A 157 -30.68 44.08 -19.86
N LEU A 158 -31.26 45.12 -19.26
CA LEU A 158 -31.81 45.10 -17.87
C LEU A 158 -32.98 44.12 -17.78
N LEU A 159 -33.75 43.96 -18.88
CA LEU A 159 -35.13 43.42 -18.85
C LEU A 159 -35.15 41.88 -18.85
N VAL A 160 -33.99 41.25 -18.63
CA VAL A 160 -33.86 39.78 -18.42
C VAL A 160 -33.99 39.46 -16.91
N HIS A 161 -33.86 40.48 -16.04
CA HIS A 161 -33.79 40.31 -14.57
C HIS A 161 -35.17 40.04 -14.00
N PRO A 162 -35.33 39.01 -13.13
CA PRO A 162 -36.62 38.68 -12.51
C PRO A 162 -37.43 39.83 -11.89
N SER A 163 -36.77 40.83 -11.30
CA SER A 163 -37.41 42.02 -10.67
C SER A 163 -38.10 42.87 -11.74
N THR A 164 -38.02 42.44 -12.99
CA THR A 164 -38.59 43.10 -14.20
C THR A 164 -39.66 42.18 -14.83
N SER A 165 -39.92 41.02 -14.22
CA SER A 165 -40.95 40.05 -14.69
C SER A 165 -42.34 40.60 -14.39
N PRO A 166 -43.39 40.15 -15.11
CA PRO A 166 -44.76 40.50 -14.75
C PRO A 166 -45.17 39.73 -13.49
N VAL A 167 -46.08 40.32 -12.70
CA VAL A 167 -46.61 39.73 -11.44
C VAL A 167 -48.14 39.83 -11.51
N PRO A 168 -48.89 38.76 -11.16
CA PRO A 168 -50.33 38.72 -11.40
C PRO A 168 -51.16 39.56 -10.41
N LYS A 169 -51.76 40.65 -10.88
CA LYS A 169 -52.55 41.63 -10.08
C LYS A 169 -53.67 40.91 -9.31
N ALA A 170 -54.43 40.06 -10.00
CA ALA A 170 -55.58 39.30 -9.45
C ALA A 170 -55.15 38.52 -8.20
N ALA A 171 -54.15 37.64 -8.33
CA ALA A 171 -53.62 36.76 -7.27
C ALA A 171 -53.16 37.58 -6.06
N ILE A 172 -52.40 38.65 -6.31
CA ILE A 172 -51.81 39.56 -5.27
C ILE A 172 -52.92 40.24 -4.48
N GLU A 173 -53.97 40.73 -5.15
CA GLU A 173 -55.10 41.46 -4.52
C GLU A 173 -56.06 40.47 -3.85
N LYS A 174 -56.04 39.19 -4.28
CA LYS A 174 -56.89 38.11 -3.71
C LYS A 174 -56.25 37.57 -2.43
N PHE A 175 -54.94 37.31 -2.45
CA PHE A 175 -54.22 36.49 -1.44
C PHE A 175 -53.23 37.34 -0.61
N GLY A 176 -52.87 38.54 -1.06
CA GLY A 176 -51.92 39.43 -0.36
C GLY A 176 -50.51 38.84 -0.34
N GLU A 177 -49.98 38.57 0.85
CA GLU A 177 -48.60 38.01 1.06
C GLU A 177 -48.63 36.48 0.89
N LYS A 178 -49.82 35.87 0.82
CA LYS A 178 -50.02 34.40 0.65
C LYS A 178 -50.13 34.05 -0.85
N TRP A 179 -49.78 34.99 -1.75
CA TRP A 179 -50.05 34.85 -3.21
C TRP A 179 -49.04 33.88 -3.86
N THR A 180 -47.91 33.61 -3.20
CA THR A 180 -46.83 32.72 -3.72
C THR A 180 -46.95 31.30 -3.16
N GLN A 181 -47.93 31.04 -2.28
CA GLN A 181 -48.21 29.69 -1.71
C GLN A 181 -48.51 28.73 -2.86
N PRO A 182 -47.99 27.48 -2.82
CA PRO A 182 -48.21 26.50 -3.88
C PRO A 182 -49.58 26.55 -4.58
N GLY A 183 -50.67 26.49 -3.80
CA GLY A 183 -52.04 26.39 -4.31
C GLY A 183 -52.54 27.68 -4.95
N ASN A 184 -51.92 28.82 -4.63
CA ASN A 184 -52.43 30.18 -4.95
C ASN A 184 -51.69 30.79 -6.14
N ILE A 185 -50.35 30.63 -6.21
CA ILE A 185 -49.46 31.37 -7.15
C ILE A 185 -49.96 31.22 -8.59
N VAL A 186 -49.76 32.28 -9.39
CA VAL A 186 -50.10 32.36 -10.84
C VAL A 186 -48.83 32.82 -11.57
N THR A 187 -48.34 32.01 -12.51
CA THR A 187 -47.00 32.12 -13.13
C THR A 187 -47.14 32.25 -14.65
N ASN A 188 -46.19 32.92 -15.32
CA ASN A 188 -46.14 33.05 -16.81
C ASN A 188 -44.86 32.41 -17.35
N GLY A 189 -44.05 31.77 -16.49
CA GLY A 189 -42.80 31.07 -16.89
C GLY A 189 -43.10 29.71 -17.49
N ALA A 190 -42.05 28.91 -17.74
CA ALA A 190 -42.14 27.55 -18.29
C ALA A 190 -42.59 26.57 -17.19
N TYR A 191 -42.55 27.00 -15.93
CA TYR A 191 -42.84 26.18 -14.73
C TYR A 191 -43.73 26.96 -13.76
N THR A 192 -44.48 26.23 -12.94
CA THR A 192 -45.29 26.74 -11.81
C THR A 192 -44.89 25.98 -10.53
N LEU A 193 -45.33 26.48 -9.37
CA LEU A 193 -44.96 25.90 -8.05
C LEU A 193 -45.87 24.71 -7.73
N LYS A 194 -45.28 23.52 -7.57
CA LYS A 194 -45.99 22.30 -7.09
C LYS A 194 -45.93 22.26 -5.56
N ASP A 195 -44.73 22.41 -4.99
CA ASP A 195 -44.47 22.22 -3.54
C ASP A 195 -43.40 23.21 -3.07
N TRP A 196 -43.52 23.67 -1.83
CA TRP A 196 -42.52 24.50 -1.09
C TRP A 196 -42.47 24.03 0.36
N VAL A 197 -41.40 23.31 0.73
CA VAL A 197 -41.10 22.87 2.13
C VAL A 197 -39.84 23.59 2.60
N VAL A 198 -39.97 24.46 3.60
CA VAL A 198 -38.92 25.39 4.09
C VAL A 198 -37.73 24.56 4.60
N ASN A 199 -36.52 24.86 4.10
CA ASN A 199 -35.23 24.22 4.49
C ASN A 199 -35.21 22.74 4.06
N GLU A 200 -35.98 22.37 3.03
CA GLU A 200 -36.01 21.00 2.47
C GLU A 200 -35.94 21.06 0.94
N ARG A 201 -36.96 21.63 0.28
CA ARG A 201 -37.06 21.64 -1.20
C ARG A 201 -38.12 22.64 -1.69
N ILE A 202 -37.88 23.20 -2.88
CA ILE A 202 -38.91 23.84 -3.75
C ILE A 202 -39.03 22.97 -5.01
N VAL A 203 -40.21 22.43 -5.27
CA VAL A 203 -40.51 21.57 -6.47
C VAL A 203 -41.35 22.39 -7.44
N LEU A 204 -40.85 22.59 -8.67
CA LEU A 204 -41.60 23.20 -9.79
C LEU A 204 -42.03 22.09 -10.74
N GLU A 205 -43.17 22.23 -11.41
CA GLU A 205 -43.61 21.31 -12.50
C GLU A 205 -43.93 22.14 -13.75
N ARG A 206 -43.54 21.62 -14.91
CA ARG A 206 -43.76 22.20 -16.26
C ARG A 206 -45.18 22.73 -16.35
N SER A 207 -45.30 24.01 -16.68
CA SER A 207 -46.62 24.67 -16.78
C SER A 207 -47.07 24.57 -18.24
N PRO A 208 -48.16 23.86 -18.59
CA PRO A 208 -48.58 23.68 -19.99
C PRO A 208 -49.14 24.93 -20.66
N THR A 209 -49.43 25.94 -19.83
CA THR A 209 -50.00 27.25 -20.25
C THR A 209 -48.88 28.14 -20.83
N TYR A 210 -47.62 27.77 -20.62
CA TYR A 210 -46.47 28.53 -21.17
C TYR A 210 -46.53 28.57 -22.70
N TRP A 211 -46.31 29.75 -23.30
CA TRP A 211 -46.45 29.89 -24.76
C TRP A 211 -45.54 28.96 -25.58
N ASN A 212 -44.38 28.62 -25.05
CA ASN A 212 -43.34 27.78 -25.73
C ASN A 212 -43.21 26.44 -24.99
N ASN A 213 -44.28 25.93 -24.40
CA ASN A 213 -44.33 24.64 -23.65
C ASN A 213 -43.97 23.48 -24.59
N ALA A 214 -44.25 23.63 -25.90
CA ALA A 214 -43.94 22.63 -26.95
C ALA A 214 -42.44 22.28 -26.95
N LYS A 215 -41.58 23.22 -26.56
CA LYS A 215 -40.09 23.07 -26.60
C LYS A 215 -39.53 22.79 -25.20
N THR A 216 -40.34 22.86 -24.14
CA THR A 216 -39.95 22.46 -22.76
C THR A 216 -39.87 20.92 -22.72
N VAL A 217 -38.84 20.37 -22.07
CA VAL A 217 -38.56 18.91 -22.00
C VAL A 217 -38.65 18.45 -20.53
N ILE A 218 -37.96 19.14 -19.61
CA ILE A 218 -37.95 18.82 -18.15
C ILE A 218 -39.37 18.99 -17.61
N ASN A 219 -39.98 17.92 -17.10
CA ASN A 219 -41.36 17.91 -16.55
C ASN A 219 -41.36 18.47 -15.13
N GLN A 220 -40.33 18.16 -14.34
CA GLN A 220 -40.23 18.54 -12.90
C GLN A 220 -38.78 18.87 -12.54
N VAL A 221 -38.55 20.00 -11.87
CA VAL A 221 -37.22 20.40 -11.32
C VAL A 221 -37.37 20.67 -9.81
N THR A 222 -36.41 20.20 -9.02
CA THR A 222 -36.33 20.41 -7.54
C THR A 222 -35.11 21.28 -7.22
N TYR A 223 -35.30 22.35 -6.45
CA TYR A 223 -34.24 23.25 -5.93
C TYR A 223 -34.07 22.98 -4.43
N LEU A 224 -32.86 22.61 -4.01
CA LEU A 224 -32.51 22.33 -2.59
C LEU A 224 -31.81 23.55 -1.98
N PRO A 225 -32.01 23.86 -0.68
CA PRO A 225 -31.39 25.01 -0.05
C PRO A 225 -30.13 24.71 0.78
N ILE A 226 -29.26 23.83 0.28
CA ILE A 226 -28.07 23.31 1.02
C ILE A 226 -26.96 24.37 0.97
N ALA A 227 -26.61 24.94 2.12
CA ALA A 227 -25.57 25.99 2.30
C ALA A 227 -24.18 25.34 2.30
N SER A 228 -24.06 24.15 2.91
CA SER A 228 -22.80 23.36 3.00
C SER A 228 -22.39 22.87 1.61
N GLU A 229 -21.29 23.40 1.07
CA GLU A 229 -20.74 23.01 -0.27
C GLU A 229 -20.26 21.56 -0.23
N VAL A 230 -19.76 21.11 0.92
CA VAL A 230 -19.30 19.70 1.14
C VAL A 230 -20.50 18.77 0.97
N THR A 231 -21.62 19.07 1.64
CA THR A 231 -22.87 18.27 1.61
C THR A 231 -23.45 18.25 0.18
N ASP A 232 -23.46 19.41 -0.49
CA ASP A 232 -23.92 19.57 -1.89
C ASP A 232 -23.16 18.56 -2.77
N VAL A 233 -21.82 18.60 -2.71
CA VAL A 233 -20.90 17.71 -3.49
C VAL A 233 -21.19 16.25 -3.13
N ASN A 234 -21.27 15.91 -1.84
CA ASN A 234 -21.46 14.53 -1.34
C ASN A 234 -22.79 13.95 -1.84
N ARG A 235 -23.87 14.75 -1.78
CA ARG A 235 -25.23 14.36 -2.23
C ARG A 235 -25.24 14.22 -3.77
N TYR A 236 -24.42 15.00 -4.47
CA TYR A 236 -24.21 14.90 -5.94
C TYR A 236 -23.53 13.57 -6.27
N ARG A 237 -22.51 13.21 -5.48
CA ARG A 237 -21.71 11.97 -5.66
C ARG A 237 -22.54 10.73 -5.28
N SER A 238 -23.51 10.89 -4.37
CA SER A 238 -24.45 9.82 -3.94
C SER A 238 -25.57 9.62 -4.98
N GLY A 239 -25.60 10.46 -6.03
CA GLY A 239 -26.48 10.30 -7.20
C GLY A 239 -27.85 10.93 -7.00
N GLU A 240 -27.98 11.84 -6.04
CA GLU A 240 -29.29 12.40 -5.57
C GLU A 240 -29.48 13.83 -6.12
N ILE A 241 -28.38 14.51 -6.49
CA ILE A 241 -28.39 15.87 -7.11
C ILE A 241 -27.77 15.77 -8.50
N ASP A 242 -28.37 16.44 -9.49
CA ASP A 242 -27.95 16.41 -10.92
C ASP A 242 -26.98 17.57 -11.20
N MET A 243 -27.19 18.73 -10.59
CA MET A 243 -26.33 19.94 -10.74
C MET A 243 -26.10 20.58 -9.36
N THR A 244 -24.84 20.72 -8.95
CA THR A 244 -24.45 21.41 -7.68
C THR A 244 -24.71 22.91 -7.83
N ASN A 245 -24.74 23.64 -6.72
CA ASN A 245 -24.60 25.11 -6.68
C ASN A 245 -23.19 25.44 -7.19
N ASN A 246 -22.99 26.63 -7.75
CA ASN A 246 -21.66 27.08 -8.27
C ASN A 246 -20.85 27.70 -7.12
N SER A 247 -20.87 27.05 -5.95
CA SER A 247 -19.94 27.29 -4.81
C SER A 247 -19.24 25.96 -4.51
N MET A 248 -17.94 25.87 -4.79
CA MET A 248 -17.12 24.64 -4.65
C MET A 248 -16.38 24.70 -3.32
N PRO A 249 -16.34 23.57 -2.55
CA PRO A 249 -15.59 23.54 -1.29
C PRO A 249 -14.09 23.52 -1.60
N ILE A 250 -13.33 24.40 -0.93
CA ILE A 250 -11.86 24.59 -1.12
C ILE A 250 -11.15 23.23 -1.11
N GLU A 251 -11.51 22.36 -0.16
CA GLU A 251 -10.80 21.09 0.15
C GLU A 251 -10.98 20.06 -0.98
N LEU A 252 -12.20 19.88 -1.49
CA LEU A 252 -12.56 18.72 -2.35
C LEU A 252 -12.34 19.03 -3.85
N PHE A 253 -12.30 20.29 -4.26
CA PHE A 253 -12.34 20.69 -5.69
C PHE A 253 -11.20 20.02 -6.47
N GLN A 254 -9.99 19.96 -5.90
CA GLN A 254 -8.81 19.31 -6.53
C GLN A 254 -9.08 17.81 -6.71
N LYS A 255 -9.65 17.17 -5.68
CA LYS A 255 -10.07 15.75 -5.69
C LYS A 255 -11.08 15.53 -6.83
N LEU A 256 -12.04 16.45 -7.00
CA LEU A 256 -13.15 16.34 -7.99
C LEU A 256 -12.63 16.51 -9.42
N LYS A 257 -11.66 17.42 -9.64
CA LYS A 257 -10.99 17.62 -10.96
C LYS A 257 -10.31 16.32 -11.40
N LYS A 258 -9.77 15.56 -10.44
CA LYS A 258 -9.03 14.30 -10.69
C LYS A 258 -10.02 13.17 -11.01
N GLU A 259 -11.11 13.05 -10.24
CA GLU A 259 -12.00 11.86 -10.23
C GLU A 259 -13.09 11.98 -11.31
N ILE A 260 -13.73 13.14 -11.47
CA ILE A 260 -14.86 13.34 -12.42
C ILE A 260 -14.60 14.58 -13.27
N PRO A 261 -13.48 14.64 -14.03
CA PRO A 261 -13.13 15.84 -14.81
C PRO A 261 -14.16 16.22 -15.89
N ASP A 262 -14.80 15.22 -16.52
CA ASP A 262 -15.83 15.41 -17.58
C ASP A 262 -17.00 16.21 -17.02
N GLU A 263 -17.33 16.02 -15.74
CA GLU A 263 -18.54 16.58 -15.06
C GLU A 263 -18.24 17.93 -14.40
N VAL A 264 -16.96 18.36 -14.37
CA VAL A 264 -16.52 19.63 -13.72
C VAL A 264 -16.55 20.76 -14.77
N HIS A 265 -17.51 21.68 -14.64
CA HIS A 265 -17.66 22.89 -15.49
C HIS A 265 -17.11 24.10 -14.73
N VAL A 266 -16.17 24.82 -15.35
CA VAL A 266 -15.59 26.11 -14.83
C VAL A 266 -15.59 27.10 -15.99
N ASP A 267 -16.36 28.19 -15.87
CA ASP A 267 -16.62 29.16 -16.97
C ASP A 267 -16.55 30.58 -16.41
N PRO A 268 -16.29 31.60 -17.26
CA PRO A 268 -16.29 32.99 -16.82
C PRO A 268 -17.59 33.35 -16.10
N TYR A 269 -17.50 34.21 -15.07
CA TYR A 269 -18.63 34.61 -14.19
C TYR A 269 -18.42 36.06 -13.76
N LEU A 270 -19.31 36.96 -14.20
CA LEU A 270 -19.22 38.43 -13.92
C LEU A 270 -19.71 38.71 -12.50
N CYS A 271 -18.95 38.23 -11.51
CA CYS A 271 -19.19 38.46 -10.06
C CYS A 271 -17.86 38.77 -9.37
N THR A 272 -17.89 39.57 -8.30
CA THR A 272 -16.71 39.96 -7.48
C THR A 272 -16.95 39.55 -6.03
N TYR A 273 -16.07 38.68 -5.49
CA TYR A 273 -15.99 38.33 -4.06
C TYR A 273 -15.21 39.44 -3.34
N TYR A 274 -15.79 40.01 -2.28
CA TYR A 274 -15.18 41.12 -1.50
C TYR A 274 -15.72 41.14 -0.07
N TYR A 275 -15.01 41.82 0.83
CA TYR A 275 -15.42 42.10 2.22
C TYR A 275 -16.00 43.51 2.26
N GLU A 276 -17.34 43.57 2.37
CA GLU A 276 -18.14 44.82 2.36
C GLU A 276 -17.99 45.53 3.71
N ILE A 277 -17.56 46.79 3.68
CA ILE A 277 -17.46 47.67 4.88
C ILE A 277 -18.78 48.43 5.03
N ASN A 278 -19.37 48.40 6.24
CA ASN A 278 -20.47 49.32 6.63
C ASN A 278 -19.85 50.72 6.79
N ASN A 279 -20.01 51.58 5.78
CA ASN A 279 -19.33 52.90 5.69
C ASN A 279 -19.89 53.88 6.73
N GLN A 280 -21.03 53.57 7.34
CA GLN A 280 -21.71 54.47 8.32
C GLN A 280 -21.62 53.92 9.74
N LYS A 281 -20.99 52.76 9.95
CA LYS A 281 -20.72 52.18 11.30
C LYS A 281 -19.31 52.56 11.74
N PRO A 282 -19.15 53.41 12.78
CA PRO A 282 -17.82 53.73 13.32
C PRO A 282 -17.10 52.46 13.79
N PRO A 283 -15.77 52.35 13.61
CA PRO A 283 -14.94 53.42 13.07
C PRO A 283 -14.77 53.48 11.54
N PHE A 284 -15.65 52.79 10.79
CA PHE A 284 -15.53 52.62 9.31
C PHE A 284 -16.19 53.79 8.57
N ASN A 285 -16.53 54.87 9.28
CA ASN A 285 -16.87 56.19 8.69
C ASN A 285 -15.58 56.94 8.36
N ASP A 286 -14.46 56.53 8.97
CA ASP A 286 -13.10 57.08 8.73
C ASP A 286 -12.47 56.35 7.54
N VAL A 287 -12.09 57.09 6.48
CA VAL A 287 -11.54 56.55 5.20
C VAL A 287 -10.17 55.92 5.46
N ARG A 288 -9.41 56.41 6.45
CA ARG A 288 -8.06 55.90 6.82
C ARG A 288 -8.18 54.47 7.35
N VAL A 289 -9.15 54.22 8.24
CA VAL A 289 -9.44 52.87 8.83
C VAL A 289 -9.86 51.92 7.70
N ARG A 290 -10.77 52.37 6.84
CA ARG A 290 -11.28 51.60 5.67
C ARG A 290 -10.11 51.22 4.74
N THR A 291 -9.21 52.15 4.46
CA THR A 291 -8.04 51.95 3.56
C THR A 291 -7.08 50.93 4.19
N ALA A 292 -6.90 50.97 5.51
CA ALA A 292 -6.04 50.03 6.28
C ALA A 292 -6.55 48.59 6.12
N LEU A 293 -7.86 48.39 6.15
CA LEU A 293 -8.51 47.06 5.93
C LEU A 293 -8.25 46.60 4.49
N LYS A 294 -8.43 47.50 3.52
CA LYS A 294 -8.26 47.20 2.06
C LYS A 294 -6.84 46.70 1.78
N LEU A 295 -5.83 47.42 2.27
CA LEU A 295 -4.39 47.12 2.03
C LEU A 295 -3.96 45.91 2.85
N GLY A 296 -4.39 45.83 4.11
CA GLY A 296 -3.99 44.79 5.09
C GLY A 296 -4.42 43.39 4.69
N MET A 297 -5.42 43.26 3.82
CA MET A 297 -5.87 41.97 3.23
C MET A 297 -4.86 41.52 2.18
N ASP A 298 -4.32 40.31 2.32
CA ASP A 298 -3.41 39.67 1.34
C ASP A 298 -4.25 38.80 0.40
N ARG A 299 -4.47 39.27 -0.83
CA ARG A 299 -5.31 38.61 -1.86
C ARG A 299 -4.62 37.36 -2.38
N ASP A 300 -3.28 37.40 -2.51
CA ASP A 300 -2.45 36.30 -3.08
C ASP A 300 -2.57 35.06 -2.19
N ILE A 301 -2.45 35.22 -0.87
CA ILE A 301 -2.62 34.10 0.13
C ILE A 301 -4.02 33.51 -0.02
N ILE A 302 -5.05 34.38 -0.08
CA ILE A 302 -6.49 33.99 -0.16
C ILE A 302 -6.76 33.28 -1.50
N VAL A 303 -6.29 33.87 -2.61
CA VAL A 303 -6.52 33.35 -4.00
C VAL A 303 -5.82 31.99 -4.16
N ASN A 304 -4.70 31.77 -3.47
CA ASN A 304 -3.91 30.51 -3.54
C ASN A 304 -4.64 29.37 -2.82
N LYS A 305 -5.56 29.68 -1.90
CA LYS A 305 -6.43 28.69 -1.22
C LYS A 305 -7.47 28.16 -2.20
N VAL A 306 -7.87 29.00 -3.18
CA VAL A 306 -8.90 28.67 -4.22
C VAL A 306 -8.21 28.58 -5.59
N LYS A 307 -6.91 28.29 -5.62
CA LYS A 307 -6.06 28.33 -6.85
C LYS A 307 -6.59 27.34 -7.90
N ALA A 308 -7.05 26.16 -7.45
CA ALA A 308 -7.55 25.06 -8.31
C ALA A 308 -8.68 25.56 -9.22
N GLN A 309 -9.57 26.42 -8.71
CA GLN A 309 -10.70 27.02 -9.47
C GLN A 309 -10.16 28.06 -10.47
N GLY A 310 -9.07 28.75 -10.12
CA GLY A 310 -8.36 29.69 -11.00
C GLY A 310 -8.91 31.11 -10.91
N ASN A 311 -9.28 31.55 -9.70
CA ASN A 311 -9.81 32.91 -9.42
C ASN A 311 -8.67 33.92 -9.55
N MET A 312 -8.93 35.06 -10.21
CA MET A 312 -7.97 36.20 -10.34
C MET A 312 -8.13 37.12 -9.13
N PRO A 313 -7.02 37.62 -8.53
CA PRO A 313 -7.11 38.59 -7.45
C PRO A 313 -7.79 39.90 -7.89
N ALA A 314 -8.62 40.47 -7.01
CA ALA A 314 -9.49 41.64 -7.30
C ALA A 314 -8.83 42.93 -6.78
N TYR A 315 -8.82 43.97 -7.62
CA TYR A 315 -8.26 45.32 -7.31
C TYR A 315 -9.37 46.38 -7.39
N GLY A 316 -10.62 45.96 -7.63
CA GLY A 316 -11.78 46.85 -7.78
C GLY A 316 -13.09 46.09 -7.59
N TYR A 317 -14.21 46.71 -7.98
CA TYR A 317 -15.59 46.21 -7.75
C TYR A 317 -16.14 45.59 -9.03
N THR A 318 -16.17 46.36 -10.12
CA THR A 318 -16.59 45.90 -11.47
C THR A 318 -15.55 44.93 -12.01
N PRO A 319 -15.92 43.69 -12.39
CA PRO A 319 -15.01 42.78 -13.08
C PRO A 319 -14.43 43.46 -14.33
N PRO A 320 -13.09 43.42 -14.54
CA PRO A 320 -12.47 44.10 -15.67
C PRO A 320 -12.83 43.48 -17.03
N TYR A 321 -13.35 42.24 -17.04
CA TYR A 321 -13.78 41.52 -18.25
C TYR A 321 -15.27 41.83 -18.55
N THR A 322 -15.89 42.69 -17.74
CA THR A 322 -17.24 43.27 -17.98
C THR A 322 -17.23 44.00 -19.33
N ASP A 323 -18.29 43.82 -20.13
CA ASP A 323 -18.42 44.42 -21.49
C ASP A 323 -18.56 45.94 -21.35
N GLY A 324 -17.53 46.69 -21.79
CA GLY A 324 -17.48 48.16 -21.73
C GLY A 324 -16.69 48.67 -20.53
N ALA A 325 -15.75 47.86 -20.02
CA ALA A 325 -14.85 48.19 -18.89
C ALA A 325 -13.39 48.05 -19.34
N LYS A 326 -12.63 49.15 -19.32
CA LYS A 326 -11.16 49.17 -19.45
C LYS A 326 -10.58 49.74 -18.15
N LEU A 327 -10.57 48.92 -17.10
CA LEU A 327 -10.18 49.32 -15.72
C LEU A 327 -8.65 49.39 -15.61
N THR A 328 -8.16 50.31 -14.77
CA THR A 328 -6.73 50.49 -14.43
C THR A 328 -6.50 49.98 -13.01
N GLN A 329 -5.41 49.23 -12.78
CA GLN A 329 -5.01 48.72 -11.45
C GLN A 329 -4.47 49.89 -10.62
N PRO A 330 -4.91 50.07 -9.35
CA PRO A 330 -4.39 51.13 -8.50
C PRO A 330 -2.94 50.81 -8.07
N GLU A 331 -2.14 51.86 -7.80
CA GLU A 331 -0.69 51.76 -7.51
C GLU A 331 -0.45 50.79 -6.34
N TRP A 332 -1.33 50.77 -5.34
CA TRP A 332 -1.18 49.94 -4.11
C TRP A 332 -1.22 48.45 -4.46
N PHE A 333 -1.88 48.07 -5.55
CA PHE A 333 -1.99 46.67 -6.04
C PHE A 333 -0.61 46.18 -6.52
N GLY A 334 0.23 47.09 -7.01
CA GLY A 334 1.60 46.81 -7.49
C GLY A 334 2.61 46.65 -6.37
N TRP A 335 2.31 47.17 -5.17
CA TRP A 335 3.20 47.12 -3.98
C TRP A 335 3.33 45.68 -3.49
N SER A 336 4.39 45.40 -2.71
CA SER A 336 4.52 44.17 -1.89
C SER A 336 3.51 44.23 -0.73
N GLN A 337 3.20 43.10 -0.12
CA GLN A 337 2.23 43.01 1.00
C GLN A 337 2.81 43.69 2.24
N GLU A 338 4.13 43.58 2.45
CA GLU A 338 4.86 44.17 3.60
C GLU A 338 4.69 45.70 3.58
N LYS A 339 4.65 46.29 2.39
CA LYS A 339 4.50 47.77 2.18
C LYS A 339 3.04 48.18 2.44
N ARG A 340 2.07 47.38 1.97
CA ARG A 340 0.62 47.58 2.22
C ARG A 340 0.35 47.55 3.73
N ASN A 341 0.96 46.61 4.45
CA ASN A 341 0.77 46.39 5.91
C ASN A 341 1.28 47.62 6.67
N GLU A 342 2.49 48.08 6.35
CA GLU A 342 3.13 49.28 6.99
C GLU A 342 2.21 50.49 6.83
N GLU A 343 1.75 50.76 5.60
CA GLU A 343 0.92 51.94 5.27
C GLU A 343 -0.45 51.82 5.97
N ALA A 344 -0.95 50.59 6.13
CA ALA A 344 -2.25 50.29 6.80
C ALA A 344 -2.14 50.56 8.30
N LYS A 345 -1.04 50.16 8.93
CA LYS A 345 -0.77 50.37 10.38
C LYS A 345 -0.56 51.87 10.65
N LYS A 346 0.06 52.60 9.72
CA LYS A 346 0.25 54.07 9.77
C LYS A 346 -1.12 54.75 9.75
N LEU A 347 -1.97 54.41 8.77
CA LEU A 347 -3.31 55.01 8.55
C LEU A 347 -4.20 54.74 9.77
N LEU A 348 -4.15 53.51 10.32
CA LEU A 348 -4.87 53.13 11.56
C LEU A 348 -4.41 54.02 12.72
N ALA A 349 -3.09 54.22 12.86
CA ALA A 349 -2.46 54.98 13.95
C ALA A 349 -2.88 56.45 13.91
N GLU A 350 -3.08 57.02 12.71
CA GLU A 350 -3.57 58.40 12.50
C GLU A 350 -4.99 58.53 13.09
N ALA A 351 -5.81 57.48 12.94
CA ALA A 351 -7.23 57.43 13.39
C ALA A 351 -7.32 57.02 14.87
N GLY A 352 -6.19 56.72 15.52
CA GLY A 352 -6.09 56.49 16.97
C GLY A 352 -6.24 55.02 17.36
N TYR A 353 -5.99 54.10 16.42
CA TYR A 353 -6.03 52.63 16.63
C TYR A 353 -4.62 52.08 16.42
N THR A 354 -3.99 51.61 17.51
CA THR A 354 -2.60 51.12 17.57
C THR A 354 -2.59 49.70 18.11
N ALA A 355 -1.40 49.10 18.26
CA ALA A 355 -1.18 47.80 18.92
C ALA A 355 -1.66 47.87 20.37
N ASP A 356 -1.34 48.96 21.07
CA ASP A 356 -1.61 49.18 22.51
C ASP A 356 -3.13 49.37 22.74
N LYS A 357 -3.78 50.19 21.93
CA LYS A 357 -5.26 50.40 21.93
C LYS A 357 -5.83 49.80 20.65
N PRO A 358 -6.10 48.47 20.63
CA PRO A 358 -6.38 47.75 19.38
C PRO A 358 -7.83 47.90 18.90
N LEU A 359 -8.09 47.51 17.65
CA LEU A 359 -9.41 47.56 16.99
C LEU A 359 -10.01 46.15 16.96
N THR A 360 -11.21 45.98 17.49
CA THR A 360 -11.98 44.71 17.51
C THR A 360 -13.25 44.91 16.66
N ILE A 361 -13.43 44.08 15.63
CA ILE A 361 -14.55 44.17 14.64
C ILE A 361 -15.22 42.80 14.54
N ASN A 362 -16.45 42.76 14.03
CA ASN A 362 -17.22 41.51 13.75
C ASN A 362 -17.31 41.32 12.24
N LEU A 363 -16.74 40.21 11.74
CA LEU A 363 -16.86 39.79 10.31
C LEU A 363 -18.08 38.87 10.16
N LEU A 364 -19.17 39.40 9.61
CA LEU A 364 -20.41 38.65 9.31
C LEU A 364 -20.21 37.87 8.00
N TYR A 365 -20.77 36.66 7.91
CA TYR A 365 -20.80 35.82 6.70
C TYR A 365 -22.04 34.91 6.74
N ASN A 366 -22.57 34.54 5.59
CA ASN A 366 -23.75 33.63 5.46
C ASN A 366 -23.26 32.18 5.52
N THR A 367 -23.99 31.31 6.21
CA THR A 367 -23.63 29.88 6.46
C THR A 367 -23.08 29.27 5.17
N SER A 368 -21.85 28.75 5.22
CA SER A 368 -21.12 28.17 4.06
C SER A 368 -19.75 27.62 4.53
N ASP A 369 -19.27 26.56 3.86
CA ASP A 369 -17.95 25.93 4.14
C ASP A 369 -16.85 26.77 3.47
N LEU A 370 -17.12 27.33 2.30
CA LEU A 370 -16.19 28.23 1.56
C LEU A 370 -16.00 29.53 2.34
N HIS A 371 -17.11 30.15 2.76
CA HIS A 371 -17.13 31.49 3.43
C HIS A 371 -16.49 31.40 4.82
N LYS A 372 -16.72 30.30 5.55
CA LYS A 372 -16.16 30.07 6.91
C LYS A 372 -14.63 29.94 6.82
N LYS A 373 -14.14 29.16 5.86
CA LYS A 373 -12.68 28.93 5.64
C LYS A 373 -11.98 30.26 5.31
N LEU A 374 -12.47 30.99 4.31
CA LEU A 374 -11.87 32.26 3.81
C LEU A 374 -12.02 33.36 4.87
N ALA A 375 -13.05 33.30 5.72
CA ALA A 375 -13.29 34.25 6.82
C ALA A 375 -12.24 34.05 7.93
N ILE A 376 -12.02 32.79 8.34
CA ILE A 376 -10.98 32.39 9.34
C ILE A 376 -9.61 32.84 8.82
N ALA A 377 -9.35 32.66 7.52
CA ALA A 377 -8.10 33.08 6.83
C ALA A 377 -7.98 34.60 6.89
N ALA A 378 -9.01 35.33 6.43
CA ALA A 378 -9.08 36.81 6.41
C ALA A 378 -8.88 37.36 7.82
N SER A 379 -9.58 36.78 8.80
CA SER A 379 -9.50 37.11 10.25
C SER A 379 -8.05 37.01 10.73
N SER A 380 -7.37 35.93 10.35
CA SER A 380 -5.96 35.62 10.73
C SER A 380 -5.00 36.59 10.02
N LEU A 381 -5.20 36.82 8.72
CA LEU A 381 -4.38 37.75 7.90
C LEU A 381 -4.42 39.15 8.52
N TRP A 382 -5.62 39.69 8.77
CA TRP A 382 -5.84 41.03 9.36
C TRP A 382 -5.16 41.13 10.74
N LYS A 383 -5.14 40.04 11.50
CA LYS A 383 -4.55 40.01 12.88
C LYS A 383 -3.02 40.16 12.78
N LYS A 384 -2.36 39.37 11.93
CA LYS A 384 -0.88 39.37 11.79
C LYS A 384 -0.42 40.63 11.03
N ASN A 385 -1.17 41.04 10.00
CA ASN A 385 -0.75 42.08 9.02
C ASN A 385 -0.91 43.49 9.62
N ILE A 386 -2.07 43.80 10.22
CA ILE A 386 -2.41 45.18 10.68
C ILE A 386 -2.96 45.18 12.12
N GLY A 387 -2.85 44.06 12.86
CA GLY A 387 -3.15 43.98 14.30
C GLY A 387 -4.58 44.36 14.63
N VAL A 388 -5.54 43.96 13.79
CA VAL A 388 -7.01 44.16 14.00
C VAL A 388 -7.61 42.81 14.42
N ASN A 389 -8.31 42.77 15.55
CA ASN A 389 -9.00 41.57 16.09
C ASN A 389 -10.33 41.41 15.35
N VAL A 390 -10.57 40.25 14.75
CA VAL A 390 -11.75 39.96 13.88
C VAL A 390 -12.47 38.72 14.40
N LYS A 391 -13.63 38.90 15.06
CA LYS A 391 -14.52 37.81 15.52
C LYS A 391 -15.50 37.48 14.39
N LEU A 392 -15.87 36.20 14.27
CA LEU A 392 -16.72 35.67 13.18
C LEU A 392 -18.15 35.49 13.69
N VAL A 393 -19.12 36.09 12.98
CA VAL A 393 -20.59 35.90 13.20
C VAL A 393 -21.16 35.30 11.91
N ASN A 394 -21.93 34.21 12.04
CA ASN A 394 -22.59 33.53 10.89
C ASN A 394 -24.10 33.56 11.11
N GLN A 395 -24.86 33.85 10.04
CA GLN A 395 -26.35 33.88 10.02
C GLN A 395 -26.83 33.16 8.77
N GLU A 396 -28.10 32.73 8.76
CA GLU A 396 -28.73 32.09 7.58
C GLU A 396 -28.98 33.16 6.52
N TRP A 397 -29.02 32.75 5.25
CA TRP A 397 -28.99 33.61 4.03
C TRP A 397 -29.97 34.78 4.14
N LYS A 398 -31.20 34.53 4.62
CA LYS A 398 -32.28 35.55 4.72
C LYS A 398 -31.90 36.64 5.72
N THR A 399 -31.49 36.22 6.94
CA THR A 399 -31.09 37.11 8.06
C THR A 399 -29.86 37.93 7.65
N PHE A 400 -28.85 37.25 7.11
CA PHE A 400 -27.59 37.85 6.56
C PHE A 400 -27.92 39.09 5.72
N LEU A 401 -28.81 38.94 4.73
CA LEU A 401 -29.18 40.03 3.76
C LEU A 401 -29.91 41.15 4.50
N ASP A 402 -30.82 40.81 5.41
CA ASP A 402 -31.59 41.79 6.23
C ASP A 402 -30.61 42.62 7.08
N THR A 403 -29.73 41.93 7.83
CA THR A 403 -28.71 42.52 8.73
C THR A 403 -27.91 43.59 7.98
N ARG A 404 -27.52 43.33 6.74
CA ARG A 404 -26.68 44.22 5.91
C ARG A 404 -27.48 45.47 5.50
N HIS A 405 -28.77 45.31 5.17
CA HIS A 405 -29.68 46.42 4.78
C HIS A 405 -29.95 47.34 5.97
N GLN A 406 -30.18 46.76 7.16
CA GLN A 406 -30.44 47.51 8.43
C GLN A 406 -29.16 48.21 8.88
N GLY A 407 -27.99 47.67 8.51
CA GLY A 407 -26.67 48.27 8.81
C GLY A 407 -26.18 47.93 10.21
N THR A 408 -26.54 46.74 10.70
CA THR A 408 -26.27 46.26 12.09
C THR A 408 -24.98 45.42 12.12
N PHE A 409 -24.04 45.68 11.20
CA PHE A 409 -22.79 44.88 11.03
C PHE A 409 -21.60 45.82 10.90
N ASP A 410 -20.39 45.28 11.09
CA ASP A 410 -19.10 46.00 10.94
C ASP A 410 -18.56 45.78 9.52
N VAL A 411 -18.19 44.53 9.23
CA VAL A 411 -17.72 44.06 7.88
C VAL A 411 -18.43 42.75 7.57
N ALA A 412 -18.94 42.60 6.34
CA ALA A 412 -19.66 41.41 5.86
C ALA A 412 -18.94 40.83 4.65
N ARG A 413 -18.71 39.51 4.64
CA ARG A 413 -18.39 38.74 3.41
C ARG A 413 -19.46 39.10 2.37
N ALA A 414 -19.05 39.59 1.21
CA ALA A 414 -19.96 40.07 0.14
C ALA A 414 -19.60 39.42 -1.20
N GLY A 415 -20.56 39.45 -2.13
CA GLY A 415 -20.42 38.92 -3.50
C GLY A 415 -21.53 39.46 -4.38
N TRP A 416 -21.19 40.34 -5.33
CA TRP A 416 -22.15 40.93 -6.30
C TRP A 416 -21.97 40.27 -7.67
N CYS A 417 -23.07 39.77 -8.26
CA CYS A 417 -23.13 39.25 -9.65
C CYS A 417 -23.90 40.26 -10.52
N ALA A 418 -23.34 40.60 -11.70
CA ALA A 418 -23.96 41.49 -12.70
C ALA A 418 -25.36 40.96 -13.04
N ASP A 419 -26.35 41.85 -13.06
CA ASP A 419 -27.75 41.57 -13.51
C ASP A 419 -27.80 41.67 -15.03
N TYR A 420 -26.98 42.56 -15.61
CA TYR A 420 -26.79 42.77 -17.07
C TYR A 420 -25.31 43.10 -17.33
N ASN A 421 -24.78 42.68 -18.48
CA ASN A 421 -23.33 42.78 -18.83
C ASN A 421 -23.00 44.23 -19.21
N GLU A 422 -22.93 45.12 -18.20
CA GLU A 422 -22.58 46.55 -18.35
C GLU A 422 -22.10 47.05 -16.99
N PRO A 423 -21.03 47.87 -16.90
CA PRO A 423 -20.46 48.26 -15.61
C PRO A 423 -21.43 48.91 -14.61
N THR A 424 -22.50 49.56 -15.11
CA THR A 424 -23.52 50.24 -14.27
C THR A 424 -24.23 49.19 -13.38
N SER A 425 -24.39 47.97 -13.87
CA SER A 425 -24.99 46.83 -13.11
C SER A 425 -24.30 46.68 -11.75
N PHE A 426 -22.98 46.92 -11.71
CA PHE A 426 -22.15 46.98 -10.47
C PHE A 426 -22.20 48.39 -9.88
N LEU A 427 -21.64 49.37 -10.60
CA LEU A 427 -21.32 50.74 -10.12
C LEU A 427 -22.56 51.44 -9.54
N ASN A 428 -23.77 51.16 -10.06
CA ASN A 428 -25.01 51.85 -9.64
C ASN A 428 -25.44 51.40 -8.24
N THR A 429 -24.88 50.31 -7.70
CA THR A 429 -25.17 49.80 -6.33
C THR A 429 -24.49 50.68 -5.28
N MET A 430 -23.48 51.47 -5.66
CA MET A 430 -22.71 52.36 -4.74
C MET A 430 -23.22 53.80 -4.83
N LEU A 431 -24.25 54.06 -5.65
CA LEU A 431 -24.98 55.37 -5.67
C LEU A 431 -25.63 55.58 -4.30
N SER A 432 -25.58 56.81 -3.78
CA SER A 432 -26.10 57.20 -2.43
C SER A 432 -27.53 56.69 -2.24
N ASN A 433 -28.35 56.76 -3.29
CA ASN A 433 -29.82 56.57 -3.25
C ASN A 433 -30.21 55.12 -3.57
N SER A 434 -29.26 54.27 -3.98
CA SER A 434 -29.52 52.88 -4.45
C SER A 434 -30.04 52.01 -3.30
N SER A 435 -31.09 51.22 -3.57
CA SER A 435 -31.74 50.28 -2.63
C SER A 435 -30.86 49.04 -2.41
N MET A 436 -29.79 48.89 -3.22
CA MET A 436 -28.86 47.73 -3.18
C MET A 436 -27.55 48.13 -2.49
N ASN A 437 -27.46 49.38 -1.98
CA ASN A 437 -26.24 49.94 -1.33
C ASN A 437 -26.17 49.44 0.11
N THR A 438 -25.77 48.19 0.28
CA THR A 438 -25.63 47.55 1.61
C THR A 438 -24.30 47.95 2.24
N ALA A 439 -23.50 48.69 1.50
CA ALA A 439 -22.20 49.22 1.93
C ALA A 439 -22.44 50.48 2.75
N HIS A 440 -23.54 51.16 2.43
CA HIS A 440 -23.96 52.47 2.98
C HIS A 440 -22.95 53.52 2.55
N TYR A 441 -22.47 53.40 1.32
CA TYR A 441 -21.44 54.32 0.77
C TYR A 441 -22.13 55.55 0.17
N LYS A 442 -21.80 56.72 0.69
CA LYS A 442 -22.40 57.99 0.19
C LYS A 442 -21.29 58.96 -0.18
N SER A 443 -20.98 59.06 -1.48
CA SER A 443 -20.03 60.02 -2.08
C SER A 443 -20.75 60.82 -3.18
N PRO A 444 -21.07 62.11 -2.93
CA PRO A 444 -21.56 62.99 -4.00
C PRO A 444 -20.67 63.03 -5.25
N ALA A 445 -19.34 62.86 -5.08
CA ALA A 445 -18.34 62.84 -6.18
C ALA A 445 -18.57 61.61 -7.08
N PHE A 446 -18.75 60.43 -6.47
CA PHE A 446 -19.03 59.15 -7.18
C PHE A 446 -20.38 59.25 -7.92
N ASP A 447 -21.41 59.79 -7.26
CA ASP A 447 -22.76 60.04 -7.82
C ASP A 447 -22.66 60.96 -9.02
N SER A 448 -21.84 62.01 -8.92
CA SER A 448 -21.61 63.04 -9.97
C SER A 448 -21.00 62.40 -11.22
N ILE A 449 -20.00 61.53 -11.03
CA ILE A 449 -19.27 60.79 -12.12
C ILE A 449 -20.28 59.91 -12.87
N MET A 450 -21.14 59.19 -12.15
CA MET A 450 -22.12 58.22 -12.72
C MET A 450 -23.23 58.97 -13.46
N ALA A 451 -23.69 60.12 -12.93
CA ALA A 451 -24.64 61.03 -13.60
C ALA A 451 -24.06 61.50 -14.94
N GLU A 452 -22.74 61.64 -15.01
CA GLU A 452 -21.99 62.14 -16.21
C GLU A 452 -22.01 61.09 -17.32
N THR A 453 -22.20 59.81 -16.99
CA THR A 453 -22.16 58.66 -17.95
C THR A 453 -23.37 58.71 -18.91
N LEU A 454 -24.44 59.42 -18.55
CA LEU A 454 -25.70 59.50 -19.33
C LEU A 454 -25.74 60.77 -20.19
N LYS A 455 -24.71 61.61 -20.11
CA LYS A 455 -24.59 62.89 -20.88
C LYS A 455 -23.42 62.77 -21.87
N VAL A 456 -23.06 61.53 -22.22
CA VAL A 456 -21.84 61.18 -23.00
C VAL A 456 -22.16 61.24 -24.51
N THR A 457 -21.15 61.47 -25.34
CA THR A 457 -21.27 61.61 -26.82
C THR A 457 -20.99 60.26 -27.51
N ASP A 458 -19.93 59.57 -27.09
CA ASP A 458 -19.53 58.22 -27.61
C ASP A 458 -19.25 57.29 -26.43
N GLU A 459 -19.16 55.98 -26.71
CA GLU A 459 -19.01 54.91 -25.68
C GLU A 459 -17.60 54.94 -25.07
N ALA A 460 -16.61 55.48 -25.80
CA ALA A 460 -15.19 55.59 -25.38
C ALA A 460 -15.11 56.49 -24.12
N GLN A 461 -15.89 57.56 -24.09
CA GLN A 461 -16.01 58.48 -22.92
C GLN A 461 -16.71 57.76 -21.76
N ARG A 462 -17.79 57.03 -22.06
CA ARG A 462 -18.62 56.28 -21.07
C ARG A 462 -17.74 55.28 -20.33
N THR A 463 -16.88 54.56 -21.06
CA THR A 463 -15.91 53.55 -20.53
C THR A 463 -14.91 54.26 -19.60
N ALA A 464 -14.38 55.41 -20.00
CA ALA A 464 -13.41 56.24 -19.24
C ALA A 464 -14.05 56.71 -17.93
N LEU A 465 -15.31 57.15 -17.98
CA LEU A 465 -16.07 57.66 -16.80
C LEU A 465 -16.28 56.54 -15.78
N TYR A 466 -16.51 55.30 -16.25
CA TYR A 466 -16.66 54.09 -15.39
C TYR A 466 -15.35 53.83 -14.64
N THR A 467 -14.21 53.97 -15.33
CA THR A 467 -12.84 53.78 -14.76
C THR A 467 -12.57 54.84 -13.69
N LYS A 468 -13.12 56.05 -13.85
CA LYS A 468 -12.96 57.18 -12.89
C LYS A 468 -13.81 56.90 -11.64
N ALA A 469 -14.97 56.28 -11.80
CA ALA A 469 -15.88 55.88 -10.71
C ALA A 469 -15.24 54.77 -9.87
N GLU A 470 -14.67 53.75 -10.53
CA GLU A 470 -13.90 52.65 -9.90
C GLU A 470 -12.72 53.22 -9.11
N GLN A 471 -12.05 54.24 -9.67
CA GLN A 471 -10.89 54.93 -9.04
C GLN A 471 -11.35 55.68 -7.79
N GLN A 472 -12.47 56.43 -7.88
CA GLN A 472 -13.05 57.19 -6.75
C GLN A 472 -13.46 56.22 -5.64
N LEU A 473 -14.17 55.14 -6.00
CA LEU A 473 -14.59 54.04 -5.09
C LEU A 473 -13.37 53.49 -4.36
N ASP A 474 -12.26 53.31 -5.08
CA ASP A 474 -10.98 52.77 -4.56
C ASP A 474 -10.32 53.80 -3.62
N LYS A 475 -10.27 55.07 -4.01
CA LYS A 475 -9.69 56.19 -3.23
C LYS A 475 -10.44 56.33 -1.89
N ASP A 476 -11.74 56.04 -1.88
CA ASP A 476 -12.62 56.13 -0.69
C ASP A 476 -12.66 54.78 0.05
N SER A 477 -11.99 53.76 -0.48
CA SER A 477 -11.96 52.37 0.05
C SER A 477 -13.35 51.99 0.57
N ALA A 478 -14.35 52.01 -0.31
CA ALA A 478 -15.76 51.66 -0.03
C ALA A 478 -15.86 50.18 0.38
N ILE A 479 -15.01 49.35 -0.21
CA ILE A 479 -15.02 47.86 -0.05
C ILE A 479 -13.59 47.33 0.03
N VAL A 480 -13.44 46.07 0.43
CA VAL A 480 -12.16 45.29 0.36
C VAL A 480 -12.30 44.24 -0.75
N PRO A 481 -11.90 44.55 -2.00
CA PRO A 481 -11.91 43.56 -3.08
C PRO A 481 -10.97 42.38 -2.74
N VAL A 482 -11.43 41.14 -2.99
CA VAL A 482 -10.68 39.88 -2.67
C VAL A 482 -10.36 39.15 -3.99
N TYR A 483 -11.36 38.56 -4.65
CA TYR A 483 -11.18 37.83 -5.94
C TYR A 483 -12.42 37.96 -6.82
N TYR A 484 -12.21 37.92 -8.14
CA TYR A 484 -13.27 37.82 -9.19
C TYR A 484 -13.66 36.35 -9.35
N TYR A 485 -14.96 36.06 -9.28
CA TYR A 485 -15.54 34.69 -9.29
C TYR A 485 -15.17 33.95 -10.58
N VAL A 486 -15.31 32.62 -10.53
CA VAL A 486 -15.55 31.72 -11.71
C VAL A 486 -16.84 30.94 -11.44
N ASN A 487 -17.52 30.48 -12.49
CA ASN A 487 -18.76 29.66 -12.40
C ASN A 487 -18.34 28.18 -12.43
N ALA A 488 -17.97 27.64 -11.27
CA ALA A 488 -17.52 26.24 -11.08
C ALA A 488 -18.63 25.44 -10.41
N ARG A 489 -19.20 24.45 -11.13
CA ARG A 489 -20.17 23.48 -10.57
C ARG A 489 -19.98 22.11 -11.22
N LEU A 490 -20.55 21.07 -10.57
CA LEU A 490 -20.60 19.68 -11.07
C LEU A 490 -21.95 19.47 -11.76
N VAL A 491 -21.94 18.93 -12.99
CA VAL A 491 -23.16 18.65 -13.80
C VAL A 491 -23.05 17.22 -14.35
N LYS A 492 -23.99 16.35 -13.97
CA LYS A 492 -24.03 14.92 -14.38
C LYS A 492 -24.00 14.84 -15.90
N PRO A 493 -23.34 13.81 -16.48
CA PRO A 493 -23.11 13.78 -17.94
C PRO A 493 -24.40 13.63 -18.76
N TRP A 494 -25.50 13.22 -18.12
CA TRP A 494 -26.82 13.01 -18.78
C TRP A 494 -27.64 14.31 -18.80
N VAL A 495 -27.15 15.39 -18.19
CA VAL A 495 -27.81 16.74 -18.21
C VAL A 495 -27.27 17.52 -19.42
N GLY A 496 -28.13 17.75 -20.42
CA GLY A 496 -27.83 18.56 -21.63
C GLY A 496 -28.51 19.91 -21.57
N GLY A 497 -28.04 20.87 -22.37
CA GLY A 497 -28.60 22.24 -22.47
C GLY A 497 -27.80 23.25 -21.67
N TYR A 498 -26.92 22.78 -20.77
CA TYR A 498 -26.00 23.63 -19.96
C TYR A 498 -24.66 23.74 -20.70
N THR A 499 -24.43 24.89 -21.35
CA THR A 499 -23.20 25.21 -22.13
C THR A 499 -22.21 25.99 -21.26
N GLY A 500 -22.72 26.77 -20.29
CA GLY A 500 -21.92 27.57 -19.35
C GLY A 500 -21.27 28.78 -20.01
N LYS A 501 -21.75 29.18 -21.19
CA LYS A 501 -21.16 30.28 -22.01
C LYS A 501 -21.83 31.61 -21.67
N ASP A 502 -22.85 31.60 -20.81
CA ASP A 502 -23.51 32.82 -20.26
C ASP A 502 -22.71 33.28 -19.04
N PRO A 503 -22.03 34.45 -19.11
CA PRO A 503 -21.21 34.93 -17.99
C PRO A 503 -22.02 35.48 -16.80
N LEU A 504 -23.34 35.58 -16.94
CA LEU A 504 -24.29 35.95 -15.84
C LEU A 504 -24.87 34.67 -15.21
N ASP A 505 -24.73 33.53 -15.89
CA ASP A 505 -25.23 32.19 -15.44
C ASP A 505 -26.75 32.27 -15.24
N ASN A 506 -27.46 32.94 -16.15
CA ASN A 506 -28.95 33.05 -16.16
C ASN A 506 -29.51 31.88 -16.97
N THR A 507 -29.32 30.65 -16.46
CA THR A 507 -29.80 29.39 -17.07
C THR A 507 -31.30 29.25 -16.78
N TYR A 508 -32.01 28.50 -17.62
CA TYR A 508 -33.46 28.18 -17.51
C TYR A 508 -33.66 26.67 -17.64
N THR A 509 -34.44 26.06 -16.75
CA THR A 509 -34.80 24.62 -16.77
C THR A 509 -35.41 24.25 -18.13
N ARG A 510 -36.12 25.17 -18.77
CA ARG A 510 -36.82 24.96 -20.07
C ARG A 510 -35.80 24.69 -21.20
N ASN A 511 -34.55 25.13 -21.04
CA ASN A 511 -33.47 25.00 -22.06
C ASN A 511 -32.74 23.64 -21.91
N MET A 512 -33.04 22.89 -20.84
CA MET A 512 -32.28 21.66 -20.47
C MET A 512 -33.14 20.42 -20.74
N TYR A 513 -32.50 19.25 -20.76
CA TYR A 513 -33.11 17.92 -21.07
C TYR A 513 -32.23 16.82 -20.49
N ILE A 514 -32.82 15.65 -20.22
CA ILE A 514 -32.12 14.45 -19.68
C ILE A 514 -31.87 13.46 -20.83
N VAL A 515 -30.61 13.18 -21.12
CA VAL A 515 -30.14 12.13 -22.08
C VAL A 515 -30.31 10.77 -21.39
N LYS A 516 -30.54 9.69 -22.16
CA LYS A 516 -30.74 8.32 -21.62
C LYS A 516 -29.44 7.83 -20.99
N HIS A 517 -29.55 7.16 -19.83
CA HIS A 517 -28.41 6.60 -19.04
C HIS A 517 -28.86 5.33 -18.32
N ALA B 1 15.44 34.99 48.79
CA ALA B 1 16.67 34.44 49.46
C ALA B 1 16.63 34.75 50.95
N ASP B 2 17.34 33.94 51.75
CA ASP B 2 17.52 34.12 53.22
C ASP B 2 19.02 34.19 53.50
N VAL B 3 19.57 35.41 53.56
CA VAL B 3 21.03 35.68 53.79
C VAL B 3 21.31 35.49 55.28
N PRO B 4 22.24 34.58 55.66
CA PRO B 4 22.59 34.39 57.07
C PRO B 4 23.17 35.65 57.71
N ALA B 5 22.86 35.87 59.01
CA ALA B 5 23.42 36.97 59.83
C ALA B 5 24.95 36.84 59.87
N GLY B 6 25.67 37.96 59.66
CA GLY B 6 27.14 38.02 59.67
C GLY B 6 27.74 37.98 58.28
N VAL B 7 27.02 37.43 57.29
CA VAL B 7 27.47 37.30 55.88
C VAL B 7 27.46 38.71 55.24
N THR B 8 28.59 39.12 54.68
CA THR B 8 28.75 40.40 53.92
C THR B 8 28.46 40.14 52.44
N LEU B 9 27.39 40.74 51.91
CA LEU B 9 27.01 40.65 50.48
C LEU B 9 28.00 41.48 49.65
N ALA B 10 28.19 41.11 48.39
CA ALA B 10 29.08 41.80 47.42
C ALA B 10 28.41 43.08 46.92
N GLU B 11 29.20 43.98 46.32
CA GLU B 11 28.72 45.22 45.66
C GLU B 11 27.82 44.84 44.48
N LYS B 12 28.35 44.01 43.57
CA LYS B 12 27.67 43.54 42.33
C LYS B 12 27.00 42.19 42.60
N GLN B 13 25.66 42.14 42.48
CA GLN B 13 24.84 40.91 42.65
C GLN B 13 24.46 40.39 41.26
N THR B 14 25.44 39.86 40.52
CA THR B 14 25.27 39.16 39.22
C THR B 14 25.65 37.68 39.37
N LEU B 15 25.12 36.83 38.49
CA LEU B 15 25.37 35.37 38.45
C LEU B 15 25.44 34.92 37.00
N VAL B 16 26.51 34.22 36.62
CA VAL B 16 26.63 33.53 35.30
C VAL B 16 26.59 32.02 35.58
N ARG B 17 25.77 31.28 34.82
CA ARG B 17 25.76 29.79 34.90
C ARG B 17 25.41 29.18 33.54
N ASN B 18 25.97 28.00 33.27
CA ASN B 18 25.76 27.25 32.01
C ASN B 18 24.48 26.42 32.14
N ASN B 19 23.60 26.51 31.12
CA ASN B 19 22.29 25.83 31.04
C ASN B 19 22.46 24.49 30.31
N GLY B 20 23.52 24.35 29.50
CA GLY B 20 23.94 23.08 28.88
C GLY B 20 23.58 22.99 27.41
N SER B 21 22.72 23.88 26.91
CA SER B 21 22.25 23.91 25.49
C SER B 21 21.35 25.12 25.25
N GLU B 22 21.07 25.40 23.97
CA GLU B 22 20.11 26.45 23.52
C GLU B 22 18.69 25.93 23.73
N VAL B 23 17.89 26.64 24.54
CA VAL B 23 16.53 26.21 24.98
C VAL B 23 15.61 26.08 23.77
N GLN B 24 14.64 25.15 23.83
CA GLN B 24 13.55 24.98 22.84
C GLN B 24 12.80 26.30 22.68
N SER B 25 12.39 26.88 23.81
CA SER B 25 11.48 28.05 23.92
C SER B 25 11.51 28.60 25.34
N LEU B 26 10.97 29.81 25.55
CA LEU B 26 10.71 30.41 26.89
C LEU B 26 9.21 30.36 27.18
N ASP B 27 8.41 29.80 26.26
CA ASP B 27 6.95 29.56 26.41
C ASP B 27 6.76 28.30 27.25
N PRO B 28 6.24 28.42 28.50
CA PRO B 28 6.08 27.26 29.38
C PRO B 28 5.34 26.04 28.79
N HIS B 29 4.53 26.24 27.74
CA HIS B 29 3.73 25.17 27.07
C HIS B 29 4.44 24.61 25.83
N LYS B 30 5.71 24.99 25.61
CA LYS B 30 6.50 24.60 24.41
C LYS B 30 7.86 24.03 24.83
N ILE B 31 7.96 23.48 26.04
CA ILE B 31 9.26 22.97 26.56
C ILE B 31 9.07 21.62 27.25
N GLU B 32 10.15 20.83 27.34
CA GLU B 32 10.11 19.50 28.00
C GLU B 32 11.49 19.19 28.59
N GLY B 33 12.48 20.05 28.34
CA GLY B 33 13.86 19.82 28.82
C GLY B 33 14.16 20.54 30.13
N VAL B 34 15.15 20.04 30.86
CA VAL B 34 15.58 20.64 32.16
C VAL B 34 16.14 22.04 31.88
N PRO B 35 16.99 22.23 30.86
CA PRO B 35 17.54 23.56 30.53
C PRO B 35 16.42 24.60 30.40
N GLU B 36 15.36 24.27 29.65
CA GLU B 36 14.21 25.18 29.45
C GLU B 36 13.52 25.45 30.79
N SER B 37 13.43 24.44 31.66
CA SER B 37 12.75 24.58 32.98
C SER B 37 13.56 25.46 33.94
N ASN B 38 14.89 25.44 33.84
CA ASN B 38 15.76 26.23 34.74
C ASN B 38 15.51 27.73 34.57
N ILE B 39 15.31 28.16 33.32
CA ILE B 39 15.04 29.59 32.96
C ILE B 39 13.57 29.91 33.27
N SER B 40 12.65 28.99 32.97
CA SER B 40 11.19 29.15 33.20
C SER B 40 10.92 29.45 34.68
N ARG B 41 11.61 28.76 35.60
CA ARG B 41 11.40 28.85 37.07
C ARG B 41 11.74 30.26 37.57
N ASP B 42 12.68 30.94 36.90
CA ASP B 42 13.06 32.35 37.19
C ASP B 42 12.00 33.30 36.61
N LEU B 43 11.46 32.98 35.43
CA LEU B 43 10.57 33.87 34.63
C LEU B 43 9.10 33.72 35.07
N PHE B 44 8.62 32.49 35.25
CA PHE B 44 7.19 32.18 35.54
C PHE B 44 7.09 31.35 36.83
N GLU B 45 6.10 31.67 37.66
CA GLU B 45 5.87 31.06 38.99
C GLU B 45 4.47 30.44 39.02
N GLY B 46 4.39 29.12 39.22
CA GLY B 46 3.13 28.38 39.35
C GLY B 46 2.53 28.51 40.75
N LEU B 47 1.51 27.70 41.04
CA LEU B 47 0.77 27.72 42.33
C LEU B 47 1.73 27.39 43.47
N LEU B 48 2.51 26.32 43.33
CA LEU B 48 3.53 25.87 44.31
C LEU B 48 4.92 26.01 43.69
N VAL B 49 5.96 26.12 44.53
CA VAL B 49 7.40 26.11 44.14
C VAL B 49 8.13 25.09 45.02
N SER B 50 9.32 24.66 44.61
CA SER B 50 10.20 23.75 45.38
C SER B 50 11.04 24.57 46.36
N ASP B 51 10.91 24.32 47.67
CA ASP B 51 11.76 24.92 48.73
C ASP B 51 13.17 24.32 48.58
N LEU B 52 14.08 24.68 49.49
CA LEU B 52 15.53 24.33 49.39
C LEU B 52 15.75 22.82 49.59
N ASP B 53 14.76 22.09 50.13
CA ASP B 53 14.86 20.63 50.40
C ASP B 53 13.96 19.84 49.43
N GLY B 54 13.35 20.51 48.45
CA GLY B 54 12.60 19.87 47.35
C GLY B 54 11.13 19.63 47.67
N HIS B 55 10.67 20.07 48.85
CA HIS B 55 9.27 19.92 49.32
C HIS B 55 8.40 21.01 48.69
N PRO B 56 7.17 20.68 48.22
CA PRO B 56 6.22 21.69 47.77
C PRO B 56 6.00 22.80 48.81
N ALA B 57 6.11 24.07 48.37
CA ALA B 57 5.97 25.28 49.22
C ALA B 57 5.12 26.32 48.50
N PRO B 58 4.51 27.29 49.22
CA PRO B 58 3.66 28.31 48.60
C PRO B 58 4.37 29.12 47.51
N GLY B 59 3.75 29.21 46.33
CA GLY B 59 4.17 30.10 45.21
C GLY B 59 3.21 31.25 45.06
N VAL B 60 2.39 31.25 43.98
CA VAL B 60 1.26 32.20 43.79
C VAL B 60 0.14 31.82 44.79
N ALA B 61 -0.04 30.51 45.03
CA ALA B 61 -0.96 29.97 46.05
C ALA B 61 -0.33 30.16 47.45
N GLU B 62 -1.00 30.93 48.30
CA GLU B 62 -0.55 31.28 49.69
C GLU B 62 -0.85 30.08 50.60
N SER B 63 -2.01 29.45 50.43
CA SER B 63 -2.46 28.20 51.10
C SER B 63 -3.33 27.41 50.13
N TRP B 64 -3.56 26.12 50.40
CA TRP B 64 -4.46 25.25 49.59
C TRP B 64 -5.15 24.20 50.46
N ASP B 65 -6.31 23.73 50.00
CA ASP B 65 -7.17 22.71 50.65
C ASP B 65 -7.43 21.57 49.66
N ASN B 66 -7.91 20.43 50.16
CA ASN B 66 -8.31 19.26 49.33
C ASN B 66 -9.42 18.48 50.07
N LYS B 67 -10.39 17.94 49.34
CA LYS B 67 -11.45 17.03 49.86
C LYS B 67 -11.38 15.70 49.10
N ASP B 68 -11.02 14.62 49.80
CA ASP B 68 -10.86 13.25 49.25
C ASP B 68 -9.75 13.25 48.17
N ALA B 69 -8.81 14.18 48.26
CA ALA B 69 -7.72 14.40 47.27
C ALA B 69 -8.31 14.43 45.85
N LYS B 70 -9.52 15.01 45.71
CA LYS B 70 -10.32 14.97 44.45
C LYS B 70 -10.64 16.40 44.00
N VAL B 71 -11.06 17.27 44.94
CA VAL B 71 -11.34 18.71 44.69
C VAL B 71 -10.30 19.54 45.45
N TRP B 72 -9.37 20.17 44.72
CA TRP B 72 -8.27 21.02 45.26
C TRP B 72 -8.61 22.50 45.07
N THR B 73 -8.60 23.28 46.16
CA THR B 73 -8.86 24.73 46.17
C THR B 73 -7.57 25.46 46.57
N PHE B 74 -7.07 26.33 45.70
CA PHE B 74 -5.81 27.10 45.88
C PHE B 74 -6.18 28.56 46.15
N HIS B 75 -5.77 29.07 47.32
CA HIS B 75 -6.00 30.47 47.77
C HIS B 75 -4.80 31.33 47.35
N LEU B 76 -4.97 32.10 46.27
CA LEU B 76 -3.88 32.90 45.64
C LEU B 76 -3.67 34.17 46.47
N ARG B 77 -2.41 34.57 46.66
CA ARG B 77 -2.02 35.83 47.35
C ARG B 77 -2.45 37.01 46.46
N LYS B 78 -2.82 38.14 47.10
CA LYS B 78 -3.47 39.29 46.43
C LYS B 78 -2.42 40.25 45.85
N ASP B 79 -1.15 40.12 46.25
CA ASP B 79 -0.03 41.00 45.80
C ASP B 79 0.75 40.31 44.67
N ALA B 80 0.27 39.16 44.18
CA ALA B 80 0.84 38.43 43.01
C ALA B 80 0.60 39.25 41.74
N LYS B 81 1.66 39.68 41.06
CA LYS B 81 1.61 40.63 39.92
C LYS B 81 2.41 40.09 38.72
N TRP B 82 2.01 40.50 37.51
CA TRP B 82 2.77 40.32 36.24
C TRP B 82 3.80 41.45 36.13
N SER B 83 4.65 41.41 35.09
CA SER B 83 5.74 42.40 34.86
C SER B 83 5.20 43.69 34.20
N ASP B 84 3.89 43.75 33.91
CA ASP B 84 3.21 44.95 33.37
C ASP B 84 2.41 45.66 34.47
N GLY B 85 2.37 45.08 35.68
CA GLY B 85 1.70 45.67 36.87
C GLY B 85 0.34 45.07 37.14
N THR B 86 -0.23 44.31 36.19
CA THR B 86 -1.56 43.66 36.30
C THR B 86 -1.47 42.52 37.32
N PRO B 87 -2.53 42.27 38.13
CA PRO B 87 -2.48 41.20 39.13
C PRO B 87 -2.58 39.82 38.48
N VAL B 88 -1.91 38.82 39.09
CA VAL B 88 -2.03 37.38 38.73
C VAL B 88 -3.32 36.85 39.38
N THR B 89 -4.26 36.36 38.57
CA THR B 89 -5.62 35.96 38.97
C THR B 89 -5.81 34.46 38.70
N ALA B 90 -6.83 33.85 39.32
CA ALA B 90 -7.24 32.44 39.12
C ALA B 90 -7.62 32.22 37.65
N GLN B 91 -8.20 33.24 37.01
CA GLN B 91 -8.61 33.22 35.58
C GLN B 91 -7.38 32.96 34.68
N ASP B 92 -6.21 33.48 35.06
CA ASP B 92 -4.92 33.26 34.34
C ASP B 92 -4.61 31.76 34.31
N PHE B 93 -4.81 31.06 35.43
CA PHE B 93 -4.52 29.62 35.61
C PHE B 93 -5.53 28.79 34.80
N VAL B 94 -6.79 29.22 34.74
CA VAL B 94 -7.86 28.55 33.93
C VAL B 94 -7.44 28.60 32.47
N TYR B 95 -7.14 29.80 31.95
CA TYR B 95 -6.68 30.04 30.56
C TYR B 95 -5.41 29.21 30.28
N SER B 96 -4.41 29.34 31.15
CA SER B 96 -3.05 28.73 31.00
C SER B 96 -3.14 27.21 30.92
N TRP B 97 -3.87 26.57 31.84
CA TRP B 97 -4.02 25.08 31.91
C TRP B 97 -4.89 24.59 30.75
N GLN B 98 -5.87 25.39 30.32
CA GLN B 98 -6.71 25.12 29.12
C GLN B 98 -5.83 25.17 27.86
N ARG B 99 -4.90 26.12 27.80
CA ARG B 99 -3.97 26.29 26.65
C ARG B 99 -3.04 25.08 26.54
N SER B 100 -2.53 24.59 27.67
CA SER B 100 -1.51 23.51 27.75
C SER B 100 -2.05 22.22 27.12
N VAL B 101 -3.36 21.98 27.20
CA VAL B 101 -4.01 20.70 26.77
C VAL B 101 -4.73 20.90 25.43
N ASP B 102 -4.70 22.11 24.87
CA ASP B 102 -5.28 22.45 23.55
C ASP B 102 -4.44 21.79 22.46
N PRO B 103 -5.02 20.87 21.64
CA PRO B 103 -4.29 20.26 20.52
C PRO B 103 -3.50 21.28 19.67
N ASN B 104 -4.04 22.48 19.51
CA ASN B 104 -3.49 23.56 18.64
C ASN B 104 -2.19 24.13 19.25
N THR B 105 -2.05 24.11 20.58
CA THR B 105 -0.79 24.47 21.29
C THR B 105 0.28 23.41 20.98
N ALA B 106 -0.13 22.13 20.88
CA ALA B 106 0.73 20.97 20.57
C ALA B 106 1.88 20.90 21.57
N SER B 107 1.57 21.07 22.86
CA SER B 107 2.54 21.04 23.98
C SER B 107 3.13 19.64 24.09
N PRO B 108 4.47 19.49 24.19
CA PRO B 108 5.08 18.20 24.51
C PRO B 108 4.73 17.76 25.95
N TYR B 109 4.34 18.72 26.80
CA TYR B 109 3.88 18.49 28.20
C TYR B 109 2.36 18.65 28.28
N ALA B 110 1.65 18.33 27.17
CA ALA B 110 0.17 18.36 27.06
C ALA B 110 -0.45 17.37 28.06
N SER B 111 0.18 16.21 28.24
CA SER B 111 -0.36 15.08 29.05
C SER B 111 -0.04 15.24 30.54
N TYR B 112 0.70 16.30 30.92
CA TYR B 112 1.21 16.48 32.30
C TYR B 112 0.04 16.57 33.30
N LEU B 113 -0.96 17.40 33.00
CA LEU B 113 -2.16 17.60 33.87
C LEU B 113 -3.07 16.36 33.81
N GLN B 114 -2.90 15.51 32.78
CA GLN B 114 -3.60 14.19 32.66
C GLN B 114 -3.05 13.21 33.71
N TYR B 115 -1.81 13.42 34.17
CA TYR B 115 -1.18 12.65 35.28
C TYR B 115 -1.91 12.96 36.59
N GLY B 116 -2.36 14.23 36.74
CA GLY B 116 -3.21 14.69 37.87
C GLY B 116 -4.65 14.23 37.71
N HIS B 117 -5.05 13.89 36.48
CA HIS B 117 -6.39 13.35 36.13
C HIS B 117 -7.46 14.40 36.46
N ILE B 118 -7.30 15.61 35.94
CA ILE B 118 -8.30 16.72 36.02
C ILE B 118 -9.53 16.30 35.20
N ALA B 119 -10.72 16.61 35.70
CA ALA B 119 -12.03 16.21 35.13
C ALA B 119 -12.12 16.64 33.66
N GLY B 120 -12.46 15.70 32.77
CA GLY B 120 -12.79 15.95 31.35
C GLY B 120 -11.56 16.09 30.47
N ILE B 121 -10.36 15.85 31.01
CA ILE B 121 -9.05 16.06 30.31
C ILE B 121 -8.93 15.08 29.14
N ASP B 122 -9.34 13.82 29.34
CA ASP B 122 -9.11 12.68 28.41
C ASP B 122 -9.61 13.04 27.01
N GLU B 123 -10.85 13.51 26.89
CA GLU B 123 -11.52 13.79 25.59
C GLU B 123 -10.97 15.11 25.00
N ILE B 124 -10.60 16.07 25.85
CA ILE B 124 -10.07 17.41 25.44
C ILE B 124 -8.75 17.21 24.68
N LEU B 125 -7.87 16.33 25.18
CA LEU B 125 -6.51 16.11 24.64
C LEU B 125 -6.57 15.47 23.25
N GLU B 126 -7.56 14.61 23.01
CA GLU B 126 -7.78 13.91 21.71
C GLU B 126 -8.77 14.71 20.86
N GLY B 127 -9.09 15.95 21.28
CA GLY B 127 -9.82 16.95 20.48
C GLY B 127 -11.27 16.55 20.20
N LYS B 128 -11.93 15.93 21.17
CA LYS B 128 -13.35 15.49 21.09
C LYS B 128 -14.25 16.56 21.74
N LYS B 129 -13.87 17.03 22.94
CA LYS B 129 -14.60 18.08 23.71
C LYS B 129 -13.79 19.37 23.68
N PRO B 130 -14.41 20.55 23.92
CA PRO B 130 -13.68 21.82 23.92
C PRO B 130 -12.85 22.01 25.20
N ILE B 131 -11.80 22.83 25.13
CA ILE B 131 -10.83 23.11 26.23
C ILE B 131 -11.57 23.69 27.44
N THR B 132 -12.68 24.40 27.21
CA THR B 132 -13.48 25.12 28.24
C THR B 132 -14.21 24.12 29.15
N ASP B 133 -14.18 22.82 28.83
CA ASP B 133 -14.78 21.73 29.65
C ASP B 133 -13.85 21.35 30.81
N LEU B 134 -12.56 21.71 30.75
CA LEU B 134 -11.52 21.28 31.72
C LEU B 134 -11.99 21.60 33.15
N GLY B 135 -11.70 20.69 34.10
CA GLY B 135 -12.19 20.75 35.50
C GLY B 135 -11.39 21.69 36.38
N VAL B 136 -11.11 22.89 35.89
CA VAL B 136 -10.49 24.01 36.66
C VAL B 136 -11.39 25.24 36.45
N LYS B 137 -11.68 26.00 37.52
CA LYS B 137 -12.56 27.19 37.46
C LYS B 137 -12.07 28.27 38.43
N ALA B 138 -12.28 29.53 38.07
CA ALA B 138 -12.02 30.73 38.91
C ALA B 138 -13.27 31.01 39.77
N ILE B 139 -13.28 30.50 41.01
CA ILE B 139 -14.39 30.72 41.99
C ILE B 139 -14.45 32.22 42.31
N ASP B 140 -13.29 32.86 42.44
CA ASP B 140 -13.14 34.34 42.42
C ASP B 140 -11.74 34.66 41.88
N ASP B 141 -11.28 35.91 42.00
CA ASP B 141 -9.99 36.40 41.44
C ASP B 141 -8.80 35.70 42.12
N HIS B 142 -8.95 35.27 43.38
CA HIS B 142 -7.85 34.74 44.23
C HIS B 142 -8.21 33.34 44.77
N THR B 143 -9.14 32.63 44.12
CA THR B 143 -9.59 31.27 44.52
C THR B 143 -9.75 30.41 43.25
N LEU B 144 -8.91 29.37 43.12
CA LEU B 144 -8.88 28.44 41.96
C LEU B 144 -9.27 27.03 42.45
N GLU B 145 -10.35 26.46 41.90
CA GLU B 145 -10.86 25.10 42.23
C GLU B 145 -10.52 24.14 41.09
N VAL B 146 -9.70 23.13 41.38
CA VAL B 146 -9.33 22.03 40.44
C VAL B 146 -10.10 20.77 40.85
N THR B 147 -10.93 20.24 39.93
CA THR B 147 -11.75 19.02 40.14
C THR B 147 -11.11 17.86 39.35
N LEU B 148 -10.83 16.74 40.04
CA LEU B 148 -10.20 15.51 39.47
C LEU B 148 -11.25 14.42 39.33
N SER B 149 -11.06 13.51 38.37
CA SER B 149 -12.00 12.42 37.99
C SER B 149 -11.93 11.27 39.01
N GLU B 150 -10.81 11.13 39.71
CA GLU B 150 -10.59 10.13 40.80
C GLU B 150 -9.44 10.61 41.67
N PRO B 151 -9.29 10.09 42.92
CA PRO B 151 -8.42 10.72 43.92
C PRO B 151 -6.92 10.57 43.61
N VAL B 152 -6.16 11.65 43.83
CA VAL B 152 -4.69 11.73 43.56
C VAL B 152 -4.04 12.56 44.67
N PRO B 153 -3.67 11.93 45.81
CA PRO B 153 -3.06 12.66 46.94
C PRO B 153 -1.79 13.45 46.58
N TYR B 154 -1.07 13.03 45.54
CA TYR B 154 0.23 13.62 45.10
C TYR B 154 0.00 14.69 44.02
N PHE B 155 -1.25 15.10 43.77
CA PHE B 155 -1.61 16.10 42.73
C PHE B 155 -0.80 17.38 42.92
N TYR B 156 -0.71 17.87 44.17
CA TYR B 156 -0.11 19.18 44.53
C TYR B 156 1.38 19.22 44.20
N LYS B 157 2.07 18.07 44.25
CA LYS B 157 3.53 17.96 43.95
C LYS B 157 3.80 18.27 42.48
N LEU B 158 2.83 18.04 41.60
CA LEU B 158 2.92 18.31 40.13
C LEU B 158 3.10 19.81 39.87
N LEU B 159 2.54 20.66 40.74
CA LEU B 159 2.24 22.09 40.44
C LEU B 159 3.47 22.97 40.65
N VAL B 160 4.65 22.37 40.87
CA VAL B 160 5.97 23.09 40.91
C VAL B 160 6.55 23.18 39.50
N HIS B 161 6.05 22.36 38.56
CA HIS B 161 6.62 22.22 37.18
C HIS B 161 6.24 23.43 36.33
N PRO B 162 7.20 24.02 35.58
CA PRO B 162 6.93 25.16 34.70
C PRO B 162 5.75 25.06 33.71
N SER B 163 5.45 23.86 33.20
CA SER B 163 4.32 23.61 32.27
C SER B 163 2.98 23.83 32.98
N THR B 164 3.04 24.16 34.27
CA THR B 164 1.89 24.41 35.18
C THR B 164 1.84 25.89 35.57
N SER B 165 2.82 26.70 35.13
CA SER B 165 2.91 28.15 35.42
C SER B 165 1.81 28.88 34.66
N PRO B 166 1.38 30.08 35.14
CA PRO B 166 0.49 30.94 34.35
C PRO B 166 1.25 31.57 33.19
N VAL B 167 0.57 31.79 32.06
CA VAL B 167 1.09 32.55 30.89
C VAL B 167 0.15 33.71 30.63
N PRO B 168 0.66 34.88 30.17
CA PRO B 168 -0.17 36.08 30.00
C PRO B 168 -1.01 36.07 28.71
N LYS B 169 -2.33 36.06 28.85
CA LYS B 169 -3.32 35.98 27.74
C LYS B 169 -3.17 37.20 26.80
N ALA B 170 -3.00 38.40 27.37
CA ALA B 170 -2.88 39.68 26.63
C ALA B 170 -1.68 39.63 25.68
N ALA B 171 -0.49 39.33 26.21
CA ALA B 171 0.80 39.28 25.48
C ALA B 171 0.74 38.24 24.37
N ILE B 172 0.21 37.05 24.66
CA ILE B 172 0.11 35.89 23.71
C ILE B 172 -0.79 36.26 22.53
N GLU B 173 -1.95 36.89 22.81
CA GLU B 173 -2.96 37.26 21.79
C GLU B 173 -2.51 38.53 21.04
N LYS B 174 -1.60 39.32 21.61
CA LYS B 174 -1.05 40.55 20.99
C LYS B 174 0.08 40.18 20.02
N PHE B 175 0.98 39.28 20.43
CA PHE B 175 2.29 39.02 19.78
C PHE B 175 2.37 37.62 19.14
N GLY B 176 1.45 36.71 19.48
CA GLY B 176 1.43 35.33 18.93
C GLY B 176 2.66 34.54 19.36
N GLU B 177 3.49 34.13 18.39
CA GLU B 177 4.73 33.33 18.62
C GLU B 177 5.91 34.25 18.97
N LYS B 178 5.73 35.57 18.88
CA LYS B 178 6.78 36.58 19.22
C LYS B 178 6.58 37.09 20.65
N TRP B 179 5.78 36.40 21.47
CA TRP B 179 5.35 36.91 22.81
C TRP B 179 6.49 36.78 23.83
N THR B 180 7.46 35.90 23.58
CA THR B 180 8.60 35.61 24.50
C THR B 180 9.83 36.47 24.15
N GLN B 181 9.74 37.32 23.12
CA GLN B 181 10.83 38.23 22.67
C GLN B 181 11.17 39.18 23.83
N PRO B 182 12.46 39.50 24.06
CA PRO B 182 12.86 40.42 25.13
C PRO B 182 11.93 41.61 25.41
N GLY B 183 11.51 42.34 24.37
CA GLY B 183 10.75 43.58 24.49
C GLY B 183 9.26 43.35 24.78
N ASN B 184 8.76 42.14 24.53
CA ASN B 184 7.31 41.82 24.50
C ASN B 184 6.88 41.02 25.74
N ILE B 185 7.71 40.07 26.19
CA ILE B 185 7.34 39.05 27.22
C ILE B 185 6.79 39.75 28.48
N VAL B 186 5.86 39.08 29.15
CA VAL B 186 5.24 39.49 30.44
C VAL B 186 5.35 38.30 31.40
N THR B 187 6.02 38.49 32.54
CA THR B 187 6.47 37.41 33.48
C THR B 187 5.86 37.65 34.86
N ASN B 188 5.70 36.57 35.66
CA ASN B 188 5.21 36.66 37.06
C ASN B 188 6.26 36.06 38.04
N GLY B 189 7.40 35.60 37.53
CA GLY B 189 8.53 35.09 38.34
C GLY B 189 9.35 36.22 38.93
N ALA B 190 10.43 35.88 39.62
CA ALA B 190 11.32 36.84 40.32
C ALA B 190 12.16 37.63 39.30
N TYR B 191 12.21 37.16 38.05
CA TYR B 191 13.02 37.75 36.94
C TYR B 191 12.17 37.88 35.67
N THR B 192 12.55 38.82 34.81
CA THR B 192 12.00 39.02 33.45
C THR B 192 13.16 38.93 32.45
N LEU B 193 12.86 38.79 31.16
CA LEU B 193 13.89 38.67 30.08
C LEU B 193 14.43 40.06 29.75
N LYS B 194 15.75 40.23 29.83
CA LYS B 194 16.46 41.46 29.39
C LYS B 194 16.97 41.26 27.97
N ASP B 195 17.65 40.15 27.70
CA ASP B 195 18.30 39.85 26.39
C ASP B 195 18.24 38.35 26.09
N TRP B 196 18.10 38.01 24.80
CA TRP B 196 18.19 36.63 24.25
C TRP B 196 18.99 36.68 22.95
N VAL B 197 20.24 36.18 22.97
CA VAL B 197 21.13 36.05 21.79
C VAL B 197 21.41 34.56 21.57
N VAL B 198 20.86 34.00 20.47
CA VAL B 198 20.83 32.53 20.17
C VAL B 198 22.27 32.01 20.11
N ASN B 199 22.55 30.93 20.87
CA ASN B 199 23.87 30.22 20.93
C ASN B 199 24.94 31.13 21.54
N GLU B 200 24.53 32.12 22.36
CA GLU B 200 25.46 33.03 23.09
C GLU B 200 25.03 33.13 24.56
N ARG B 201 23.84 33.66 24.83
CA ARG B 201 23.37 33.80 26.23
C ARG B 201 21.90 34.19 26.31
N ILE B 202 21.37 34.10 27.52
CA ILE B 202 20.01 34.58 27.88
C ILE B 202 20.27 35.36 29.17
N VAL B 203 19.87 36.62 29.21
CA VAL B 203 20.11 37.43 30.45
C VAL B 203 18.76 37.75 31.07
N LEU B 204 18.61 37.51 32.35
CA LEU B 204 17.36 37.82 33.05
C LEU B 204 17.67 38.96 34.00
N GLU B 205 16.72 39.86 34.20
CA GLU B 205 16.97 40.87 35.25
C GLU B 205 15.88 40.73 36.30
N ARG B 206 16.20 41.13 37.51
CA ARG B 206 15.28 41.08 38.67
C ARG B 206 14.03 41.86 38.33
N SER B 207 12.87 41.24 38.58
CA SER B 207 11.54 41.82 38.27
C SER B 207 10.96 42.45 39.52
N PRO B 208 10.87 43.80 39.63
CA PRO B 208 10.41 44.46 40.85
C PRO B 208 8.91 44.41 41.15
N THR B 209 8.18 43.82 40.20
CA THR B 209 6.71 43.61 40.26
C THR B 209 6.44 42.29 40.97
N TYR B 210 7.49 41.47 41.14
CA TYR B 210 7.37 40.15 41.82
C TYR B 210 6.95 40.37 43.27
N TRP B 211 5.98 39.58 43.72
CA TRP B 211 5.40 39.78 45.08
C TRP B 211 6.48 39.80 46.18
N ASN B 212 7.47 38.92 46.06
CA ASN B 212 8.52 38.68 47.08
C ASN B 212 9.86 39.23 46.58
N ASN B 213 9.84 40.32 45.80
CA ASN B 213 11.05 40.99 45.24
C ASN B 213 11.94 41.49 46.38
N ALA B 214 11.35 41.90 47.50
CA ALA B 214 12.04 42.41 48.72
C ALA B 214 13.14 41.44 49.16
N LYS B 215 12.93 40.13 48.97
CA LYS B 215 13.84 39.05 49.46
C LYS B 215 14.72 38.53 48.31
N THR B 216 14.49 38.95 47.06
CA THR B 216 15.39 38.69 45.91
C THR B 216 16.66 39.53 46.10
N VAL B 217 17.83 38.94 45.84
CA VAL B 217 19.18 39.57 46.04
C VAL B 217 19.87 39.73 44.69
N ILE B 218 19.94 38.66 43.89
CA ILE B 218 20.61 38.66 42.54
C ILE B 218 19.83 39.61 41.62
N ASN B 219 20.52 40.64 41.10
CA ASN B 219 19.93 41.68 40.21
C ASN B 219 19.88 41.17 38.77
N GLN B 220 20.88 40.37 38.36
CA GLN B 220 21.03 39.87 36.96
C GLN B 220 21.61 38.45 36.98
N VAL B 221 21.04 37.54 36.20
CA VAL B 221 21.59 36.16 35.97
C VAL B 221 21.69 35.93 34.46
N THR B 222 22.80 35.33 34.01
CA THR B 222 23.07 34.97 32.60
C THR B 222 23.13 33.44 32.47
N TYR B 223 22.32 32.88 31.57
CA TYR B 223 22.32 31.43 31.21
C TYR B 223 23.02 31.25 29.87
N LEU B 224 24.05 30.39 29.83
CA LEU B 224 24.87 30.09 28.62
C LEU B 224 24.41 28.74 28.04
N PRO B 225 24.46 28.55 26.70
CA PRO B 225 24.05 27.30 26.07
C PRO B 225 25.22 26.37 25.66
N ILE B 226 26.22 26.22 26.54
CA ILE B 226 27.48 25.47 26.25
C ILE B 226 27.21 23.97 26.44
N ALA B 227 27.26 23.19 25.34
CA ALA B 227 27.01 21.74 25.31
C ALA B 227 28.28 20.98 25.75
N SER B 228 29.46 21.53 25.44
CA SER B 228 30.79 20.96 25.79
C SER B 228 31.03 21.10 27.30
N GLU B 229 31.04 19.97 28.03
CA GLU B 229 31.26 19.93 29.50
C GLU B 229 32.69 20.39 29.80
N VAL B 230 33.63 20.08 28.89
CA VAL B 230 35.07 20.49 28.99
C VAL B 230 35.16 22.02 28.96
N THR B 231 34.50 22.65 27.98
CA THR B 231 34.48 24.13 27.78
C THR B 231 33.82 24.81 28.98
N ASP B 232 32.69 24.24 29.47
CA ASP B 232 31.96 24.73 30.66
C ASP B 232 32.93 24.82 31.84
N VAL B 233 33.59 23.70 32.16
CA VAL B 233 34.59 23.57 33.26
C VAL B 233 35.72 24.60 33.06
N ASN B 234 36.31 24.64 31.86
CA ASN B 234 37.44 25.54 31.52
C ASN B 234 37.02 27.01 31.75
N ARG B 235 35.86 27.41 31.21
CA ARG B 235 35.31 28.78 31.35
C ARG B 235 35.04 29.08 32.82
N TYR B 236 34.56 28.09 33.59
CA TYR B 236 34.36 28.18 35.06
C TYR B 236 35.70 28.46 35.74
N ARG B 237 36.75 27.74 35.33
CA ARG B 237 38.13 27.85 35.90
C ARG B 237 38.77 29.18 35.46
N SER B 238 38.37 29.73 34.31
CA SER B 238 38.86 31.04 33.79
C SER B 238 38.15 32.20 34.51
N GLY B 239 37.17 31.89 35.38
CA GLY B 239 36.53 32.85 36.30
C GLY B 239 35.35 33.57 35.66
N GLU B 240 34.77 33.00 34.61
CA GLU B 240 33.74 33.63 33.75
C GLU B 240 32.36 32.99 34.00
N ILE B 241 32.32 31.80 34.62
CA ILE B 241 31.06 31.07 34.98
C ILE B 241 31.08 30.80 36.48
N ASP B 242 29.96 31.09 37.17
CA ASP B 242 29.82 30.97 38.65
C ASP B 242 29.32 29.57 39.02
N MET B 243 28.44 28.98 38.19
CA MET B 243 27.91 27.60 38.39
C MET B 243 27.91 26.88 37.04
N THR B 244 28.59 25.73 36.95
CA THR B 244 28.58 24.84 35.75
C THR B 244 27.20 24.20 35.63
N ASN B 245 26.89 23.68 34.44
CA ASN B 245 25.78 22.71 34.24
C ASN B 245 26.13 21.45 35.03
N ASN B 246 25.14 20.66 35.45
CA ASN B 246 25.36 19.43 36.26
C ASN B 246 25.63 18.25 35.32
N SER B 247 26.44 18.48 34.28
CA SER B 247 27.03 17.45 33.39
C SER B 247 28.56 17.59 33.46
N MET B 248 29.23 16.63 34.11
CA MET B 248 30.69 16.66 34.37
C MET B 248 31.41 15.81 33.32
N PRO B 249 32.54 16.31 32.76
CA PRO B 249 33.30 15.55 31.78
C PRO B 249 34.01 14.36 32.44
N ILE B 250 33.86 13.17 31.86
CA ILE B 250 34.54 11.89 32.28
C ILE B 250 35.99 12.20 32.66
N GLU B 251 36.67 12.99 31.81
CA GLU B 251 38.14 13.22 31.83
C GLU B 251 38.56 13.97 33.09
N LEU B 252 37.98 15.15 33.33
CA LEU B 252 38.53 16.18 34.25
C LEU B 252 38.00 16.01 35.68
N PHE B 253 36.90 15.30 35.89
CA PHE B 253 36.17 15.30 37.19
C PHE B 253 37.10 14.90 38.34
N GLN B 254 37.95 13.89 38.14
CA GLN B 254 38.93 13.42 39.16
C GLN B 254 39.95 14.53 39.45
N LYS B 255 40.42 15.23 38.41
CA LYS B 255 41.33 16.41 38.53
C LYS B 255 40.64 17.48 39.38
N LEU B 256 39.35 17.74 39.14
CA LEU B 256 38.57 18.83 39.80
C LEU B 256 38.31 18.49 41.27
N LYS B 257 38.14 17.20 41.61
CA LYS B 257 38.00 16.73 43.01
C LYS B 257 39.29 17.02 43.79
N LYS B 258 40.44 16.96 43.11
CA LYS B 258 41.79 17.14 43.69
C LYS B 258 42.09 18.62 43.88
N GLU B 259 41.74 19.46 42.89
CA GLU B 259 42.15 20.88 42.79
C GLU B 259 41.20 21.78 43.59
N ILE B 260 39.88 21.65 43.39
CA ILE B 260 38.85 22.55 43.98
C ILE B 260 37.79 21.74 44.70
N PRO B 261 38.17 20.90 45.71
CA PRO B 261 37.21 20.04 46.41
C PRO B 261 36.08 20.80 47.11
N ASP B 262 36.37 21.97 47.67
CA ASP B 262 35.40 22.86 48.38
C ASP B 262 34.26 23.25 47.44
N GLU B 263 34.55 23.40 46.14
CA GLU B 263 33.63 23.95 45.10
C GLU B 263 32.83 22.82 44.43
N VAL B 264 33.28 21.57 44.56
CA VAL B 264 32.62 20.39 43.91
C VAL B 264 31.42 19.95 44.75
N HIS B 265 30.21 20.04 44.17
CA HIS B 265 28.94 19.59 44.77
C HIS B 265 28.45 18.33 44.05
N VAL B 266 28.28 17.23 44.78
CA VAL B 266 27.68 15.95 44.29
C VAL B 266 26.56 15.57 45.25
N ASP B 267 25.32 15.47 44.75
CA ASP B 267 24.10 15.26 45.58
C ASP B 267 23.14 14.32 44.84
N PRO B 268 22.24 13.63 45.57
CA PRO B 268 21.23 12.77 44.94
C PRO B 268 20.42 13.53 43.87
N TYR B 269 20.08 12.84 42.79
CA TYR B 269 19.39 13.41 41.59
C TYR B 269 18.43 12.35 41.03
N LEU B 270 17.12 12.59 41.12
CA LEU B 270 16.07 11.65 40.66
C LEU B 270 15.98 11.71 39.13
N CYS B 271 17.02 11.20 38.45
CA CYS B 271 17.09 11.04 36.98
C CYS B 271 17.74 9.69 36.65
N THR B 272 17.39 9.12 35.49
CA THR B 272 17.94 7.83 34.97
C THR B 272 18.55 8.08 33.60
N TYR B 273 19.84 7.74 33.44
CA TYR B 273 20.57 7.70 32.14
C TYR B 273 20.32 6.34 31.50
N TYR B 274 19.80 6.32 30.26
CA TYR B 274 19.45 5.09 29.52
C TYR B 274 19.55 5.33 28.02
N TYR B 275 19.68 4.23 27.25
CA TYR B 275 19.59 4.22 25.77
C TYR B 275 18.16 3.86 25.37
N GLU B 276 17.41 4.87 24.92
CA GLU B 276 15.98 4.80 24.55
C GLU B 276 15.85 4.07 23.21
N ILE B 277 15.01 3.03 23.16
CA ILE B 277 14.70 2.27 21.92
C ILE B 277 13.43 2.87 21.30
N ASN B 278 13.48 3.24 20.01
CA ASN B 278 12.29 3.52 19.18
C ASN B 278 11.54 2.19 18.99
N ASN B 279 10.52 1.95 19.81
CA ASN B 279 9.79 0.64 19.88
C ASN B 279 9.01 0.39 18.58
N GLN B 280 8.81 1.42 17.74
CA GLN B 280 7.99 1.32 16.49
C GLN B 280 8.86 1.41 15.24
N LYS B 281 10.19 1.49 15.38
CA LYS B 281 11.15 1.41 14.24
C LYS B 281 11.71 -0.01 14.17
N PRO B 282 11.39 -0.79 13.11
CA PRO B 282 12.01 -2.09 12.90
C PRO B 282 13.53 -1.99 12.83
N PRO B 283 14.29 -2.97 13.38
CA PRO B 283 13.73 -4.20 13.94
C PRO B 283 13.33 -4.15 15.43
N PHE B 284 13.23 -2.95 16.02
CA PHE B 284 13.05 -2.74 17.47
C PHE B 284 11.56 -2.79 17.84
N ASN B 285 10.70 -3.19 16.90
CA ASN B 285 9.29 -3.61 17.17
C ASN B 285 9.30 -5.01 17.78
N ASP B 286 10.38 -5.78 17.57
CA ASP B 286 10.59 -7.15 18.09
C ASP B 286 11.18 -7.09 19.50
N VAL B 287 10.50 -7.70 20.47
CA VAL B 287 10.88 -7.68 21.92
C VAL B 287 12.20 -8.44 22.14
N ARG B 288 12.50 -9.43 21.29
CA ARG B 288 13.73 -10.27 21.39
C ARG B 288 14.96 -9.42 21.05
N VAL B 289 14.89 -8.65 19.96
CA VAL B 289 15.97 -7.72 19.51
C VAL B 289 16.20 -6.66 20.59
N ARG B 290 15.11 -6.08 21.11
CA ARG B 290 15.13 -5.08 22.20
C ARG B 290 15.83 -5.66 23.44
N THR B 291 15.45 -6.88 23.83
CA THR B 291 15.99 -7.59 25.04
C THR B 291 17.49 -7.82 24.85
N ALA B 292 17.91 -8.20 23.64
CA ALA B 292 19.33 -8.45 23.28
C ALA B 292 20.16 -7.17 23.50
N LEU B 293 19.63 -6.00 23.12
CA LEU B 293 20.31 -4.69 23.32
C LEU B 293 20.43 -4.40 24.82
N LYS B 294 19.36 -4.65 25.58
CA LYS B 294 19.29 -4.39 27.04
C LYS B 294 20.40 -5.17 27.75
N LEU B 295 20.48 -6.48 27.50
CA LEU B 295 21.42 -7.42 28.17
C LEU B 295 22.85 -7.19 27.65
N GLY B 296 23.00 -6.98 26.34
CA GLY B 296 24.30 -6.84 25.64
C GLY B 296 25.09 -5.63 26.11
N MET B 297 24.43 -4.65 26.74
CA MET B 297 25.07 -3.47 27.38
C MET B 297 25.69 -3.90 28.72
N ASP B 298 26.98 -3.62 28.91
CA ASP B 298 27.72 -3.87 30.18
C ASP B 298 27.73 -2.57 30.99
N ARG B 299 26.89 -2.50 32.03
CA ARG B 299 26.66 -1.28 32.86
C ARG B 299 27.87 -1.03 33.76
N ASP B 300 28.56 -2.09 34.19
CA ASP B 300 29.68 -2.03 35.17
C ASP B 300 30.91 -1.41 34.51
N ILE B 301 31.17 -1.71 33.23
CA ILE B 301 32.24 -1.07 32.43
C ILE B 301 31.91 0.42 32.29
N ILE B 302 30.69 0.74 31.85
CA ILE B 302 30.19 2.13 31.61
C ILE B 302 30.23 2.94 32.92
N VAL B 303 29.70 2.37 34.01
CA VAL B 303 29.58 3.04 35.34
C VAL B 303 30.99 3.33 35.90
N ASN B 304 31.98 2.52 35.57
CA ASN B 304 33.37 2.66 36.08
C ASN B 304 34.18 3.66 35.23
N LYS B 305 33.60 4.14 34.13
CA LYS B 305 34.14 5.31 33.37
C LYS B 305 33.71 6.60 34.06
N VAL B 306 32.58 6.56 34.79
CA VAL B 306 32.04 7.70 35.61
C VAL B 306 32.12 7.35 37.10
N LYS B 307 33.03 6.44 37.47
CA LYS B 307 33.22 5.93 38.86
C LYS B 307 33.35 7.10 39.84
N ALA B 308 34.14 8.11 39.46
CA ALA B 308 34.51 9.29 40.30
C ALA B 308 33.25 10.01 40.81
N GLN B 309 32.22 10.14 39.97
CA GLN B 309 30.93 10.80 40.31
C GLN B 309 30.11 9.90 41.25
N GLY B 310 30.29 8.58 41.14
CA GLY B 310 29.70 7.57 42.05
C GLY B 310 28.30 7.17 41.62
N ASN B 311 28.05 7.10 40.31
CA ASN B 311 26.75 6.68 39.71
C ASN B 311 26.51 5.20 40.02
N MET B 312 25.27 4.84 40.36
CA MET B 312 24.84 3.43 40.62
C MET B 312 24.32 2.83 39.32
N PRO B 313 24.70 1.57 38.98
CA PRO B 313 24.19 0.91 37.77
C PRO B 313 22.66 0.74 37.80
N ALA B 314 22.00 1.00 36.66
CA ALA B 314 20.53 1.06 36.51
C ALA B 314 19.99 -0.29 36.02
N TYR B 315 18.92 -0.78 36.66
CA TYR B 315 18.23 -2.07 36.32
C TYR B 315 16.78 -1.80 35.89
N GLY B 316 16.36 -0.54 35.88
CA GLY B 316 14.98 -0.12 35.54
C GLY B 316 14.92 1.35 35.14
N TYR B 317 13.71 1.92 35.13
CA TYR B 317 13.43 3.30 34.63
C TYR B 317 13.32 4.27 35.80
N THR B 318 12.36 4.02 36.71
CA THR B 318 12.14 4.82 37.95
C THR B 318 13.34 4.60 38.88
N PRO B 319 14.02 5.68 39.34
CA PRO B 319 15.04 5.55 40.38
C PRO B 319 14.46 4.88 41.62
N PRO B 320 15.15 3.87 42.20
CA PRO B 320 14.63 3.15 43.36
C PRO B 320 14.62 3.96 44.66
N TYR B 321 15.29 5.12 44.68
CA TYR B 321 15.31 6.08 45.82
C TYR B 321 14.20 7.13 45.63
N THR B 322 13.37 6.99 44.58
CA THR B 322 12.12 7.77 44.36
C THR B 322 11.18 7.51 45.54
N ASP B 323 10.56 8.56 46.08
CA ASP B 323 9.65 8.49 47.26
C ASP B 323 8.37 7.73 46.86
N GLY B 324 8.21 6.51 47.39
CA GLY B 324 7.07 5.62 47.12
C GLY B 324 7.41 4.50 46.15
N ALA B 325 8.69 4.09 46.09
CA ALA B 325 9.20 3.02 45.20
C ALA B 325 9.94 1.96 46.02
N LYS B 326 9.41 0.73 46.03
CA LYS B 326 10.10 -0.49 46.53
C LYS B 326 10.38 -1.40 45.32
N LEU B 327 11.32 -1.00 44.46
CA LEU B 327 11.61 -1.69 43.18
C LEU B 327 12.38 -2.99 43.47
N THR B 328 12.19 -4.00 42.61
CA THR B 328 12.87 -5.31 42.64
C THR B 328 13.83 -5.39 41.45
N GLN B 329 15.05 -5.88 41.67
CA GLN B 329 16.07 -6.09 40.61
C GLN B 329 15.69 -7.32 39.80
N PRO B 330 15.69 -7.26 38.44
CA PRO B 330 15.36 -8.42 37.63
C PRO B 330 16.48 -9.47 37.65
N GLU B 331 16.12 -10.74 37.42
CA GLU B 331 17.03 -11.92 37.50
C GLU B 331 18.26 -11.70 36.62
N TRP B 332 18.11 -11.07 35.45
CA TRP B 332 19.19 -10.86 34.46
C TRP B 332 20.26 -9.89 35.00
N PHE B 333 19.89 -9.03 35.96
CA PHE B 333 20.82 -8.06 36.60
C PHE B 333 21.81 -8.83 37.50
N GLY B 334 21.39 -9.99 38.01
CA GLY B 334 22.20 -10.88 38.87
C GLY B 334 23.20 -11.71 38.09
N TRP B 335 22.95 -11.96 36.80
CA TRP B 335 23.80 -12.80 35.92
C TRP B 335 25.17 -12.13 35.72
N SER B 336 26.16 -12.90 35.25
CA SER B 336 27.44 -12.39 34.71
C SER B 336 27.18 -11.78 33.32
N GLN B 337 28.10 -10.95 32.82
CA GLN B 337 27.95 -10.24 31.53
C GLN B 337 28.02 -11.23 30.36
N GLU B 338 28.89 -12.25 30.47
CA GLU B 338 29.11 -13.26 29.39
C GLU B 338 27.88 -14.19 29.28
N LYS B 339 27.02 -14.25 30.31
CA LYS B 339 25.73 -14.98 30.26
C LYS B 339 24.68 -14.09 29.58
N ARG B 340 24.63 -12.80 29.94
CA ARG B 340 23.75 -11.79 29.29
C ARG B 340 24.02 -11.77 27.78
N ASN B 341 25.31 -11.81 27.40
CA ASN B 341 25.78 -11.74 25.98
C ASN B 341 25.28 -12.97 25.21
N GLU B 342 25.46 -14.18 25.76
CA GLU B 342 25.01 -15.46 25.16
C GLU B 342 23.49 -15.39 24.91
N GLU B 343 22.72 -15.05 25.94
CA GLU B 343 21.23 -14.97 25.89
C GLU B 343 20.80 -13.91 24.87
N ALA B 344 21.57 -12.83 24.73
CA ALA B 344 21.30 -11.73 23.78
C ALA B 344 21.51 -12.20 22.33
N LYS B 345 22.63 -12.87 22.07
CA LYS B 345 23.00 -13.40 20.72
C LYS B 345 21.99 -14.47 20.28
N LYS B 346 21.49 -15.27 21.23
CA LYS B 346 20.42 -16.28 21.00
C LYS B 346 19.14 -15.57 20.57
N LEU B 347 18.69 -14.56 21.33
CA LEU B 347 17.43 -13.81 21.09
C LEU B 347 17.50 -13.09 19.74
N LEU B 348 18.66 -12.51 19.39
CA LEU B 348 18.92 -11.88 18.07
C LEU B 348 18.78 -12.92 16.95
N ALA B 349 19.37 -14.10 17.14
CA ALA B 349 19.41 -15.21 16.15
C ALA B 349 17.99 -15.73 15.89
N GLU B 350 17.11 -15.73 16.90
CA GLU B 350 15.68 -16.11 16.78
C GLU B 350 14.99 -15.16 15.79
N ALA B 351 15.28 -13.86 15.88
CA ALA B 351 14.67 -12.79 15.05
C ALA B 351 15.34 -12.73 13.67
N GLY B 352 16.43 -13.49 13.47
CA GLY B 352 17.08 -13.68 12.16
C GLY B 352 18.26 -12.75 11.94
N TYR B 353 18.88 -12.28 13.03
CA TYR B 353 20.09 -11.41 13.01
C TYR B 353 21.25 -12.17 13.67
N THR B 354 22.24 -12.56 12.86
CA THR B 354 23.38 -13.44 13.23
C THR B 354 24.69 -12.70 12.93
N ALA B 355 25.83 -13.35 13.21
CA ALA B 355 27.18 -12.89 12.84
C ALA B 355 27.27 -12.72 11.31
N ASP B 356 26.74 -13.68 10.55
CA ASP B 356 26.83 -13.75 9.07
C ASP B 356 25.94 -12.68 8.43
N LYS B 357 24.71 -12.50 8.95
CA LYS B 357 23.75 -11.44 8.52
C LYS B 357 23.58 -10.45 9.66
N PRO B 358 24.52 -9.47 9.83
CA PRO B 358 24.60 -8.66 11.04
C PRO B 358 23.62 -7.48 11.07
N LEU B 359 23.35 -6.97 12.28
CA LEU B 359 22.44 -5.82 12.53
C LEU B 359 23.26 -4.54 12.59
N THR B 360 22.86 -3.51 11.83
CA THR B 360 23.49 -2.17 11.78
C THR B 360 22.45 -1.13 12.19
N ILE B 361 22.71 -0.39 13.28
CA ILE B 361 21.78 0.60 13.90
C ILE B 361 22.49 1.96 13.99
N ASN B 362 21.73 3.03 14.19
CA ASN B 362 22.24 4.41 14.38
C ASN B 362 21.92 4.86 15.81
N LEU B 363 22.96 5.11 16.62
CA LEU B 363 22.84 5.63 18.00
C LEU B 363 22.86 7.16 17.97
N LEU B 364 21.69 7.78 18.13
CA LEU B 364 21.53 9.26 18.19
C LEU B 364 21.88 9.74 19.60
N TYR B 365 22.54 10.91 19.71
CA TYR B 365 22.87 11.59 20.98
C TYR B 365 22.97 13.10 20.74
N ASN B 366 22.60 13.90 21.75
CA ASN B 366 22.70 15.39 21.69
C ASN B 366 24.15 15.80 21.98
N THR B 367 24.66 16.80 21.25
CA THR B 367 26.08 17.28 21.31
C THR B 367 26.51 17.39 22.77
N SER B 368 27.62 16.72 23.13
CA SER B 368 28.13 16.63 24.52
C SER B 368 29.41 15.77 24.55
N ASP B 369 30.38 16.16 25.38
CA ASP B 369 31.66 15.43 25.58
C ASP B 369 31.38 14.14 26.36
N LEU B 370 30.49 14.20 27.36
CA LEU B 370 30.06 13.03 28.18
C LEU B 370 29.37 12.01 27.27
N HIS B 371 28.34 12.45 26.53
CA HIS B 371 27.44 11.57 25.71
C HIS B 371 28.23 10.93 24.56
N LYS B 372 29.14 11.68 23.94
CA LYS B 372 30.00 11.20 22.82
C LYS B 372 30.94 10.09 23.33
N LYS B 373 31.55 10.30 24.50
CA LYS B 373 32.50 9.34 25.14
C LYS B 373 31.76 8.03 25.46
N LEU B 374 30.61 8.11 26.13
CA LEU B 374 29.81 6.93 26.58
C LEU B 374 29.15 6.25 25.37
N ALA B 375 28.86 7.00 24.30
CA ALA B 375 28.26 6.48 23.05
C ALA B 375 29.29 5.64 22.30
N ILE B 376 30.53 6.13 22.17
CA ILE B 376 31.68 5.39 21.59
C ILE B 376 31.89 4.09 22.37
N ALA B 377 31.79 4.16 23.70
CA ALA B 377 31.94 3.01 24.63
C ALA B 377 30.81 2.01 24.38
N ALA B 378 29.56 2.47 24.45
CA ALA B 378 28.34 1.66 24.23
C ALA B 378 28.41 0.97 22.86
N SER B 379 28.78 1.74 21.81
CA SER B 379 28.96 1.28 20.41
C SER B 379 29.96 0.12 20.37
N SER B 380 31.07 0.25 21.09
CA SER B 380 32.17 -0.77 21.16
C SER B 380 31.70 -2.00 21.94
N LEU B 381 31.05 -1.79 23.09
CA LEU B 381 30.52 -2.89 23.96
C LEU B 381 29.54 -3.76 23.14
N TRP B 382 28.55 -3.13 22.51
CA TRP B 382 27.51 -3.81 21.69
C TRP B 382 28.15 -4.62 20.55
N LYS B 383 29.27 -4.14 19.99
CA LYS B 383 29.99 -4.81 18.87
C LYS B 383 30.68 -6.07 19.38
N LYS B 384 31.41 -5.98 20.50
CA LYS B 384 32.18 -7.12 21.09
C LYS B 384 31.22 -8.12 21.73
N ASN B 385 30.16 -7.64 22.39
CA ASN B 385 29.29 -8.45 23.28
C ASN B 385 28.28 -9.25 22.44
N ILE B 386 27.54 -8.59 21.53
CA ILE B 386 26.38 -9.20 20.81
C ILE B 386 26.50 -9.03 19.29
N GLY B 387 27.61 -8.46 18.79
CA GLY B 387 27.92 -8.35 17.35
C GLY B 387 26.92 -7.48 16.61
N VAL B 388 26.52 -6.35 17.21
CA VAL B 388 25.63 -5.33 16.58
C VAL B 388 26.49 -4.11 16.19
N ASN B 389 26.50 -3.74 14.91
CA ASN B 389 27.22 -2.53 14.40
C ASN B 389 26.42 -1.29 14.81
N VAL B 390 27.08 -0.32 15.46
CA VAL B 390 26.44 0.92 15.98
C VAL B 390 27.22 2.14 15.45
N LYS B 391 26.60 2.91 14.55
CA LYS B 391 27.11 4.20 14.03
C LYS B 391 26.55 5.34 14.88
N LEU B 392 27.36 6.36 15.13
CA LEU B 392 27.02 7.52 16.02
C LEU B 392 26.52 8.69 15.16
N VAL B 393 25.33 9.21 15.49
CA VAL B 393 24.74 10.45 14.91
C VAL B 393 24.57 11.46 16.04
N ASN B 394 25.06 12.69 15.86
CA ASN B 394 24.92 13.79 16.86
C ASN B 394 24.13 14.93 16.24
N GLN B 395 23.21 15.52 17.03
CA GLN B 395 22.35 16.67 16.65
C GLN B 395 22.28 17.64 17.83
N GLU B 396 22.00 18.92 17.57
CA GLU B 396 21.85 19.95 18.63
C GLU B 396 20.57 19.65 19.42
N TRP B 397 20.52 20.11 20.67
CA TRP B 397 19.51 19.79 21.71
C TRP B 397 18.08 19.88 21.14
N LYS B 398 17.74 20.96 20.42
CA LYS B 398 16.38 21.21 19.87
C LYS B 398 16.02 20.10 18.87
N THR B 399 16.86 19.91 17.85
CA THR B 399 16.68 18.92 16.75
C THR B 399 16.59 17.51 17.35
N PHE B 400 17.51 17.19 18.26
CA PHE B 400 17.59 15.90 19.01
C PHE B 400 16.21 15.54 19.57
N LEU B 401 15.57 16.47 20.30
CA LEU B 401 14.25 16.25 20.97
C LEU B 401 13.15 16.08 19.91
N ASP B 402 13.17 16.89 18.84
CA ASP B 402 12.20 16.83 17.72
C ASP B 402 12.30 15.44 17.07
N THR B 403 13.50 15.05 16.65
CA THR B 403 13.84 13.76 15.98
C THR B 403 13.22 12.58 16.76
N ARG B 404 13.27 12.61 18.09
CA ARG B 404 12.80 11.52 18.97
C ARG B 404 11.27 11.47 18.98
N HIS B 405 10.60 12.63 18.95
CA HIS B 405 9.12 12.75 18.88
C HIS B 405 8.62 12.26 17.52
N GLN B 406 9.29 12.67 16.43
CA GLN B 406 8.95 12.28 15.04
C GLN B 406 9.19 10.78 14.85
N GLY B 407 10.08 10.17 15.64
CA GLY B 407 10.41 8.73 15.59
C GLY B 407 11.36 8.41 14.43
N THR B 408 12.22 9.37 14.08
CA THR B 408 13.16 9.31 12.92
C THR B 408 14.32 8.34 13.20
N PHE B 409 14.52 7.98 14.48
CA PHE B 409 15.78 7.40 15.02
C PHE B 409 15.61 5.89 15.29
N ASP B 410 16.74 5.20 15.52
CA ASP B 410 16.80 3.77 15.90
C ASP B 410 16.88 3.66 17.42
N VAL B 411 18.01 4.10 17.99
CA VAL B 411 18.28 4.13 19.46
C VAL B 411 18.88 5.50 19.78
N ALA B 412 18.37 6.16 20.83
CA ALA B 412 18.82 7.50 21.27
C ALA B 412 19.36 7.41 22.70
N ARG B 413 20.52 8.04 22.95
CA ARG B 413 20.97 8.39 24.32
C ARG B 413 19.84 9.19 24.97
N ALA B 414 19.32 8.72 26.11
CA ALA B 414 18.16 9.32 26.79
C ALA B 414 18.49 9.62 28.25
N GLY B 415 17.70 10.49 28.86
CA GLY B 415 17.80 10.89 30.28
C GLY B 415 16.51 11.55 30.73
N TRP B 416 15.77 10.90 31.64
CA TRP B 416 14.54 11.46 32.24
C TRP B 416 14.82 11.91 33.68
N CYS B 417 14.41 13.13 34.03
CA CYS B 417 14.43 13.68 35.41
C CYS B 417 12.98 13.83 35.90
N ALA B 418 12.71 13.34 37.11
CA ALA B 418 11.39 13.43 37.77
C ALA B 418 10.96 14.90 37.83
N ASP B 419 9.71 15.18 37.42
CA ASP B 419 9.07 16.52 37.52
C ASP B 419 8.54 16.71 38.95
N TYR B 420 8.14 15.61 39.60
CA TYR B 420 7.68 15.53 41.01
C TYR B 420 8.12 14.20 41.61
N ASN B 421 8.46 14.19 42.91
CA ASN B 421 9.05 13.02 43.62
C ASN B 421 7.95 11.98 43.87
N GLU B 422 7.56 11.25 42.81
CA GLU B 422 6.56 10.15 42.85
C GLU B 422 6.73 9.31 41.59
N PRO B 423 6.74 7.95 41.69
CA PRO B 423 7.08 7.11 40.53
C PRO B 423 6.30 7.35 39.23
N THR B 424 5.08 7.91 39.32
CA THR B 424 4.22 8.22 38.15
C THR B 424 4.88 9.29 37.27
N SER B 425 5.70 10.16 37.87
CA SER B 425 6.50 11.20 37.15
C SER B 425 7.34 10.54 36.06
N PHE B 426 7.85 9.33 36.32
CA PHE B 426 8.59 8.47 35.35
C PHE B 426 7.60 7.61 34.56
N LEU B 427 6.90 6.71 35.25
CA LEU B 427 6.12 5.58 34.66
C LEU B 427 5.08 6.09 33.67
N ASN B 428 4.47 7.26 33.92
CA ASN B 428 3.36 7.82 33.09
C ASN B 428 3.89 8.23 31.70
N THR B 429 5.20 8.36 31.52
CA THR B 429 5.84 8.72 30.21
C THR B 429 5.80 7.52 29.25
N MET B 430 5.59 6.31 29.77
CA MET B 430 5.54 5.06 28.97
C MET B 430 4.09 4.63 28.71
N LEU B 431 3.11 5.41 29.19
CA LEU B 431 1.67 5.25 28.81
C LEU B 431 1.55 5.45 27.29
N SER B 432 0.73 4.62 26.63
CA SER B 432 0.52 4.62 25.15
C SER B 432 0.22 6.04 24.66
N ASN B 433 -0.57 6.80 25.43
CA ASN B 433 -1.21 8.08 25.02
C ASN B 433 -0.40 9.29 25.51
N SER B 434 0.72 9.09 26.20
CA SER B 434 1.54 10.17 26.81
C SER B 434 2.25 10.96 25.70
N SER B 435 2.25 12.29 25.82
CA SER B 435 2.91 13.24 24.89
C SER B 435 4.43 13.19 25.06
N MET B 436 4.92 12.57 26.14
CA MET B 436 6.36 12.49 26.51
C MET B 436 6.92 11.11 26.15
N ASN B 437 6.13 10.25 25.49
CA ASN B 437 6.52 8.85 25.14
C ASN B 437 7.34 8.88 23.84
N THR B 438 8.61 9.27 23.95
CA THR B 438 9.59 9.30 22.83
C THR B 438 10.12 7.89 22.56
N ALA B 439 9.70 6.95 23.38
CA ALA B 439 10.09 5.55 23.20
C ALA B 439 9.17 4.92 22.18
N HIS B 440 7.95 5.46 22.07
CA HIS B 440 6.83 4.95 21.23
C HIS B 440 6.44 3.58 21.75
N TYR B 441 6.49 3.40 23.06
CA TYR B 441 6.22 2.13 23.74
C TYR B 441 4.73 2.01 24.04
N LYS B 442 4.05 1.08 23.40
CA LYS B 442 2.59 0.86 23.58
C LYS B 442 2.34 -0.57 24.08
N SER B 443 2.03 -0.70 25.37
CA SER B 443 1.60 -1.96 26.04
C SER B 443 0.28 -1.71 26.77
N PRO B 444 -0.87 -2.21 26.24
CA PRO B 444 -2.13 -2.19 26.99
C PRO B 444 -2.02 -2.72 28.43
N ALA B 445 -1.17 -3.73 28.66
CA ALA B 445 -0.93 -4.35 29.98
C ALA B 445 -0.33 -3.31 30.94
N PHE B 446 0.70 -2.58 30.49
CA PHE B 446 1.39 -1.53 31.28
C PHE B 446 0.39 -0.42 31.63
N ASP B 447 -0.36 0.07 30.63
CA ASP B 447 -1.45 1.08 30.79
C ASP B 447 -2.45 0.59 31.84
N SER B 448 -2.83 -0.69 31.77
CA SER B 448 -3.84 -1.34 32.66
C SER B 448 -3.35 -1.34 34.12
N ILE B 449 -2.06 -1.60 34.33
CA ILE B 449 -1.41 -1.59 35.68
C ILE B 449 -1.43 -0.16 36.23
N MET B 450 -1.12 0.83 35.40
CA MET B 450 -1.00 2.26 35.79
C MET B 450 -2.38 2.84 36.12
N ALA B 451 -3.42 2.43 35.39
CA ALA B 451 -4.84 2.79 35.65
C ALA B 451 -5.24 2.25 37.03
N GLU B 452 -4.74 1.07 37.40
CA GLU B 452 -5.07 0.35 38.67
C GLU B 452 -4.61 1.16 39.89
N THR B 453 -3.52 1.94 39.74
CA THR B 453 -2.86 2.69 40.85
C THR B 453 -3.83 3.69 41.48
N LEU B 454 -4.82 4.17 40.71
CA LEU B 454 -5.77 5.24 41.12
C LEU B 454 -7.03 4.63 41.77
N LYS B 455 -7.19 3.31 41.74
CA LYS B 455 -8.36 2.57 42.29
C LYS B 455 -7.90 1.76 43.52
N VAL B 456 -6.84 2.23 44.17
CA VAL B 456 -6.14 1.54 45.30
C VAL B 456 -6.81 1.95 46.62
N THR B 457 -6.62 1.16 47.69
CA THR B 457 -7.19 1.40 49.04
C THR B 457 -6.15 2.12 49.91
N ASP B 458 -4.90 1.62 49.95
CA ASP B 458 -3.78 2.19 50.73
C ASP B 458 -2.55 2.36 49.83
N GLU B 459 -1.54 3.11 50.29
CA GLU B 459 -0.32 3.49 49.51
C GLU B 459 0.59 2.29 49.33
N ALA B 460 0.52 1.29 50.22
CA ALA B 460 1.33 0.04 50.17
C ALA B 460 1.04 -0.70 48.86
N GLN B 461 -0.24 -0.79 48.47
CA GLN B 461 -0.72 -1.41 47.21
C GLN B 461 -0.23 -0.59 46.01
N ARG B 462 -0.32 0.74 46.10
CA ARG B 462 0.09 1.71 45.04
C ARG B 462 1.57 1.50 44.70
N THR B 463 2.41 1.32 45.73
CA THR B 463 3.86 1.07 45.63
C THR B 463 4.10 -0.27 44.92
N ALA B 464 3.34 -1.31 45.28
CA ALA B 464 3.42 -2.67 44.71
C ALA B 464 3.03 -2.64 43.22
N LEU B 465 2.00 -1.86 42.87
CA LEU B 465 1.51 -1.72 41.47
C LEU B 465 2.56 -1.02 40.60
N TYR B 466 3.35 -0.09 41.18
CA TYR B 466 4.46 0.61 40.49
C TYR B 466 5.59 -0.37 40.18
N THR B 467 5.88 -1.29 41.12
CA THR B 467 6.92 -2.34 40.97
C THR B 467 6.51 -3.30 39.83
N LYS B 468 5.22 -3.60 39.71
CA LYS B 468 4.65 -4.51 38.68
C LYS B 468 4.78 -3.86 37.29
N ALA B 469 4.62 -2.53 37.21
CA ALA B 469 4.77 -1.73 35.97
C ALA B 469 6.25 -1.74 35.53
N GLU B 470 7.16 -1.50 36.47
CA GLU B 470 8.64 -1.57 36.25
C GLU B 470 9.03 -2.96 35.75
N GLN B 471 8.38 -4.00 36.27
CA GLN B 471 8.59 -5.43 35.87
C GLN B 471 8.11 -5.62 34.43
N GLN B 472 6.92 -5.11 34.09
CA GLN B 472 6.31 -5.25 32.75
C GLN B 472 7.16 -4.49 31.72
N LEU B 473 7.55 -3.26 32.07
CA LEU B 473 8.44 -2.39 31.25
C LEU B 473 9.75 -3.14 30.95
N ASP B 474 10.31 -3.79 31.97
CA ASP B 474 11.57 -4.58 31.90
C ASP B 474 11.36 -5.81 31.00
N LYS B 475 10.30 -6.59 31.24
CA LYS B 475 9.96 -7.83 30.48
C LYS B 475 9.79 -7.49 28.99
N ASP B 476 9.26 -6.30 28.69
CA ASP B 476 9.02 -5.81 27.30
C ASP B 476 10.27 -5.07 26.78
N SER B 477 11.31 -4.93 27.62
CA SER B 477 12.59 -4.25 27.29
C SER B 477 12.31 -2.99 26.47
N ALA B 478 11.55 -2.05 27.04
CA ALA B 478 11.15 -0.76 26.42
C ALA B 478 12.39 0.10 26.18
N ILE B 479 13.37 0.00 27.08
CA ILE B 479 14.59 0.86 27.11
C ILE B 479 15.80 0.01 27.50
N VAL B 480 16.99 0.60 27.43
CA VAL B 480 18.27 0.03 27.95
C VAL B 480 18.71 0.90 29.13
N PRO B 481 18.33 0.56 30.38
CA PRO B 481 18.83 1.27 31.56
C PRO B 481 20.36 1.19 31.62
N VAL B 482 21.03 2.32 31.93
CA VAL B 482 22.52 2.39 32.03
C VAL B 482 22.92 2.73 33.46
N TYR B 483 22.69 3.97 33.93
CA TYR B 483 23.02 4.40 35.31
C TYR B 483 22.01 5.45 35.80
N TYR B 484 21.81 5.48 37.12
CA TYR B 484 21.04 6.52 37.85
C TYR B 484 21.97 7.72 38.10
N TYR B 485 21.50 8.92 37.74
CA TYR B 485 22.29 10.18 37.78
C TYR B 485 22.73 10.52 39.21
N VAL B 486 23.71 11.40 39.31
CA VAL B 486 23.99 12.27 40.49
C VAL B 486 24.00 13.72 40.01
N ASN B 487 23.71 14.67 40.89
CA ASN B 487 23.76 16.13 40.61
C ASN B 487 25.16 16.63 40.94
N ALA B 488 26.08 16.53 39.96
CA ALA B 488 27.51 16.92 40.09
C ALA B 488 27.74 18.21 39.29
N ARG B 489 28.01 19.32 39.98
CA ARG B 489 28.41 20.62 39.35
C ARG B 489 29.42 21.35 40.23
N LEU B 490 30.15 22.29 39.62
CA LEU B 490 31.11 23.21 40.29
C LEU B 490 30.36 24.51 40.62
N VAL B 491 30.53 25.02 41.84
CA VAL B 491 29.86 26.25 42.35
C VAL B 491 30.90 27.08 43.11
N LYS B 492 31.21 28.29 42.60
CA LYS B 492 32.24 29.20 43.17
C LYS B 492 31.92 29.44 44.64
N PRO B 493 32.95 29.61 45.50
CA PRO B 493 32.73 29.66 46.95
C PRO B 493 31.94 30.88 47.43
N TRP B 494 31.79 31.91 46.57
CA TRP B 494 31.07 33.17 46.88
C TRP B 494 29.57 33.06 46.54
N VAL B 495 29.15 31.97 45.87
CA VAL B 495 27.71 31.71 45.54
C VAL B 495 27.07 30.99 46.73
N GLY B 496 26.15 31.66 47.43
CA GLY B 496 25.36 31.11 48.54
C GLY B 496 23.92 30.88 48.13
N GLY B 497 23.20 30.02 48.86
CA GLY B 497 21.78 29.69 48.61
C GLY B 497 21.60 28.34 47.94
N TYR B 498 22.69 27.76 47.44
CA TYR B 498 22.72 26.42 46.78
C TYR B 498 23.13 25.36 47.80
N THR B 499 22.15 24.60 48.31
CA THR B 499 22.33 23.53 49.32
C THR B 499 22.52 22.17 48.63
N GLY B 500 21.84 21.98 47.49
CA GLY B 500 21.89 20.74 46.69
C GLY B 500 21.07 19.62 47.29
N LYS B 501 20.16 19.95 48.22
CA LYS B 501 19.36 18.97 49.00
C LYS B 501 18.03 18.70 48.30
N ASP B 502 17.76 19.37 47.17
CA ASP B 502 16.57 19.15 46.30
C ASP B 502 16.91 18.08 45.28
N PRO B 503 16.34 16.86 45.38
CA PRO B 503 16.69 15.77 44.47
C PRO B 503 16.15 15.93 43.03
N LEU B 504 15.33 16.95 42.79
CA LEU B 504 14.84 17.34 41.43
C LEU B 504 15.72 18.47 40.87
N ASP B 505 16.53 19.11 41.72
CA ASP B 505 17.44 20.24 41.38
C ASP B 505 16.62 21.39 40.78
N ASN B 506 15.47 21.70 41.40
CA ASN B 506 14.59 22.85 41.03
C ASN B 506 15.02 24.07 41.85
N THR B 507 16.23 24.56 41.60
CA THR B 507 16.82 25.77 42.21
C THR B 507 16.22 27.01 41.53
N TYR B 508 16.19 28.14 42.24
CA TYR B 508 15.70 29.46 41.78
C TYR B 508 16.76 30.52 42.07
N THR B 509 17.04 31.41 41.09
CA THR B 509 18.02 32.52 41.22
C THR B 509 17.65 33.39 42.43
N ARG B 510 16.35 33.53 42.73
CA ARG B 510 15.82 34.38 43.83
C ARG B 510 16.28 33.87 45.19
N ASN B 511 16.63 32.58 45.30
CA ASN B 511 17.06 31.94 46.59
C ASN B 511 18.57 32.14 46.81
N MET B 512 19.28 32.69 45.83
CA MET B 512 20.77 32.76 45.83
C MET B 512 21.23 34.21 46.01
N TYR B 513 22.49 34.38 46.42
CA TYR B 513 23.15 35.68 46.74
C TYR B 513 24.66 35.52 46.55
N ILE B 514 25.35 36.65 46.31
CA ILE B 514 26.84 36.70 46.15
C ILE B 514 27.44 37.22 47.46
N VAL B 515 28.33 36.44 48.07
CA VAL B 515 29.16 36.83 49.25
C VAL B 515 30.33 37.67 48.74
N LYS B 516 30.84 38.59 49.56
CA LYS B 516 31.96 39.50 49.19
C LYS B 516 33.23 38.67 48.94
N HIS B 517 33.99 39.04 47.90
CA HIS B 517 35.26 38.39 47.49
C HIS B 517 36.17 39.41 46.80
N ALA C 1 -11.70 -20.36 -27.43
CA ALA C 1 -12.26 -21.69 -27.05
C ALA C 1 -12.02 -22.70 -28.17
N ASP C 2 -11.73 -23.95 -27.83
CA ASP C 2 -11.56 -25.08 -28.77
C ASP C 2 -12.70 -26.07 -28.53
N VAL C 3 -13.71 -26.05 -29.41
CA VAL C 3 -14.93 -26.90 -29.35
C VAL C 3 -14.61 -28.26 -29.98
N PRO C 4 -14.73 -29.39 -29.23
CA PRO C 4 -14.46 -30.71 -29.79
C PRO C 4 -15.38 -31.05 -30.97
N ALA C 5 -14.85 -31.73 -31.99
CA ALA C 5 -15.59 -32.25 -33.16
C ALA C 5 -16.71 -33.19 -32.66
N GLY C 6 -17.93 -33.02 -33.17
CA GLY C 6 -19.11 -33.85 -32.83
C GLY C 6 -19.96 -33.23 -31.73
N VAL C 7 -19.45 -32.20 -31.03
CA VAL C 7 -20.20 -31.43 -29.99
C VAL C 7 -21.10 -30.40 -30.69
N THR C 8 -22.39 -30.43 -30.39
CA THR C 8 -23.42 -29.50 -30.93
C THR C 8 -23.54 -28.30 -29.99
N LEU C 9 -23.22 -27.09 -30.48
CA LEU C 9 -23.32 -25.83 -29.71
C LEU C 9 -24.79 -25.40 -29.63
N ALA C 10 -25.20 -24.82 -28.50
CA ALA C 10 -26.55 -24.24 -28.28
C ALA C 10 -26.70 -22.98 -29.11
N GLU C 11 -27.95 -22.61 -29.44
CA GLU C 11 -28.29 -21.40 -30.23
C GLU C 11 -27.92 -20.16 -29.41
N LYS C 12 -28.24 -20.15 -28.12
CA LYS C 12 -27.91 -19.05 -27.17
C LYS C 12 -26.58 -19.36 -26.48
N GLN C 13 -25.55 -18.55 -26.74
CA GLN C 13 -24.21 -18.66 -26.11
C GLN C 13 -24.08 -17.58 -25.03
N THR C 14 -24.87 -17.74 -23.96
CA THR C 14 -24.83 -16.89 -22.74
C THR C 14 -24.31 -17.73 -21.56
N LEU C 15 -23.73 -17.06 -20.56
CA LEU C 15 -23.13 -17.70 -19.36
C LEU C 15 -23.39 -16.80 -18.13
N VAL C 16 -24.00 -17.34 -17.09
CA VAL C 16 -24.17 -16.66 -15.77
C VAL C 16 -23.24 -17.36 -14.77
N ARG C 17 -22.47 -16.58 -14.00
CA ARG C 17 -21.66 -17.12 -12.89
C ARG C 17 -21.57 -16.10 -11.74
N ASN C 18 -21.30 -16.60 -10.53
CA ASN C 18 -21.19 -15.79 -9.29
C ASN C 18 -19.73 -15.42 -9.08
N ASN C 19 -19.46 -14.13 -8.85
CA ASN C 19 -18.12 -13.55 -8.62
C ASN C 19 -17.82 -13.52 -7.11
N GLY C 20 -18.85 -13.65 -6.28
CA GLY C 20 -18.72 -13.82 -4.82
C GLY C 20 -18.95 -12.52 -4.04
N SER C 21 -18.79 -11.36 -4.69
CA SER C 21 -18.92 -10.02 -4.06
C SER C 21 -18.92 -8.91 -5.13
N GLU C 22 -19.33 -7.71 -4.72
CA GLU C 22 -19.31 -6.47 -5.56
C GLU C 22 -17.85 -5.99 -5.67
N VAL C 23 -17.35 -5.88 -6.91
CA VAL C 23 -15.91 -5.59 -7.22
C VAL C 23 -15.56 -4.19 -6.71
N GLN C 24 -14.31 -4.02 -6.23
CA GLN C 24 -13.71 -2.71 -5.87
C GLN C 24 -13.87 -1.74 -7.05
N SER C 25 -13.50 -2.18 -8.26
CA SER C 25 -13.35 -1.36 -9.47
C SER C 25 -13.21 -2.26 -10.70
N LEU C 26 -13.42 -1.70 -11.91
CA LEU C 26 -13.08 -2.35 -13.20
C LEU C 26 -11.80 -1.72 -13.77
N ASP C 27 -11.20 -0.77 -13.04
CA ASP C 27 -9.86 -0.20 -13.33
C ASP C 27 -8.80 -1.19 -12.90
N PRO C 28 -8.01 -1.77 -13.84
CA PRO C 28 -6.97 -2.74 -13.48
C PRO C 28 -5.93 -2.29 -12.43
N HIS C 29 -5.76 -0.97 -12.22
CA HIS C 29 -4.77 -0.40 -11.27
C HIS C 29 -5.43 -0.04 -9.93
N LYS C 30 -6.66 -0.49 -9.69
CA LYS C 30 -7.45 -0.14 -8.47
C LYS C 30 -8.03 -1.42 -7.84
N ILE C 31 -7.44 -2.59 -8.13
CA ILE C 31 -7.98 -3.91 -7.73
C ILE C 31 -6.87 -4.77 -7.10
N GLU C 32 -7.23 -5.62 -6.14
CA GLU C 32 -6.33 -6.57 -5.45
C GLU C 32 -7.01 -7.91 -5.17
N GLY C 33 -8.30 -8.05 -5.51
CA GLY C 33 -9.12 -9.24 -5.17
C GLY C 33 -9.30 -10.16 -6.37
N VAL C 34 -9.59 -11.43 -6.11
CA VAL C 34 -9.83 -12.49 -7.14
C VAL C 34 -11.11 -12.15 -7.91
N PRO C 35 -12.20 -11.69 -7.26
CA PRO C 35 -13.40 -11.29 -7.98
C PRO C 35 -13.11 -10.20 -9.03
N GLU C 36 -12.34 -9.18 -8.65
CA GLU C 36 -11.93 -8.07 -9.55
C GLU C 36 -11.20 -8.66 -10.77
N SER C 37 -10.26 -9.58 -10.52
CA SER C 37 -9.40 -10.23 -11.53
C SER C 37 -10.26 -10.99 -12.55
N ASN C 38 -11.26 -11.73 -12.07
CA ASN C 38 -12.14 -12.61 -12.89
C ASN C 38 -12.79 -11.80 -14.02
N ILE C 39 -13.24 -10.57 -13.72
CA ILE C 39 -13.90 -9.66 -14.71
C ILE C 39 -12.83 -8.97 -15.56
N SER C 40 -11.72 -8.55 -14.95
CA SER C 40 -10.60 -7.84 -15.63
C SER C 40 -10.02 -8.70 -16.76
N ARG C 41 -9.94 -10.02 -16.55
CA ARG C 41 -9.30 -10.98 -17.50
C ARG C 41 -10.14 -11.10 -18.77
N ASP C 42 -11.45 -10.80 -18.71
CA ASP C 42 -12.37 -10.80 -19.88
C ASP C 42 -12.32 -9.43 -20.57
N LEU C 43 -12.14 -8.35 -19.81
CA LEU C 43 -12.19 -6.94 -20.31
C LEU C 43 -10.82 -6.52 -20.85
N PHE C 44 -9.74 -6.79 -20.12
CA PHE C 44 -8.36 -6.34 -20.44
C PHE C 44 -7.44 -7.56 -20.55
N GLU C 45 -6.49 -7.49 -21.50
CA GLU C 45 -5.52 -8.58 -21.81
C GLU C 45 -4.11 -8.01 -21.84
N GLY C 46 -3.22 -8.51 -20.96
CA GLY C 46 -1.81 -8.09 -20.87
C GLY C 46 -0.96 -8.74 -21.94
N LEU C 47 0.35 -8.83 -21.69
CA LEU C 47 1.35 -9.36 -22.66
C LEU C 47 1.17 -10.88 -22.77
N LEU C 48 1.01 -11.55 -21.64
CA LEU C 48 0.79 -13.03 -21.55
C LEU C 48 -0.57 -13.28 -20.91
N VAL C 49 -1.12 -14.48 -21.11
CA VAL C 49 -2.35 -15.00 -20.46
C VAL C 49 -2.03 -16.41 -19.92
N SER C 50 -2.87 -16.95 -19.05
CA SER C 50 -2.80 -18.34 -18.53
C SER C 50 -3.55 -19.26 -19.50
N ASP C 51 -2.84 -20.27 -20.03
CA ASP C 51 -3.51 -21.33 -20.82
C ASP C 51 -4.29 -22.23 -19.84
N LEU C 52 -4.95 -23.26 -20.37
CA LEU C 52 -5.80 -24.18 -19.56
C LEU C 52 -5.05 -24.89 -18.42
N ASP C 53 -3.75 -25.14 -18.57
CA ASP C 53 -2.98 -25.82 -17.49
C ASP C 53 -2.26 -24.78 -16.61
N GLY C 54 -2.53 -23.50 -16.84
CA GLY C 54 -1.94 -22.41 -16.03
C GLY C 54 -0.56 -21.98 -16.48
N HIS C 55 -0.13 -22.38 -17.68
CA HIS C 55 1.22 -22.01 -18.19
C HIS C 55 1.16 -20.66 -18.91
N PRO C 56 2.13 -19.74 -18.68
CA PRO C 56 2.16 -18.45 -19.37
C PRO C 56 2.05 -18.66 -20.89
N ALA C 57 0.98 -18.13 -21.49
CA ALA C 57 0.76 -18.28 -22.95
C ALA C 57 0.74 -16.90 -23.61
N PRO C 58 0.97 -16.80 -24.94
CA PRO C 58 0.98 -15.52 -25.64
C PRO C 58 -0.35 -14.75 -25.67
N GLY C 59 -0.34 -13.52 -25.15
CA GLY C 59 -1.51 -12.62 -25.17
C GLY C 59 -1.31 -11.54 -26.23
N VAL C 60 -1.22 -10.27 -25.83
CA VAL C 60 -0.93 -9.17 -26.79
C VAL C 60 0.45 -9.43 -27.41
N ALA C 61 1.38 -9.96 -26.61
CA ALA C 61 2.70 -10.46 -27.05
C ALA C 61 2.53 -11.82 -27.74
N GLU C 62 2.93 -11.93 -29.01
CA GLU C 62 2.84 -13.17 -29.83
C GLU C 62 4.11 -14.01 -29.62
N SER C 63 5.26 -13.34 -29.46
CA SER C 63 6.58 -13.94 -29.13
C SER C 63 7.33 -12.97 -28.22
N TRP C 64 8.34 -13.46 -27.48
CA TRP C 64 9.20 -12.63 -26.61
C TRP C 64 10.62 -13.21 -26.52
N ASP C 65 11.56 -12.35 -26.13
CA ASP C 65 13.01 -12.66 -25.97
C ASP C 65 13.41 -12.30 -24.53
N ASN C 66 14.59 -12.74 -24.10
CA ASN C 66 15.22 -12.29 -22.83
C ASN C 66 16.73 -12.49 -22.91
N LYS C 67 17.49 -11.56 -22.33
CA LYS C 67 18.98 -11.62 -22.23
C LYS C 67 19.35 -11.65 -20.74
N ASP C 68 19.81 -12.81 -20.25
CA ASP C 68 20.22 -13.02 -18.84
C ASP C 68 19.01 -12.83 -17.92
N ALA C 69 17.79 -13.04 -18.42
CA ALA C 69 16.51 -12.81 -17.73
C ALA C 69 16.48 -11.40 -17.11
N LYS C 70 17.15 -10.44 -17.78
CA LYS C 70 17.41 -9.06 -17.26
C LYS C 70 16.75 -8.03 -18.19
N VAL C 71 16.89 -8.21 -19.51
CA VAL C 71 16.26 -7.36 -20.57
C VAL C 71 15.30 -8.23 -21.36
N TRP C 72 13.99 -7.98 -21.22
CA TRP C 72 12.89 -8.72 -21.90
C TRP C 72 12.32 -7.85 -23.02
N THR C 73 12.27 -8.40 -24.24
CA THR C 73 11.69 -7.74 -25.45
C THR C 73 10.45 -8.53 -25.88
N PHE C 74 9.27 -7.92 -25.77
CA PHE C 74 7.96 -8.52 -26.15
C PHE C 74 7.55 -7.99 -27.52
N HIS C 75 7.31 -8.91 -28.47
CA HIS C 75 6.84 -8.63 -29.85
C HIS C 75 5.31 -8.71 -29.87
N LEU C 76 4.65 -7.56 -29.93
CA LEU C 76 3.17 -7.43 -29.86
C LEU C 76 2.59 -7.73 -31.25
N ARG C 77 1.53 -8.55 -31.33
CA ARG C 77 0.86 -8.92 -32.61
C ARG C 77 0.24 -7.67 -33.21
N LYS C 78 0.13 -7.61 -34.54
CA LYS C 78 -0.20 -6.38 -35.30
C LYS C 78 -1.72 -6.26 -35.52
N ASP C 79 -2.50 -7.29 -35.13
CA ASP C 79 -3.98 -7.29 -35.20
C ASP C 79 -4.57 -7.11 -33.78
N ALA C 80 -3.75 -6.71 -32.81
CA ALA C 80 -4.16 -6.37 -31.43
C ALA C 80 -4.85 -5.00 -31.45
N LYS C 81 -6.11 -4.94 -31.00
CA LYS C 81 -6.99 -3.75 -31.15
C LYS C 81 -7.79 -3.50 -29.87
N TRP C 82 -8.01 -2.22 -29.54
CA TRP C 82 -8.97 -1.74 -28.50
C TRP C 82 -10.40 -1.88 -29.04
N SER C 83 -11.40 -1.66 -28.18
CA SER C 83 -12.84 -1.75 -28.51
C SER C 83 -13.29 -0.61 -29.43
N ASP C 84 -12.50 0.47 -29.50
CA ASP C 84 -12.78 1.67 -30.34
C ASP C 84 -12.13 1.52 -31.72
N GLY C 85 -11.38 0.44 -31.95
CA GLY C 85 -10.79 0.10 -33.26
C GLY C 85 -9.31 0.45 -33.35
N THR C 86 -8.81 1.30 -32.44
CA THR C 86 -7.40 1.76 -32.40
C THR C 86 -6.50 0.57 -32.03
N PRO C 87 -5.28 0.48 -32.58
CA PRO C 87 -4.39 -0.64 -32.29
C PRO C 87 -3.77 -0.56 -30.88
N VAL C 88 -3.58 -1.73 -30.25
CA VAL C 88 -2.87 -1.89 -28.95
C VAL C 88 -1.36 -1.81 -29.23
N THR C 89 -0.68 -0.78 -28.69
CA THR C 89 0.73 -0.47 -28.98
C THR C 89 1.57 -0.65 -27.71
N ALA C 90 2.89 -0.75 -27.87
CA ALA C 90 3.88 -0.81 -26.77
C ALA C 90 3.70 0.41 -25.85
N GLN C 91 3.48 1.59 -26.44
CA GLN C 91 3.31 2.88 -25.73
C GLN C 91 2.17 2.78 -24.71
N ASP C 92 1.11 2.03 -25.03
CA ASP C 92 -0.03 1.78 -24.11
C ASP C 92 0.48 1.13 -22.83
N PHE C 93 1.38 0.14 -22.96
CA PHE C 93 1.98 -0.62 -21.84
C PHE C 93 2.93 0.28 -21.04
N VAL C 94 3.70 1.14 -21.72
CA VAL C 94 4.60 2.14 -21.07
C VAL C 94 3.75 3.00 -20.13
N TYR C 95 2.73 3.67 -20.68
CA TYR C 95 1.78 4.53 -19.94
C TYR C 95 1.12 3.73 -18.80
N SER C 96 0.58 2.55 -19.12
CA SER C 96 -0.19 1.68 -18.18
C SER C 96 0.68 1.29 -16.98
N TRP C 97 1.91 0.82 -17.22
CA TRP C 97 2.85 0.35 -16.17
C TRP C 97 3.36 1.55 -15.37
N GLN C 98 3.64 2.67 -16.04
CA GLN C 98 4.02 3.96 -15.41
C GLN C 98 2.91 4.40 -14.44
N ARG C 99 1.64 4.26 -14.85
CA ARG C 99 0.45 4.66 -14.05
C ARG C 99 0.36 3.78 -12.79
N SER C 100 0.61 2.47 -12.94
CA SER C 100 0.44 1.46 -11.86
C SER C 100 1.33 1.80 -10.66
N VAL C 101 2.53 2.37 -10.91
CA VAL C 101 3.57 2.62 -9.88
C VAL C 101 3.54 4.09 -9.43
N ASP C 102 2.68 4.92 -10.04
CA ASP C 102 2.55 6.36 -9.72
C ASP C 102 1.89 6.51 -8.35
N PRO C 103 2.56 7.16 -7.36
CA PRO C 103 1.95 7.43 -6.07
C PRO C 103 0.52 7.99 -6.15
N ASN C 104 0.25 8.82 -7.15
CA ASN C 104 -1.04 9.53 -7.36
C ASN C 104 -2.15 8.54 -7.74
N THR C 105 -1.80 7.43 -8.41
CA THR C 105 -2.73 6.29 -8.69
C THR C 105 -3.07 5.60 -7.36
N ALA C 106 -2.10 5.50 -6.45
CA ALA C 106 -2.22 4.82 -5.14
C ALA C 106 -2.83 3.43 -5.34
N SER C 107 -2.27 2.67 -6.28
CA SER C 107 -2.71 1.28 -6.62
C SER C 107 -2.37 0.36 -5.46
N PRO C 108 -3.31 -0.52 -5.02
CA PRO C 108 -2.98 -1.55 -4.03
C PRO C 108 -1.97 -2.57 -4.58
N TYR C 109 -1.85 -2.66 -5.91
CA TYR C 109 -0.88 -3.51 -6.64
C TYR C 109 0.24 -2.66 -7.25
N ALA C 110 0.53 -1.52 -6.62
CA ALA C 110 1.62 -0.59 -7.02
C ALA C 110 2.97 -1.34 -7.02
N SER C 111 3.17 -2.23 -6.04
CA SER C 111 4.46 -2.93 -5.77
C SER C 111 4.59 -4.21 -6.62
N TYR C 112 3.60 -4.54 -7.45
CA TYR C 112 3.59 -5.80 -8.25
C TYR C 112 4.79 -5.83 -9.19
N LEU C 113 4.97 -4.79 -10.01
CA LEU C 113 6.08 -4.69 -11.00
C LEU C 113 7.43 -4.56 -10.26
N GLN C 114 7.43 -4.18 -8.98
CA GLN C 114 8.62 -4.20 -8.10
C GLN C 114 9.05 -5.65 -7.82
N TYR C 115 8.12 -6.61 -7.88
CA TYR C 115 8.40 -8.06 -7.72
C TYR C 115 9.19 -8.55 -8.95
N GLY C 116 8.94 -7.91 -10.07
CA GLY C 116 9.69 -8.20 -11.30
C GLY C 116 11.02 -7.48 -11.28
N HIS C 117 11.13 -6.51 -10.38
CA HIS C 117 12.33 -5.67 -10.14
C HIS C 117 12.69 -4.84 -11.36
N ILE C 118 11.71 -4.18 -11.97
CA ILE C 118 12.00 -3.30 -13.13
C ILE C 118 12.95 -2.18 -12.68
N ALA C 119 13.88 -1.85 -13.56
CA ALA C 119 14.89 -0.82 -13.28
C ALA C 119 14.28 0.51 -12.84
N GLY C 120 14.84 1.12 -11.80
CA GLY C 120 14.48 2.46 -11.30
C GLY C 120 13.14 2.51 -10.59
N ILE C 121 12.53 1.35 -10.29
CA ILE C 121 11.15 1.27 -9.71
C ILE C 121 11.18 1.67 -8.23
N ASP C 122 12.28 1.39 -7.53
CA ASP C 122 12.41 1.56 -6.05
C ASP C 122 12.16 3.02 -5.67
N GLU C 123 12.79 3.96 -6.39
CA GLU C 123 12.75 5.41 -6.08
C GLU C 123 11.46 6.03 -6.63
N ILE C 124 10.92 5.48 -7.72
CA ILE C 124 9.65 5.95 -8.37
C ILE C 124 8.47 5.72 -7.41
N LEU C 125 8.41 4.53 -6.79
CA LEU C 125 7.32 4.12 -5.87
C LEU C 125 7.30 5.01 -4.63
N GLU C 126 8.47 5.47 -4.16
CA GLU C 126 8.61 6.37 -2.98
C GLU C 126 8.37 7.83 -3.40
N GLY C 127 8.25 8.09 -4.71
CA GLY C 127 8.03 9.43 -5.28
C GLY C 127 9.27 10.30 -5.20
N LYS C 128 10.45 9.72 -5.39
CA LYS C 128 11.76 10.42 -5.40
C LYS C 128 12.14 10.79 -6.84
N LYS C 129 12.07 9.80 -7.76
CA LYS C 129 12.28 10.01 -9.22
C LYS C 129 10.94 9.98 -9.94
N PRO C 130 10.82 10.58 -11.14
CA PRO C 130 9.56 10.58 -11.89
C PRO C 130 9.25 9.22 -12.54
N ILE C 131 7.98 8.96 -12.83
CA ILE C 131 7.47 7.67 -13.40
C ILE C 131 8.09 7.42 -14.79
N THR C 132 8.48 8.47 -15.51
CA THR C 132 9.07 8.40 -16.88
C THR C 132 10.44 7.71 -16.85
N ASP C 133 11.05 7.57 -15.67
CA ASP C 133 12.38 6.92 -15.47
C ASP C 133 12.25 5.39 -15.42
N LEU C 134 11.03 4.84 -15.38
CA LEU C 134 10.78 3.38 -15.29
C LEU C 134 11.46 2.67 -16.46
N GLY C 135 12.02 1.49 -16.22
CA GLY C 135 12.81 0.71 -17.20
C GLY C 135 11.93 -0.08 -18.14
N VAL C 136 10.96 0.59 -18.77
CA VAL C 136 10.04 0.03 -19.81
C VAL C 136 9.91 1.11 -20.90
N LYS C 137 10.18 0.76 -22.17
CA LYS C 137 10.13 1.73 -23.29
C LYS C 137 9.59 1.07 -24.56
N ALA C 138 8.89 1.85 -25.38
CA ALA C 138 8.42 1.49 -26.74
C ALA C 138 9.58 1.64 -27.72
N ILE C 139 10.21 0.54 -28.12
CA ILE C 139 11.27 0.52 -29.18
C ILE C 139 10.60 0.76 -30.53
N ASP C 140 9.34 0.34 -30.68
CA ASP C 140 8.42 0.73 -31.78
C ASP C 140 6.99 0.41 -31.33
N ASP C 141 6.01 0.46 -32.23
CA ASP C 141 4.56 0.29 -31.91
C ASP C 141 4.28 -1.14 -31.43
N HIS C 142 5.05 -2.13 -31.91
CA HIS C 142 4.81 -3.58 -31.66
C HIS C 142 6.04 -4.23 -30.99
N THR C 143 6.88 -3.44 -30.32
CA THR C 143 8.13 -3.91 -29.63
C THR C 143 8.28 -3.18 -28.30
N LEU C 144 8.09 -3.90 -27.18
CA LEU C 144 8.21 -3.38 -25.79
C LEU C 144 9.45 -3.99 -25.13
N GLU C 145 10.40 -3.15 -24.70
CA GLU C 145 11.66 -3.56 -24.03
C GLU C 145 11.55 -3.24 -22.52
N VAL C 146 11.57 -4.27 -21.68
CA VAL C 146 11.56 -4.16 -20.20
C VAL C 146 12.97 -4.47 -19.68
N THR C 147 13.60 -3.50 -19.00
CA THR C 147 14.95 -3.61 -18.39
C THR C 147 14.80 -3.79 -16.88
N LEU C 148 15.43 -4.83 -16.32
CA LEU C 148 15.39 -5.17 -14.87
C LEU C 148 16.76 -4.85 -14.25
N SER C 149 16.78 -4.64 -12.92
CA SER C 149 17.99 -4.28 -12.14
C SER C 149 18.79 -5.55 -11.79
N GLU C 150 18.12 -6.70 -11.68
CA GLU C 150 18.75 -8.04 -11.45
C GLU C 150 18.10 -9.07 -12.37
N PRO C 151 18.70 -10.26 -12.55
CA PRO C 151 18.08 -11.33 -13.32
C PRO C 151 16.89 -11.97 -12.58
N VAL C 152 15.75 -12.09 -13.28
CA VAL C 152 14.47 -12.64 -12.74
C VAL C 152 13.86 -13.56 -13.80
N PRO C 153 14.23 -14.86 -13.83
CA PRO C 153 13.70 -15.79 -14.84
C PRO C 153 12.17 -15.99 -14.81
N TYR C 154 11.52 -15.70 -13.68
CA TYR C 154 10.06 -15.84 -13.48
C TYR C 154 9.33 -14.52 -13.74
N PHE C 155 10.01 -13.52 -14.34
CA PHE C 155 9.43 -12.19 -14.64
C PHE C 155 8.20 -12.33 -15.54
N TYR C 156 8.29 -13.20 -16.56
CA TYR C 156 7.25 -13.39 -17.61
C TYR C 156 5.98 -13.97 -17.00
N LYS C 157 6.08 -14.73 -15.91
CA LYS C 157 4.93 -15.37 -15.22
C LYS C 157 4.07 -14.31 -14.53
N LEU C 158 4.65 -13.14 -14.20
CA LEU C 158 3.93 -12.00 -13.57
C LEU C 158 2.91 -11.40 -14.54
N LEU C 159 3.18 -11.48 -15.86
CA LEU C 159 2.55 -10.61 -16.88
C LEU C 159 1.18 -11.15 -17.30
N VAL C 160 0.67 -12.18 -16.62
CA VAL C 160 -0.71 -12.71 -16.76
C VAL C 160 -1.67 -11.90 -15.89
N HIS C 161 -1.17 -11.25 -14.83
CA HIS C 161 -2.00 -10.58 -13.78
C HIS C 161 -2.65 -9.31 -14.32
N PRO C 162 -3.97 -9.13 -14.11
CA PRO C 162 -4.69 -7.95 -14.61
C PRO C 162 -4.02 -6.59 -14.37
N SER C 163 -3.36 -6.40 -13.21
CA SER C 163 -2.68 -5.14 -12.82
C SER C 163 -1.53 -4.83 -13.79
N THR C 164 -1.28 -5.75 -14.73
CA THR C 164 -0.24 -5.68 -15.79
C THR C 164 -0.90 -5.44 -17.16
N SER C 165 -2.23 -5.36 -17.23
CA SER C 165 -3.00 -5.14 -18.48
C SER C 165 -2.80 -3.71 -18.96
N PRO C 166 -2.97 -3.43 -20.28
CA PRO C 166 -2.98 -2.05 -20.77
C PRO C 166 -4.32 -1.38 -20.42
N VAL C 167 -4.29 -0.07 -20.19
CA VAL C 167 -5.49 0.77 -19.93
C VAL C 167 -5.44 1.97 -20.88
N PRO C 168 -6.60 2.43 -21.41
CA PRO C 168 -6.63 3.51 -22.40
C PRO C 168 -6.41 4.90 -21.79
N LYS C 169 -5.44 5.65 -22.33
CA LYS C 169 -5.00 6.98 -21.81
C LYS C 169 -6.11 8.02 -22.01
N ALA C 170 -6.63 8.14 -23.23
CA ALA C 170 -7.65 9.15 -23.63
C ALA C 170 -8.86 9.06 -22.69
N ALA C 171 -9.46 7.87 -22.59
CA ALA C 171 -10.65 7.58 -21.77
C ALA C 171 -10.41 7.97 -20.31
N ILE C 172 -9.28 7.55 -19.74
CA ILE C 172 -8.91 7.81 -18.31
C ILE C 172 -8.82 9.31 -18.07
N GLU C 173 -8.15 10.05 -18.95
CA GLU C 173 -7.86 11.50 -18.79
C GLU C 173 -9.10 12.34 -19.08
N LYS C 174 -10.07 11.83 -19.84
CA LYS C 174 -11.34 12.51 -20.15
C LYS C 174 -12.33 12.31 -18.99
N PHE C 175 -12.46 11.07 -18.50
CA PHE C 175 -13.59 10.62 -17.65
C PHE C 175 -13.17 10.35 -16.20
N GLY C 176 -11.86 10.39 -15.88
CA GLY C 176 -11.34 10.06 -14.54
C GLY C 176 -11.87 8.72 -14.06
N GLU C 177 -12.45 8.66 -12.85
CA GLU C 177 -12.99 7.42 -12.23
C GLU C 177 -14.15 6.84 -13.06
N LYS C 178 -14.85 7.68 -13.84
CA LYS C 178 -16.05 7.28 -14.62
C LYS C 178 -15.63 6.60 -15.95
N TRP C 179 -14.33 6.32 -16.15
CA TRP C 179 -13.81 5.77 -17.43
C TRP C 179 -14.25 4.32 -17.61
N THR C 180 -14.65 3.64 -16.53
CA THR C 180 -15.10 2.21 -16.55
C THR C 180 -16.62 2.10 -16.64
N GLN C 181 -17.33 3.22 -16.88
CA GLN C 181 -18.81 3.23 -17.08
C GLN C 181 -19.12 2.62 -18.45
N PRO C 182 -20.20 1.82 -18.59
CA PRO C 182 -20.56 1.18 -19.85
C PRO C 182 -20.34 2.00 -21.13
N GLY C 183 -20.71 3.29 -21.11
CA GLY C 183 -20.68 4.17 -22.29
C GLY C 183 -19.29 4.71 -22.59
N ASN C 184 -18.36 4.65 -21.63
CA ASN C 184 -17.04 5.33 -21.70
C ASN C 184 -15.90 4.31 -21.87
N ILE C 185 -15.99 3.14 -21.25
CA ILE C 185 -14.86 2.16 -21.13
C ILE C 185 -14.39 1.74 -22.53
N VAL C 186 -13.08 1.55 -22.67
CA VAL C 186 -12.38 1.06 -23.90
C VAL C 186 -11.51 -0.13 -23.48
N THR C 187 -11.76 -1.30 -24.08
CA THR C 187 -11.23 -2.62 -23.63
C THR C 187 -10.43 -3.26 -24.76
N ASN C 188 -9.45 -4.11 -24.43
CA ASN C 188 -8.64 -4.89 -25.41
C ASN C 188 -8.82 -6.39 -25.17
N GLY C 189 -9.68 -6.79 -24.23
CA GLY C 189 -9.99 -8.20 -23.93
C GLY C 189 -10.99 -8.76 -24.94
N ALA C 190 -11.42 -10.01 -24.74
CA ALA C 190 -12.39 -10.73 -25.60
C ALA C 190 -13.80 -10.16 -25.40
N TYR C 191 -14.00 -9.33 -24.36
CA TYR C 191 -15.32 -8.78 -23.95
C TYR C 191 -15.17 -7.29 -23.60
N THR C 192 -16.29 -6.56 -23.69
CA THR C 192 -16.44 -5.16 -23.23
C THR C 192 -17.62 -5.09 -22.26
N LEU C 193 -17.81 -3.96 -21.59
CA LEU C 193 -18.88 -3.75 -20.58
C LEU C 193 -20.18 -3.39 -21.31
N LYS C 194 -21.24 -4.16 -21.07
CA LYS C 194 -22.62 -3.87 -21.56
C LYS C 194 -23.41 -3.17 -20.45
N ASP C 195 -23.40 -3.73 -19.24
CA ASP C 195 -24.19 -3.21 -18.08
C ASP C 195 -23.43 -3.47 -16.78
N TRP C 196 -23.56 -2.54 -15.82
CA TRP C 196 -23.02 -2.64 -14.44
C TRP C 196 -24.05 -2.03 -13.47
N VAL C 197 -24.78 -2.89 -12.76
CA VAL C 197 -25.76 -2.52 -11.69
C VAL C 197 -25.17 -2.99 -10.36
N VAL C 198 -24.81 -2.04 -9.49
CA VAL C 198 -24.07 -2.28 -8.21
C VAL C 198 -24.92 -3.19 -7.32
N ASN C 199 -24.34 -4.30 -6.85
CA ASN C 199 -24.96 -5.30 -5.92
C ASN C 199 -26.02 -6.14 -6.64
N GLU C 200 -26.02 -6.16 -7.97
CA GLU C 200 -27.01 -6.92 -8.79
C GLU C 200 -26.28 -7.77 -9.84
N ARG C 201 -25.57 -7.14 -10.78
CA ARG C 201 -24.88 -7.86 -11.90
C ARG C 201 -23.89 -6.94 -12.63
N ILE C 202 -22.86 -7.54 -13.20
CA ILE C 202 -22.00 -6.97 -14.28
C ILE C 202 -22.19 -7.85 -15.52
N VAL C 203 -22.69 -7.27 -16.63
CA VAL C 203 -22.93 -7.98 -17.92
C VAL C 203 -21.84 -7.54 -18.90
N LEU C 204 -21.06 -8.50 -19.43
CA LEU C 204 -20.07 -8.28 -20.52
C LEU C 204 -20.64 -8.89 -21.82
N GLU C 205 -20.22 -8.33 -22.95
CA GLU C 205 -20.63 -8.84 -24.28
C GLU C 205 -19.38 -8.99 -25.13
N ARG C 206 -19.36 -10.00 -26.00
CA ARG C 206 -18.20 -10.31 -26.86
C ARG C 206 -17.74 -9.09 -27.68
N SER C 207 -16.46 -8.78 -27.58
CA SER C 207 -15.90 -7.64 -28.35
C SER C 207 -15.36 -8.16 -29.68
N PRO C 208 -15.86 -7.72 -30.85
CA PRO C 208 -15.40 -8.27 -32.12
C PRO C 208 -14.09 -7.66 -32.64
N THR C 209 -13.58 -6.65 -31.92
CA THR C 209 -12.31 -5.96 -32.27
C THR C 209 -11.13 -6.74 -31.68
N TYR C 210 -11.42 -7.70 -30.79
CA TYR C 210 -10.43 -8.58 -30.14
C TYR C 210 -9.73 -9.43 -31.19
N TRP C 211 -8.40 -9.49 -31.12
CA TRP C 211 -7.52 -10.14 -32.12
C TRP C 211 -7.88 -11.60 -32.37
N ASN C 212 -8.36 -12.28 -31.34
CA ASN C 212 -8.70 -13.72 -31.35
C ASN C 212 -10.19 -13.90 -31.08
N ASN C 213 -11.02 -13.01 -31.63
CA ASN C 213 -12.51 -13.10 -31.56
C ASN C 213 -12.98 -14.35 -32.30
N ALA C 214 -12.27 -14.74 -33.37
CA ALA C 214 -12.52 -15.93 -34.20
C ALA C 214 -12.74 -17.17 -33.32
N LYS C 215 -12.03 -17.26 -32.19
CA LYS C 215 -12.02 -18.44 -31.28
C LYS C 215 -12.94 -18.22 -30.07
N THR C 216 -13.46 -17.01 -29.86
CA THR C 216 -14.48 -16.71 -28.82
C THR C 216 -15.81 -17.33 -29.26
N VAL C 217 -16.57 -17.90 -28.31
CA VAL C 217 -17.89 -18.57 -28.55
C VAL C 217 -18.98 -17.86 -27.75
N ILE C 218 -18.78 -17.67 -26.43
CA ILE C 218 -19.77 -17.02 -25.51
C ILE C 218 -19.96 -15.57 -25.98
N ASN C 219 -21.21 -15.20 -26.32
CA ASN C 219 -21.59 -13.86 -26.82
C ASN C 219 -21.80 -12.91 -25.64
N GLN C 220 -22.33 -13.42 -24.52
CA GLN C 220 -22.64 -12.62 -23.30
C GLN C 220 -22.34 -13.44 -22.04
N VAL C 221 -21.72 -12.81 -21.03
CA VAL C 221 -21.47 -13.41 -19.70
C VAL C 221 -21.92 -12.43 -18.61
N THR C 222 -22.59 -12.94 -17.57
CA THR C 222 -23.07 -12.18 -16.39
C THR C 222 -22.30 -12.63 -15.15
N TYR C 223 -21.75 -11.67 -14.39
CA TYR C 223 -21.09 -11.88 -13.07
C TYR C 223 -21.99 -11.33 -11.96
N LEU C 224 -22.37 -12.17 -11.00
CA LEU C 224 -23.24 -11.80 -9.85
C LEU C 224 -22.36 -11.59 -8.61
N PRO C 225 -22.69 -10.63 -7.72
CA PRO C 225 -21.88 -10.37 -6.52
C PRO C 225 -22.43 -10.98 -5.23
N ILE C 226 -22.83 -12.25 -5.28
CA ILE C 226 -23.55 -12.96 -4.16
C ILE C 226 -22.52 -13.45 -3.14
N ALA C 227 -22.50 -12.83 -1.95
CA ALA C 227 -21.57 -13.13 -0.85
C ALA C 227 -21.92 -14.46 -0.18
N SER C 228 -23.23 -14.74 -0.03
CA SER C 228 -23.76 -15.97 0.60
C SER C 228 -23.49 -17.18 -0.31
N GLU C 229 -22.69 -18.14 0.18
CA GLU C 229 -22.32 -19.38 -0.55
C GLU C 229 -23.55 -20.29 -0.67
N VAL C 230 -24.44 -20.25 0.33
CA VAL C 230 -25.71 -21.03 0.37
C VAL C 230 -26.62 -20.54 -0.77
N THR C 231 -26.85 -19.23 -0.85
CA THR C 231 -27.70 -18.56 -1.88
C THR C 231 -27.13 -18.87 -3.27
N ASP C 232 -25.81 -18.76 -3.44
CA ASP C 232 -25.08 -19.08 -4.70
C ASP C 232 -25.46 -20.49 -5.17
N VAL C 233 -25.35 -21.47 -4.26
CA VAL C 233 -25.65 -22.92 -4.51
C VAL C 233 -27.14 -23.09 -4.84
N ASN C 234 -28.03 -22.42 -4.10
CA ASN C 234 -29.51 -22.54 -4.27
C ASN C 234 -29.93 -21.96 -5.62
N ARG C 235 -29.38 -20.81 -6.01
CA ARG C 235 -29.67 -20.13 -7.30
C ARG C 235 -29.09 -20.95 -8.46
N TYR C 236 -27.98 -21.67 -8.24
CA TYR C 236 -27.39 -22.64 -9.20
C TYR C 236 -28.36 -23.82 -9.38
N ARG C 237 -28.90 -24.35 -8.26
CA ARG C 237 -29.84 -25.48 -8.23
C ARG C 237 -31.15 -25.10 -8.93
N SER C 238 -31.57 -23.83 -8.80
CA SER C 238 -32.80 -23.27 -9.40
C SER C 238 -32.63 -23.09 -10.93
N GLY C 239 -31.40 -23.23 -11.43
CA GLY C 239 -31.07 -23.24 -12.87
C GLY C 239 -30.77 -21.85 -13.40
N GLU C 240 -30.47 -20.90 -12.51
CA GLU C 240 -30.29 -19.45 -12.82
C GLU C 240 -28.80 -19.12 -12.94
N ILE C 241 -27.92 -19.88 -12.27
CA ILE C 241 -26.43 -19.71 -12.29
C ILE C 241 -25.81 -20.96 -12.94
N ASP C 242 -24.91 -20.76 -13.92
CA ASP C 242 -24.24 -21.85 -14.68
C ASP C 242 -22.98 -22.32 -13.94
N MET C 243 -22.26 -21.40 -13.28
CA MET C 243 -21.03 -21.71 -12.51
C MET C 243 -21.04 -20.94 -11.18
N THR C 244 -20.94 -21.65 -10.05
CA THR C 244 -20.85 -21.04 -8.69
C THR C 244 -19.47 -20.41 -8.50
N ASN C 245 -19.35 -19.49 -7.54
CA ASN C 245 -18.05 -19.02 -6.99
C ASN C 245 -17.35 -20.21 -6.34
N ASN C 246 -16.02 -20.21 -6.30
CA ASN C 246 -15.21 -21.32 -5.72
C ASN C 246 -15.08 -21.11 -4.20
N SER C 247 -16.21 -20.77 -3.55
CA SER C 247 -16.41 -20.77 -2.08
C SER C 247 -17.65 -21.60 -1.78
N MET C 248 -17.46 -22.84 -1.30
CA MET C 248 -18.55 -23.81 -1.06
C MET C 248 -19.04 -23.68 0.38
N PRO C 249 -20.36 -23.78 0.62
CA PRO C 249 -20.89 -23.81 1.97
C PRO C 249 -20.55 -25.17 2.60
N ILE C 250 -20.15 -25.17 3.87
CA ILE C 250 -19.69 -26.38 4.62
C ILE C 250 -20.77 -27.47 4.52
N GLU C 251 -22.05 -27.08 4.63
CA GLU C 251 -23.21 -27.97 4.85
C GLU C 251 -23.62 -28.66 3.54
N LEU C 252 -23.76 -27.89 2.45
CA LEU C 252 -24.46 -28.31 1.21
C LEU C 252 -23.50 -29.02 0.23
N PHE C 253 -22.22 -28.61 0.17
CA PHE C 253 -21.22 -29.18 -0.77
C PHE C 253 -21.27 -30.71 -0.74
N GLN C 254 -21.43 -31.28 0.46
CA GLN C 254 -21.35 -32.73 0.75
C GLN C 254 -22.54 -33.45 0.11
N LYS C 255 -23.74 -32.86 0.19
CA LYS C 255 -24.99 -33.44 -0.41
C LYS C 255 -24.87 -33.38 -1.95
N LEU C 256 -24.15 -32.40 -2.48
CA LEU C 256 -24.00 -32.15 -3.95
C LEU C 256 -22.92 -33.06 -4.54
N LYS C 257 -21.93 -33.48 -3.74
CA LYS C 257 -20.95 -34.53 -4.11
C LYS C 257 -21.71 -35.84 -4.39
N LYS C 258 -22.76 -36.12 -3.61
CA LYS C 258 -23.58 -37.35 -3.68
C LYS C 258 -24.51 -37.29 -4.91
N GLU C 259 -25.22 -36.18 -5.09
CA GLU C 259 -26.36 -36.05 -6.04
C GLU C 259 -25.86 -35.75 -7.46
N ILE C 260 -25.00 -34.74 -7.63
CA ILE C 260 -24.54 -34.24 -8.97
C ILE C 260 -23.02 -34.28 -9.05
N PRO C 261 -22.38 -35.46 -8.90
CA PRO C 261 -20.92 -35.57 -8.88
C PRO C 261 -20.24 -35.07 -10.17
N ASP C 262 -20.88 -35.29 -11.32
CA ASP C 262 -20.39 -34.89 -12.67
C ASP C 262 -20.19 -33.37 -12.72
N GLU C 263 -20.98 -32.61 -11.95
CA GLU C 263 -21.04 -31.12 -11.99
C GLU C 263 -20.10 -30.51 -10.94
N VAL C 264 -19.60 -31.31 -9.98
CA VAL C 264 -18.72 -30.86 -8.87
C VAL C 264 -17.26 -30.94 -9.32
N HIS C 265 -16.57 -29.80 -9.36
CA HIS C 265 -15.13 -29.66 -9.73
C HIS C 265 -14.31 -29.30 -8.50
N VAL C 266 -13.35 -30.16 -8.14
CA VAL C 266 -12.37 -29.94 -7.03
C VAL C 266 -10.96 -30.11 -7.61
N ASP C 267 -10.14 -29.07 -7.58
CA ASP C 267 -8.81 -29.02 -8.22
C ASP C 267 -7.81 -28.30 -7.33
N PRO C 268 -6.49 -28.55 -7.50
CA PRO C 268 -5.46 -27.82 -6.77
C PRO C 268 -5.63 -26.29 -6.91
N TYR C 269 -5.41 -25.55 -5.81
CA TYR C 269 -5.58 -24.07 -5.73
C TYR C 269 -4.47 -23.51 -4.84
N LEU C 270 -3.63 -22.63 -5.41
CA LEU C 270 -2.46 -22.02 -4.71
C LEU C 270 -2.91 -20.79 -3.91
N CYS C 271 -3.77 -21.02 -2.92
CA CYS C 271 -4.26 -20.00 -1.94
C CYS C 271 -4.17 -20.58 -0.53
N THR C 272 -3.91 -19.71 0.47
CA THR C 272 -3.81 -20.06 1.91
C THR C 272 -4.87 -19.27 2.69
N TYR C 273 -5.75 -19.98 3.40
CA TYR C 273 -6.70 -19.43 4.40
C TYR C 273 -5.91 -19.21 5.71
N TYR C 274 -6.01 -18.02 6.29
CA TYR C 274 -5.30 -17.64 7.54
C TYR C 274 -6.01 -16.46 8.21
N TYR C 275 -5.70 -16.26 9.50
CA TYR C 275 -6.15 -15.09 10.31
C TYR C 275 -4.98 -14.11 10.37
N GLU C 276 -5.12 -13.01 9.63
CA GLU C 276 -4.09 -11.95 9.47
C GLU C 276 -4.04 -11.12 10.75
N ILE C 277 -2.84 -10.99 11.34
CA ILE C 277 -2.58 -10.14 12.54
C ILE C 277 -2.13 -8.76 12.04
N ASN C 278 -2.76 -7.69 12.54
CA ASN C 278 -2.27 -6.29 12.41
C ASN C 278 -1.04 -6.16 13.32
N ASN C 279 0.15 -6.24 12.73
CA ASN C 279 1.45 -6.33 13.47
C ASN C 279 1.76 -5.01 14.20
N GLN C 280 1.08 -3.90 13.84
CA GLN C 280 1.36 -2.55 14.41
C GLN C 280 0.22 -2.10 15.35
N LYS C 281 -0.81 -2.92 15.55
CA LYS C 281 -1.91 -2.65 16.51
C LYS C 281 -1.59 -3.35 17.83
N PRO C 282 -1.30 -2.60 18.92
CA PRO C 282 -1.10 -3.22 20.23
C PRO C 282 -2.33 -4.00 20.65
N PRO C 283 -2.20 -5.18 21.31
CA PRO C 283 -0.90 -5.71 21.74
C PRO C 283 -0.14 -6.60 20.74
N PHE C 284 -0.51 -6.58 19.46
CA PHE C 284 0.01 -7.50 18.41
C PHE C 284 1.30 -6.94 17.79
N ASN C 285 1.87 -5.89 18.38
CA ASN C 285 3.25 -5.42 18.11
C ASN C 285 4.23 -6.31 18.88
N ASP C 286 3.73 -7.06 19.88
CA ASP C 286 4.50 -8.01 20.73
C ASP C 286 4.44 -9.40 20.09
N VAL C 287 5.61 -9.98 19.79
CA VAL C 287 5.76 -11.28 19.08
C VAL C 287 5.26 -12.44 19.96
N ARG C 288 5.30 -12.28 21.28
CA ARG C 288 4.86 -13.32 22.26
C ARG C 288 3.34 -13.48 22.16
N VAL C 289 2.60 -12.37 22.13
CA VAL C 289 1.11 -12.34 21.99
C VAL C 289 0.73 -12.97 20.64
N ARG C 290 1.37 -12.51 19.56
CA ARG C 290 1.16 -13.02 18.17
C ARG C 290 1.36 -14.53 18.13
N THR C 291 2.43 -15.03 18.74
CA THR C 291 2.81 -16.47 18.77
C THR C 291 1.73 -17.26 19.53
N ALA C 292 1.17 -16.67 20.60
CA ALA C 292 0.11 -17.27 21.43
C ALA C 292 -1.16 -17.50 20.59
N LEU C 293 -1.52 -16.52 19.75
CA LEU C 293 -2.65 -16.61 18.79
C LEU C 293 -2.40 -17.75 17.79
N LYS C 294 -1.18 -17.81 17.25
CA LYS C 294 -0.78 -18.81 16.22
C LYS C 294 -0.95 -20.22 16.77
N LEU C 295 -0.41 -20.48 17.95
CA LEU C 295 -0.40 -21.83 18.61
C LEU C 295 -1.80 -22.17 19.13
N GLY C 296 -2.47 -21.19 19.76
CA GLY C 296 -3.79 -21.35 20.42
C GLY C 296 -4.89 -21.74 19.44
N MET C 297 -4.71 -21.47 18.14
CA MET C 297 -5.63 -21.90 17.05
C MET C 297 -5.48 -23.41 16.84
N ASP C 298 -6.59 -24.15 16.86
CA ASP C 298 -6.65 -25.61 16.56
C ASP C 298 -7.08 -25.79 15.10
N ARG C 299 -6.12 -26.08 14.22
CA ARG C 299 -6.32 -26.19 12.75
C ARG C 299 -7.14 -27.44 12.43
N ASP C 300 -6.91 -28.54 13.16
CA ASP C 300 -7.54 -29.87 12.92
C ASP C 300 -9.05 -29.77 13.11
N ILE C 301 -9.50 -29.12 14.18
CA ILE C 301 -10.95 -28.86 14.47
C ILE C 301 -11.55 -28.03 13.32
N ILE C 302 -10.85 -26.97 12.91
CA ILE C 302 -11.28 -26.02 11.82
C ILE C 302 -11.32 -26.76 10.49
N VAL C 303 -10.25 -27.48 10.16
CA VAL C 303 -10.07 -28.21 8.86
C VAL C 303 -11.11 -29.34 8.76
N ASN C 304 -11.56 -29.89 9.89
CA ASN C 304 -12.56 -30.99 9.95
C ASN C 304 -13.94 -30.50 9.50
N LYS C 305 -14.20 -29.18 9.57
CA LYS C 305 -15.46 -28.56 9.06
C LYS C 305 -15.45 -28.63 7.54
N VAL C 306 -14.28 -28.44 6.91
CA VAL C 306 -14.09 -28.45 5.43
C VAL C 306 -13.36 -29.74 5.00
N LYS C 307 -13.56 -30.83 5.76
CA LYS C 307 -12.89 -32.16 5.58
C LYS C 307 -13.25 -32.74 4.21
N ALA C 308 -14.52 -32.64 3.82
CA ALA C 308 -15.09 -33.22 2.57
C ALA C 308 -14.33 -32.70 1.35
N GLN C 309 -14.05 -31.39 1.31
CA GLN C 309 -13.38 -30.70 0.17
C GLN C 309 -11.90 -31.11 0.10
N GLY C 310 -11.31 -31.52 1.22
CA GLY C 310 -9.95 -32.08 1.30
C GLY C 310 -8.90 -30.98 1.45
N ASN C 311 -9.20 -29.94 2.23
CA ASN C 311 -8.24 -28.85 2.60
C ASN C 311 -7.23 -29.40 3.60
N MET C 312 -5.94 -29.17 3.36
CA MET C 312 -4.83 -29.60 4.26
C MET C 312 -4.57 -28.51 5.30
N PRO C 313 -4.26 -28.85 6.56
CA PRO C 313 -3.91 -27.85 7.57
C PRO C 313 -2.65 -27.06 7.18
N ALA C 314 -2.64 -25.76 7.49
CA ALA C 314 -1.59 -24.79 7.07
C ALA C 314 -0.61 -24.56 8.23
N TYR C 315 0.69 -24.68 7.95
CA TYR C 315 1.81 -24.48 8.92
C TYR C 315 2.67 -23.29 8.49
N GLY C 316 2.28 -22.61 7.41
CA GLY C 316 3.05 -21.49 6.80
C GLY C 316 2.16 -20.64 5.92
N TYR C 317 2.76 -19.79 5.08
CA TYR C 317 2.06 -18.80 4.22
C TYR C 317 2.02 -19.33 2.78
N THR C 318 3.17 -19.53 2.16
CA THR C 318 3.32 -20.10 0.79
C THR C 318 2.82 -21.54 0.81
N PRO C 319 1.85 -21.91 -0.06
CA PRO C 319 1.47 -23.30 -0.24
C PRO C 319 2.70 -24.16 -0.57
N PRO C 320 2.87 -25.33 0.11
CA PRO C 320 4.05 -26.18 -0.12
C PRO C 320 4.06 -26.91 -1.47
N TYR C 321 2.93 -26.89 -2.18
CA TYR C 321 2.77 -27.47 -3.55
C TYR C 321 2.99 -26.36 -4.60
N THR C 322 3.38 -25.16 -4.16
CA THR C 322 3.87 -24.04 -5.02
C THR C 322 5.11 -24.53 -5.78
N ASP C 323 5.20 -24.24 -7.08
CA ASP C 323 6.37 -24.58 -7.94
C ASP C 323 7.57 -23.75 -7.46
N GLY C 324 8.61 -24.43 -6.98
CA GLY C 324 9.86 -23.81 -6.47
C GLY C 324 9.88 -23.73 -4.95
N ALA C 325 8.93 -24.39 -4.28
CA ALA C 325 8.80 -24.46 -2.80
C ALA C 325 9.03 -25.90 -2.33
N LYS C 326 10.01 -26.09 -1.44
CA LYS C 326 10.17 -27.32 -0.63
C LYS C 326 10.24 -26.88 0.83
N LEU C 327 9.07 -26.63 1.42
CA LEU C 327 8.88 -26.01 2.76
C LEU C 327 9.05 -27.08 3.84
N THR C 328 9.55 -26.67 5.00
CA THR C 328 9.75 -27.50 6.21
C THR C 328 8.71 -27.11 7.26
N GLN C 329 8.04 -28.10 7.85
CA GLN C 329 7.04 -27.89 8.93
C GLN C 329 7.78 -27.43 10.19
N PRO C 330 7.30 -26.37 10.89
CA PRO C 330 7.91 -25.95 12.15
C PRO C 330 7.62 -26.96 13.26
N GLU C 331 8.48 -26.99 14.29
CA GLU C 331 8.44 -27.99 15.40
C GLU C 331 7.10 -27.92 16.14
N TRP C 332 6.49 -26.72 16.23
CA TRP C 332 5.22 -26.50 16.97
C TRP C 332 4.05 -27.19 16.28
N PHE C 333 4.14 -27.44 14.97
CA PHE C 333 3.12 -28.14 14.16
C PHE C 333 3.11 -29.63 14.51
N GLY C 334 4.22 -30.15 15.04
CA GLY C 334 4.38 -31.54 15.50
C GLY C 334 3.79 -31.76 16.89
N TRP C 335 3.71 -30.71 17.71
CA TRP C 335 3.20 -30.78 19.11
C TRP C 335 1.72 -31.16 19.11
N SER C 336 1.21 -31.63 20.25
CA SER C 336 -0.24 -31.75 20.55
C SER C 336 -0.80 -30.35 20.78
N GLN C 337 -2.12 -30.17 20.60
CA GLN C 337 -2.81 -28.87 20.81
C GLN C 337 -2.72 -28.47 22.29
N GLU C 338 -2.82 -29.46 23.19
CA GLU C 338 -2.72 -29.28 24.66
C GLU C 338 -1.42 -28.54 24.99
N LYS C 339 -0.32 -28.88 24.29
CA LYS C 339 1.03 -28.30 24.52
C LYS C 339 1.10 -26.89 23.91
N ARG C 340 0.55 -26.71 22.70
CA ARG C 340 0.47 -25.40 21.99
C ARG C 340 -0.25 -24.38 22.88
N ASN C 341 -1.32 -24.81 23.56
CA ASN C 341 -2.16 -23.94 24.43
C ASN C 341 -1.36 -23.50 25.66
N GLU C 342 -0.72 -24.44 26.35
CA GLU C 342 0.11 -24.19 27.56
C GLU C 342 1.20 -23.16 27.24
N GLU C 343 1.92 -23.35 26.13
CA GLU C 343 3.04 -22.48 25.69
C GLU C 343 2.50 -21.10 25.30
N ALA C 344 1.31 -21.03 24.72
CA ALA C 344 0.61 -19.79 24.32
C ALA C 344 0.25 -18.97 25.57
N LYS C 345 -0.38 -19.61 26.56
CA LYS C 345 -0.81 -18.99 27.84
C LYS C 345 0.42 -18.51 28.62
N LYS C 346 1.56 -19.19 28.46
CA LYS C 346 2.86 -18.82 29.07
C LYS C 346 3.40 -17.56 28.39
N LEU C 347 3.38 -17.52 27.06
CA LEU C 347 3.85 -16.38 26.23
C LEU C 347 2.98 -15.14 26.48
N LEU C 348 1.66 -15.33 26.62
CA LEU C 348 0.69 -14.25 26.95
C LEU C 348 1.04 -13.66 28.32
N ALA C 349 1.29 -14.53 29.31
CA ALA C 349 1.58 -14.17 30.72
C ALA C 349 2.90 -13.39 30.81
N GLU C 350 3.87 -13.67 29.93
CA GLU C 350 5.16 -12.92 29.84
C GLU C 350 4.88 -11.46 29.45
N ALA C 351 3.93 -11.24 28.55
CA ALA C 351 3.57 -9.91 27.99
C ALA C 351 2.56 -9.20 28.91
N GLY C 352 2.09 -9.87 29.97
CA GLY C 352 1.30 -9.27 31.07
C GLY C 352 -0.20 -9.48 30.91
N TYR C 353 -0.62 -10.46 30.10
CA TYR C 353 -2.04 -10.80 29.82
C TYR C 353 -2.32 -12.20 30.40
N THR C 354 -3.24 -12.27 31.37
CA THR C 354 -3.58 -13.50 32.13
C THR C 354 -5.10 -13.73 32.06
N ALA C 355 -5.59 -14.80 32.71
CA ALA C 355 -7.02 -15.13 32.89
C ALA C 355 -7.72 -14.01 33.66
N ASP C 356 -7.03 -13.42 34.64
CA ASP C 356 -7.57 -12.41 35.59
C ASP C 356 -7.62 -11.04 34.92
N LYS C 357 -6.62 -10.71 34.10
CA LYS C 357 -6.54 -9.46 33.29
C LYS C 357 -6.57 -9.83 31.82
N PRO C 358 -7.75 -10.14 31.24
CA PRO C 358 -7.83 -10.80 29.93
C PRO C 358 -7.75 -9.83 28.75
N LEU C 359 -7.46 -10.35 27.56
CA LEU C 359 -7.43 -9.59 26.29
C LEU C 359 -8.78 -9.74 25.56
N THR C 360 -9.28 -8.64 25.01
CA THR C 360 -10.48 -8.60 24.11
C THR C 360 -10.03 -8.05 22.76
N ILE C 361 -10.22 -8.84 21.69
CA ILE C 361 -9.78 -8.50 20.29
C ILE C 361 -11.01 -8.55 19.38
N ASN C 362 -10.94 -7.85 18.23
CA ASN C 362 -11.99 -7.80 17.19
C ASN C 362 -11.55 -8.59 15.96
N LEU C 363 -12.17 -9.74 15.71
CA LEU C 363 -11.92 -10.59 14.51
C LEU C 363 -12.80 -10.09 13.35
N LEU C 364 -12.21 -9.32 12.44
CA LEU C 364 -12.87 -8.80 11.21
C LEU C 364 -12.95 -9.92 10.17
N TYR C 365 -14.03 -9.95 9.39
CA TYR C 365 -14.24 -10.90 8.26
C TYR C 365 -15.23 -10.29 7.26
N ASN C 366 -15.07 -10.59 5.98
CA ASN C 366 -15.96 -10.11 4.88
C ASN C 366 -17.21 -11.00 4.86
N THR C 367 -18.38 -10.41 4.59
CA THR C 367 -19.70 -11.09 4.57
C THR C 367 -19.58 -12.41 3.81
N SER C 368 -20.01 -13.51 4.43
CA SER C 368 -19.90 -14.90 3.90
C SER C 368 -20.44 -15.89 4.94
N ASP C 369 -21.05 -16.98 4.47
CA ASP C 369 -21.58 -18.09 5.32
C ASP C 369 -20.41 -18.94 5.83
N LEU C 370 -19.40 -19.15 4.99
CA LEU C 370 -18.17 -19.93 5.32
C LEU C 370 -17.36 -19.18 6.39
N HIS C 371 -17.07 -17.90 6.15
CA HIS C 371 -16.19 -17.05 7.01
C HIS C 371 -16.84 -16.85 8.39
N LYS C 372 -18.16 -16.66 8.44
CA LYS C 372 -18.93 -16.45 9.70
C LYS C 372 -18.83 -17.70 10.58
N LYS C 373 -19.01 -18.89 10.01
CA LYS C 373 -19.03 -20.18 10.75
C LYS C 373 -17.63 -20.54 11.27
N LEU C 374 -16.59 -20.26 10.47
CA LEU C 374 -15.17 -20.53 10.86
C LEU C 374 -14.71 -19.45 11.86
N ALA C 375 -15.22 -18.22 11.74
CA ALA C 375 -14.92 -17.09 12.65
C ALA C 375 -15.50 -17.38 14.05
N ILE C 376 -16.78 -17.78 14.11
CA ILE C 376 -17.48 -18.21 15.37
C ILE C 376 -16.67 -19.34 16.01
N ALA C 377 -16.22 -20.32 15.21
CA ALA C 377 -15.40 -21.47 15.63
C ALA C 377 -14.07 -20.97 16.20
N ALA C 378 -13.34 -20.14 15.44
CA ALA C 378 -12.03 -19.55 15.81
C ALA C 378 -12.18 -18.76 17.12
N SER C 379 -13.23 -17.94 17.21
CA SER C 379 -13.58 -17.13 18.41
C SER C 379 -13.75 -18.04 19.63
N SER C 380 -14.41 -19.18 19.46
CA SER C 380 -14.70 -20.17 20.54
C SER C 380 -13.43 -20.92 20.93
N LEU C 381 -12.61 -21.33 19.95
CA LEU C 381 -11.33 -22.05 20.17
C LEU C 381 -10.39 -21.17 21.00
N TRP C 382 -10.17 -19.92 20.57
CA TRP C 382 -9.24 -18.95 21.23
C TRP C 382 -9.67 -18.69 22.67
N LYS C 383 -10.98 -18.73 22.96
CA LYS C 383 -11.54 -18.51 24.32
C LYS C 383 -11.22 -19.71 25.22
N LYS C 384 -11.51 -20.93 24.74
CA LYS C 384 -11.33 -22.19 25.50
C LYS C 384 -9.83 -22.49 25.68
N ASN C 385 -9.03 -22.27 24.63
CA ASN C 385 -7.62 -22.72 24.54
C ASN C 385 -6.71 -21.75 25.31
N ILE C 386 -6.79 -20.46 25.04
CA ILE C 386 -5.82 -19.44 25.55
C ILE C 386 -6.53 -18.27 26.25
N GLY C 387 -7.85 -18.36 26.48
CA GLY C 387 -8.62 -17.42 27.32
C GLY C 387 -8.65 -16.00 26.77
N VAL C 388 -8.61 -15.84 25.45
CA VAL C 388 -8.67 -14.53 24.74
C VAL C 388 -10.11 -14.33 24.23
N ASN C 389 -10.75 -13.22 24.61
CA ASN C 389 -12.12 -12.85 24.18
C ASN C 389 -12.06 -12.29 22.75
N VAL C 390 -12.87 -12.85 21.84
CA VAL C 390 -12.87 -12.51 20.39
C VAL C 390 -14.29 -12.11 19.98
N LYS C 391 -14.53 -10.81 19.75
CA LYS C 391 -15.78 -10.27 19.16
C LYS C 391 -15.68 -10.33 17.63
N LEU C 392 -16.80 -10.53 16.95
CA LEU C 392 -16.89 -10.67 15.47
C LEU C 392 -17.42 -9.37 14.86
N VAL C 393 -16.66 -8.78 13.93
CA VAL C 393 -17.06 -7.59 13.11
C VAL C 393 -17.09 -8.03 11.64
N ASN C 394 -18.20 -7.79 10.94
CA ASN C 394 -18.36 -8.15 9.50
C ASN C 394 -18.60 -6.87 8.70
N GLN C 395 -17.97 -6.77 7.53
CA GLN C 395 -18.07 -5.62 6.59
C GLN C 395 -18.23 -6.17 5.17
N GLU C 396 -18.75 -5.34 4.24
CA GLU C 396 -18.87 -5.72 2.80
C GLU C 396 -17.48 -5.69 2.17
N TRP C 397 -17.28 -6.52 1.15
CA TRP C 397 -15.96 -6.87 0.52
C TRP C 397 -15.09 -5.62 0.31
N LYS C 398 -15.64 -4.54 -0.23
CA LYS C 398 -14.91 -3.28 -0.55
C LYS C 398 -14.37 -2.63 0.73
N THR C 399 -15.21 -2.50 1.75
CA THR C 399 -14.89 -1.87 3.07
C THR C 399 -13.83 -2.72 3.79
N PHE C 400 -14.05 -4.03 3.84
CA PHE C 400 -13.16 -5.06 4.45
C PHE C 400 -11.71 -4.84 3.99
N LEU C 401 -11.48 -4.71 2.69
CA LEU C 401 -10.13 -4.56 2.07
C LEU C 401 -9.52 -3.21 2.44
N ASP C 402 -10.31 -2.14 2.42
CA ASP C 402 -9.87 -0.76 2.80
C ASP C 402 -9.44 -0.76 4.28
N THR C 403 -10.32 -1.24 5.17
CA THR C 403 -10.11 -1.37 6.63
C THR C 403 -8.73 -1.99 6.92
N ARG C 404 -8.36 -3.06 6.20
CA ARG C 404 -7.10 -3.82 6.40
C ARG C 404 -5.90 -2.98 5.93
N HIS C 405 -6.05 -2.19 4.86
CA HIS C 405 -4.99 -1.28 4.34
C HIS C 405 -4.76 -0.13 5.34
N GLN C 406 -5.83 0.42 5.92
CA GLN C 406 -5.79 1.56 6.88
C GLN C 406 -5.27 1.09 8.24
N GLY C 407 -5.32 -0.22 8.52
CA GLY C 407 -4.86 -0.81 9.78
C GLY C 407 -5.81 -0.49 10.92
N THR C 408 -7.11 -0.49 10.63
CA THR C 408 -8.22 -0.13 11.58
C THR C 408 -8.53 -1.31 12.50
N PHE C 409 -7.98 -2.50 12.21
CA PHE C 409 -8.45 -3.81 12.72
C PHE C 409 -7.41 -4.41 13.68
N ASP C 410 -7.81 -5.45 14.42
CA ASP C 410 -6.95 -6.25 15.32
C ASP C 410 -6.48 -7.50 14.58
N VAL C 411 -7.41 -8.41 14.28
CA VAL C 411 -7.18 -9.67 13.53
C VAL C 411 -8.27 -9.75 12.44
N ALA C 412 -7.90 -10.14 11.23
CA ALA C 412 -8.80 -10.25 10.06
C ALA C 412 -8.71 -11.65 9.45
N ARG C 413 -9.85 -12.32 9.27
CA ARG C 413 -9.97 -13.46 8.34
C ARG C 413 -9.33 -13.02 7.02
N ALA C 414 -8.29 -13.73 6.56
CA ALA C 414 -7.52 -13.39 5.35
C ALA C 414 -7.47 -14.60 4.40
N GLY C 415 -7.19 -14.33 3.13
CA GLY C 415 -6.97 -15.35 2.10
C GLY C 415 -6.15 -14.76 0.96
N TRP C 416 -4.94 -15.30 0.74
CA TRP C 416 -4.05 -14.88 -0.37
C TRP C 416 -3.98 -15.99 -1.43
N CYS C 417 -4.25 -15.63 -2.69
CA CYS C 417 -4.06 -16.49 -3.89
C CYS C 417 -2.84 -16.00 -4.66
N ALA C 418 -1.99 -16.92 -5.11
CA ALA C 418 -0.80 -16.65 -5.95
C ALA C 418 -1.24 -15.93 -7.22
N ASP C 419 -0.54 -14.86 -7.60
CA ASP C 419 -0.72 -14.13 -8.88
C ASP C 419 0.05 -14.87 -9.98
N TYR C 420 1.19 -15.46 -9.62
CA TYR C 420 2.03 -16.33 -10.49
C TYR C 420 2.56 -17.50 -9.65
N ASN C 421 2.74 -18.66 -10.27
CA ASN C 421 3.17 -19.91 -9.57
C ASN C 421 4.66 -19.83 -9.25
N GLU C 422 5.02 -19.10 -8.19
CA GLU C 422 6.40 -18.90 -7.71
C GLU C 422 6.33 -18.28 -6.31
N PRO C 423 7.08 -18.79 -5.31
CA PRO C 423 6.85 -18.42 -3.90
C PRO C 423 6.93 -16.93 -3.56
N THR C 424 7.59 -16.11 -4.39
CA THR C 424 7.68 -14.64 -4.20
C THR C 424 6.29 -14.01 -4.30
N SER C 425 5.40 -14.60 -5.13
CA SER C 425 4.00 -14.15 -5.29
C SER C 425 3.30 -14.06 -3.92
N PHE C 426 3.67 -14.94 -2.98
CA PHE C 426 3.22 -14.93 -1.56
C PHE C 426 4.19 -14.09 -0.70
N LEU C 427 5.48 -14.47 -0.72
CA LEU C 427 6.50 -13.97 0.24
C LEU C 427 6.74 -12.46 0.08
N ASN C 428 6.57 -11.90 -1.12
CA ASN C 428 6.84 -10.46 -1.41
C ASN C 428 5.77 -9.57 -0.76
N THR C 429 4.62 -10.13 -0.35
CA THR C 429 3.52 -9.37 0.30
C THR C 429 3.90 -9.00 1.73
N MET C 430 4.88 -9.70 2.33
CA MET C 430 5.35 -9.47 3.72
C MET C 430 6.61 -8.59 3.73
N LEU C 431 7.07 -8.13 2.56
CA LEU C 431 8.16 -7.11 2.47
C LEU C 431 7.66 -5.82 3.13
N SER C 432 8.50 -5.17 3.93
CA SER C 432 8.19 -3.93 4.70
C SER C 432 7.54 -2.89 3.80
N ASN C 433 7.98 -2.78 2.54
CA ASN C 433 7.62 -1.68 1.60
C ASN C 433 6.49 -2.11 0.64
N SER C 434 5.97 -3.34 0.77
CA SER C 434 4.94 -3.90 -0.15
C SER C 434 3.59 -3.21 0.07
N SER C 435 2.93 -2.82 -1.02
CA SER C 435 1.58 -2.19 -1.03
C SER C 435 0.51 -3.21 -0.60
N MET C 436 0.82 -4.50 -0.68
CA MET C 436 -0.12 -5.63 -0.37
C MET C 436 0.03 -6.07 1.09
N ASN C 437 0.98 -5.49 1.84
CA ASN C 437 1.31 -5.87 3.23
C ASN C 437 0.20 -5.36 4.17
N THR C 438 -0.88 -6.12 4.22
CA THR C 438 -2.06 -5.84 5.09
C THR C 438 -1.79 -6.42 6.48
N ALA C 439 -0.69 -7.13 6.64
CA ALA C 439 -0.33 -7.66 7.97
C ALA C 439 0.33 -6.54 8.75
N HIS C 440 0.95 -5.60 8.01
CA HIS C 440 1.75 -4.46 8.52
C HIS C 440 2.99 -5.05 9.19
N TYR C 441 3.48 -6.14 8.61
CA TYR C 441 4.67 -6.89 9.07
C TYR C 441 5.94 -6.20 8.54
N LYS C 442 6.80 -5.74 9.44
CA LYS C 442 8.05 -5.05 9.04
C LYS C 442 9.25 -5.73 9.70
N SER C 443 9.96 -6.57 8.94
CA SER C 443 11.14 -7.30 9.47
C SER C 443 12.32 -7.13 8.50
N PRO C 444 13.41 -6.44 8.91
CA PRO C 444 14.59 -6.28 8.05
C PRO C 444 15.24 -7.64 7.71
N ALA C 445 15.20 -8.59 8.64
CA ALA C 445 15.76 -9.94 8.43
C ALA C 445 15.03 -10.62 7.26
N PHE C 446 13.69 -10.57 7.28
CA PHE C 446 12.85 -11.19 6.23
C PHE C 446 13.10 -10.49 4.88
N ASP C 447 13.13 -9.16 4.88
CA ASP C 447 13.45 -8.33 3.69
C ASP C 447 14.81 -8.73 3.13
N SER C 448 15.80 -8.92 4.02
CA SER C 448 17.20 -9.28 3.70
C SER C 448 17.26 -10.65 3.02
N ILE C 449 16.50 -11.63 3.54
CA ILE C 449 16.43 -13.01 2.98
C ILE C 449 15.87 -12.96 1.55
N MET C 450 14.84 -12.14 1.31
CA MET C 450 14.15 -12.04 0.00
C MET C 450 15.06 -11.32 -1.01
N ALA C 451 15.84 -10.34 -0.57
CA ALA C 451 16.87 -9.65 -1.38
C ALA C 451 17.97 -10.65 -1.79
N GLU C 452 18.26 -11.63 -0.94
CA GLU C 452 19.29 -12.69 -1.19
C GLU C 452 18.85 -13.59 -2.35
N THR C 453 17.54 -13.80 -2.54
CA THR C 453 16.96 -14.74 -3.54
C THR C 453 17.29 -14.31 -4.97
N LEU C 454 17.67 -13.04 -5.18
CA LEU C 454 17.94 -12.46 -6.52
C LEU C 454 19.44 -12.47 -6.83
N LYS C 455 20.27 -12.92 -5.88
CA LYS C 455 21.76 -12.97 -6.01
C LYS C 455 22.23 -14.43 -5.95
N VAL C 456 21.30 -15.38 -6.14
CA VAL C 456 21.54 -16.84 -6.08
C VAL C 456 22.31 -17.28 -7.33
N THR C 457 22.98 -18.44 -7.26
CA THR C 457 23.80 -19.01 -8.37
C THR C 457 23.01 -20.13 -9.07
N ASP C 458 22.11 -20.83 -8.37
CA ASP C 458 21.19 -21.84 -8.95
C ASP C 458 19.81 -21.72 -8.30
N GLU C 459 18.81 -22.43 -8.86
CA GLU C 459 17.39 -22.38 -8.40
C GLU C 459 17.23 -23.13 -7.07
N ALA C 460 18.01 -24.19 -6.84
CA ALA C 460 18.03 -24.98 -5.59
C ALA C 460 18.35 -24.07 -4.40
N GLN C 461 19.25 -23.10 -4.61
CA GLN C 461 19.66 -22.08 -3.60
C GLN C 461 18.47 -21.16 -3.33
N ARG C 462 17.80 -20.72 -4.40
CA ARG C 462 16.62 -19.83 -4.37
C ARG C 462 15.52 -20.49 -3.52
N THR C 463 15.27 -21.78 -3.75
CA THR C 463 14.26 -22.60 -3.03
C THR C 463 14.59 -22.66 -1.54
N ALA C 464 15.86 -22.86 -1.19
CA ALA C 464 16.36 -22.95 0.20
C ALA C 464 16.16 -21.60 0.92
N LEU C 465 16.36 -20.50 0.20
CA LEU C 465 16.23 -19.12 0.76
C LEU C 465 14.75 -18.77 0.99
N TYR C 466 13.83 -19.33 0.18
CA TYR C 466 12.37 -19.16 0.36
C TYR C 466 11.91 -19.89 1.63
N THR C 467 12.48 -21.06 1.91
CA THR C 467 12.20 -21.88 3.13
C THR C 467 12.70 -21.12 4.37
N LYS C 468 13.78 -20.37 4.21
CA LYS C 468 14.37 -19.57 5.30
C LYS C 468 13.46 -18.38 5.57
N ALA C 469 12.88 -17.82 4.51
CA ALA C 469 11.95 -16.68 4.60
C ALA C 469 10.66 -17.12 5.29
N GLU C 470 10.15 -18.29 4.93
CA GLU C 470 8.95 -18.85 5.58
C GLU C 470 9.26 -19.08 7.07
N GLN C 471 10.45 -19.57 7.37
CA GLN C 471 10.90 -19.86 8.74
C GLN C 471 11.00 -18.60 9.59
N GLN C 472 11.51 -17.51 9.05
CA GLN C 472 11.64 -16.23 9.78
C GLN C 472 10.23 -15.75 10.08
N LEU C 473 9.39 -15.79 9.06
CA LEU C 473 7.98 -15.38 9.12
C LEU C 473 7.21 -16.22 10.15
N ASP C 474 7.53 -17.50 10.30
CA ASP C 474 6.86 -18.34 11.33
C ASP C 474 7.40 -17.95 12.72
N LYS C 475 8.71 -17.75 12.82
CA LYS C 475 9.40 -17.38 14.08
C LYS C 475 8.92 -16.01 14.58
N ASP C 476 8.48 -15.13 13.66
CA ASP C 476 7.94 -13.78 13.98
C ASP C 476 6.43 -13.84 14.18
N SER C 477 5.80 -14.97 13.88
CA SER C 477 4.32 -15.19 13.92
C SER C 477 3.59 -13.99 13.32
N ALA C 478 3.91 -13.65 12.07
CA ALA C 478 3.32 -12.54 11.30
C ALA C 478 1.81 -12.80 11.08
N ILE C 479 1.43 -14.08 10.96
CA ILE C 479 0.04 -14.52 10.64
C ILE C 479 -0.31 -15.76 11.47
N VAL C 480 -1.57 -16.19 11.39
CA VAL C 480 -2.09 -17.47 11.95
C VAL C 480 -2.55 -18.34 10.79
N PRO C 481 -1.65 -19.16 10.18
CA PRO C 481 -2.04 -20.07 9.11
C PRO C 481 -3.12 -21.07 9.58
N VAL C 482 -4.19 -21.24 8.79
CA VAL C 482 -5.35 -22.12 9.13
C VAL C 482 -5.35 -23.33 8.19
N TYR C 483 -5.72 -23.15 6.92
CA TYR C 483 -5.73 -24.24 5.91
C TYR C 483 -5.36 -23.71 4.52
N TYR C 484 -4.81 -24.60 3.68
CA TYR C 484 -4.53 -24.40 2.24
C TYR C 484 -5.81 -24.71 1.44
N TYR C 485 -6.18 -23.83 0.51
CA TYR C 485 -7.44 -23.88 -0.27
C TYR C 485 -7.47 -25.10 -1.20
N VAL C 486 -8.67 -25.42 -1.70
CA VAL C 486 -8.91 -26.17 -2.97
C VAL C 486 -9.88 -25.33 -3.81
N ASN C 487 -9.86 -25.51 -5.13
CA ASN C 487 -10.77 -24.82 -6.09
C ASN C 487 -12.01 -25.70 -6.28
N ALA C 488 -12.99 -25.57 -5.38
CA ALA C 488 -14.25 -26.34 -5.35
C ALA C 488 -15.41 -25.44 -5.80
N ARG C 489 -16.00 -25.74 -6.97
CA ARG C 489 -17.21 -25.04 -7.48
C ARG C 489 -18.10 -26.03 -8.24
N LEU C 490 -19.34 -25.60 -8.52
CA LEU C 490 -20.34 -26.34 -9.33
C LEU C 490 -20.39 -25.73 -10.73
N VAL C 491 -20.34 -26.58 -11.76
CA VAL C 491 -20.39 -26.16 -13.20
C VAL C 491 -21.40 -27.07 -13.92
N LYS C 492 -22.42 -26.47 -14.54
CA LYS C 492 -23.52 -27.17 -15.24
C LYS C 492 -22.94 -28.02 -16.36
N PRO C 493 -23.53 -29.20 -16.67
CA PRO C 493 -22.92 -30.14 -17.61
C PRO C 493 -22.82 -29.64 -19.05
N TRP C 494 -23.54 -28.56 -19.37
CA TRP C 494 -23.58 -27.94 -20.73
C TRP C 494 -22.49 -26.87 -20.87
N VAL C 495 -21.80 -26.50 -19.78
CA VAL C 495 -20.68 -25.51 -19.79
C VAL C 495 -19.37 -26.26 -20.08
N GLY C 496 -18.84 -26.12 -21.29
CA GLY C 496 -17.54 -26.69 -21.70
C GLY C 496 -16.43 -25.66 -21.64
N GLY C 497 -15.17 -26.11 -21.64
CA GLY C 497 -13.97 -25.25 -21.68
C GLY C 497 -13.45 -24.90 -20.29
N TYR C 498 -13.96 -25.57 -19.25
CA TYR C 498 -13.45 -25.46 -17.85
C TYR C 498 -12.85 -26.81 -17.43
N THR C 499 -11.51 -26.88 -17.44
CA THR C 499 -10.71 -28.06 -17.03
C THR C 499 -10.38 -27.93 -15.53
N GLY C 500 -10.10 -26.70 -15.07
CA GLY C 500 -9.77 -26.38 -13.67
C GLY C 500 -8.35 -26.79 -13.31
N LYS C 501 -7.52 -27.10 -14.31
CA LYS C 501 -6.15 -27.66 -14.13
C LYS C 501 -5.14 -26.51 -13.95
N ASP C 502 -5.60 -25.26 -14.00
CA ASP C 502 -4.82 -24.06 -13.62
C ASP C 502 -4.87 -23.91 -12.11
N PRO C 503 -3.72 -24.00 -11.39
CA PRO C 503 -3.70 -23.86 -9.94
C PRO C 503 -3.94 -22.44 -9.41
N LEU C 504 -3.92 -21.43 -10.31
CA LEU C 504 -4.25 -20.01 -10.00
C LEU C 504 -5.74 -19.75 -10.27
N ASP C 505 -6.38 -20.62 -11.06
CA ASP C 505 -7.79 -20.53 -11.50
C ASP C 505 -7.99 -19.23 -12.29
N ASN C 506 -7.06 -18.92 -13.20
CA ASN C 506 -7.14 -17.75 -14.12
C ASN C 506 -7.85 -18.21 -15.40
N THR C 507 -9.14 -18.52 -15.30
CA THR C 507 -10.03 -18.91 -16.44
C THR C 507 -10.41 -17.64 -17.21
N TYR C 508 -10.86 -17.83 -18.45
CA TYR C 508 -11.33 -16.76 -19.37
C TYR C 508 -12.64 -17.23 -20.04
N THR C 509 -13.64 -16.36 -20.10
CA THR C 509 -14.95 -16.63 -20.77
C THR C 509 -14.72 -17.05 -22.22
N ARG C 510 -13.66 -16.53 -22.86
CA ARG C 510 -13.32 -16.79 -24.28
C ARG C 510 -12.90 -18.25 -24.49
N ASN C 511 -12.57 -18.98 -23.43
CA ASN C 511 -12.14 -20.40 -23.49
C ASN C 511 -13.34 -21.34 -23.34
N MET C 512 -14.53 -20.81 -23.05
CA MET C 512 -15.74 -21.60 -22.67
C MET C 512 -16.80 -21.52 -23.77
N TYR C 513 -17.73 -22.48 -23.79
CA TYR C 513 -18.83 -22.63 -24.78
C TYR C 513 -20.00 -23.38 -24.14
N ILE C 514 -21.21 -23.17 -24.66
CA ILE C 514 -22.46 -23.83 -24.19
C ILE C 514 -22.81 -24.96 -25.16
N VAL C 515 -22.94 -26.19 -24.64
CA VAL C 515 -23.40 -27.40 -25.38
C VAL C 515 -24.94 -27.37 -25.40
N LYS C 516 -25.55 -27.94 -26.44
CA LYS C 516 -27.03 -28.02 -26.61
C LYS C 516 -27.64 -28.83 -25.47
N HIS C 517 -28.73 -28.34 -24.88
CA HIS C 517 -29.48 -29.00 -23.77
C HIS C 517 -30.96 -28.60 -23.84
N ALA D 1 30.49 -28.21 -3.94
CA ALA D 1 29.84 -28.67 -2.67
C ALA D 1 29.74 -27.49 -1.68
N ASP D 2 28.60 -27.39 -0.98
CA ASP D 2 28.34 -26.39 0.07
C ASP D 2 28.26 -27.11 1.42
N VAL D 3 29.34 -27.06 2.20
CA VAL D 3 29.50 -27.75 3.51
C VAL D 3 28.83 -26.90 4.60
N PRO D 4 27.83 -27.43 5.33
CA PRO D 4 27.18 -26.67 6.39
C PRO D 4 28.17 -26.24 7.49
N ALA D 5 27.98 -25.03 8.04
CA ALA D 5 28.74 -24.51 9.20
C ALA D 5 28.50 -25.43 10.40
N GLY D 6 29.57 -25.83 11.10
CA GLY D 6 29.52 -26.73 12.27
C GLY D 6 29.78 -28.18 11.92
N VAL D 7 29.84 -28.50 10.62
CA VAL D 7 30.23 -29.85 10.10
C VAL D 7 31.76 -29.91 10.04
N THR D 8 32.36 -30.93 10.67
CA THR D 8 33.81 -31.23 10.63
C THR D 8 34.08 -32.21 9.47
N LEU D 9 34.85 -31.77 8.46
CA LEU D 9 35.24 -32.60 7.29
C LEU D 9 36.31 -33.60 7.73
N ALA D 10 36.26 -34.82 7.17
CA ALA D 10 37.22 -35.92 7.43
C ALA D 10 38.58 -35.57 6.84
N GLU D 11 39.65 -36.14 7.41
CA GLU D 11 41.05 -36.03 6.95
C GLU D 11 41.11 -36.39 5.46
N LYS D 12 40.67 -37.61 5.13
CA LYS D 12 40.71 -38.19 3.75
C LYS D 12 39.36 -37.98 3.08
N GLN D 13 39.34 -37.24 1.96
CA GLN D 13 38.12 -36.95 1.15
C GLN D 13 38.11 -37.87 -0.08
N THR D 14 37.90 -39.17 0.15
CA THR D 14 37.69 -40.20 -0.91
C THR D 14 36.24 -40.70 -0.83
N LEU D 15 35.75 -41.30 -1.92
CA LEU D 15 34.36 -41.77 -2.07
C LEU D 15 34.33 -42.98 -3.00
N VAL D 16 33.82 -44.12 -2.52
CA VAL D 16 33.62 -45.35 -3.34
C VAL D 16 32.12 -45.50 -3.63
N ARG D 17 31.76 -45.71 -4.89
CA ARG D 17 30.37 -45.98 -5.35
C ARG D 17 30.36 -47.20 -6.29
N ASN D 18 29.19 -47.83 -6.43
CA ASN D 18 28.91 -48.85 -7.46
C ASN D 18 28.15 -48.19 -8.61
N ASN D 19 28.64 -48.36 -9.84
CA ASN D 19 28.07 -47.75 -11.08
C ASN D 19 27.06 -48.73 -11.71
N GLY D 20 27.13 -50.01 -11.35
CA GLY D 20 26.15 -51.05 -11.73
C GLY D 20 26.64 -51.96 -12.84
N SER D 21 27.63 -51.52 -13.63
CA SER D 21 28.17 -52.28 -14.80
C SER D 21 29.42 -51.58 -15.38
N GLU D 22 30.14 -52.30 -16.24
CA GLU D 22 31.33 -51.79 -16.98
C GLU D 22 30.85 -50.87 -18.10
N VAL D 23 31.30 -49.61 -18.11
CA VAL D 23 30.82 -48.53 -19.02
C VAL D 23 31.17 -48.89 -20.47
N GLN D 24 30.28 -48.55 -21.42
CA GLN D 24 30.49 -48.66 -22.88
C GLN D 24 31.79 -47.94 -23.26
N SER D 25 31.96 -46.72 -22.75
CA SER D 25 33.05 -45.77 -23.13
C SER D 25 33.08 -44.60 -22.13
N LEU D 26 34.18 -43.83 -22.12
CA LEU D 26 34.28 -42.53 -21.41
C LEU D 26 34.16 -41.39 -22.42
N ASP D 27 34.07 -41.71 -23.72
CA ASP D 27 33.83 -40.75 -24.84
C ASP D 27 32.36 -40.32 -24.80
N PRO D 28 32.07 -39.03 -24.50
CA PRO D 28 30.69 -38.54 -24.42
C PRO D 28 29.78 -38.84 -25.63
N HIS D 29 30.34 -39.08 -26.82
CA HIS D 29 29.60 -39.34 -28.09
C HIS D 29 29.46 -40.84 -28.37
N LYS D 30 29.77 -41.70 -27.40
CA LYS D 30 29.78 -43.19 -27.58
C LYS D 30 29.02 -43.87 -26.43
N ILE D 31 28.12 -43.14 -25.76
CA ILE D 31 27.43 -43.62 -24.51
C ILE D 31 25.92 -43.34 -24.61
N GLU D 32 25.11 -44.21 -23.98
CA GLU D 32 23.63 -44.10 -23.95
C GLU D 32 23.08 -44.58 -22.59
N GLY D 33 23.94 -45.02 -21.67
CA GLY D 33 23.54 -45.64 -20.39
C GLY D 33 23.71 -44.69 -19.22
N VAL D 34 22.99 -44.94 -18.13
CA VAL D 34 23.05 -44.16 -16.86
C VAL D 34 24.43 -44.32 -16.23
N PRO D 35 25.01 -45.55 -16.17
CA PRO D 35 26.37 -45.72 -15.65
C PRO D 35 27.40 -44.85 -16.38
N GLU D 36 27.32 -44.81 -17.72
CA GLU D 36 28.21 -44.01 -18.60
C GLU D 36 28.10 -42.53 -18.25
N SER D 37 26.87 -42.06 -18.03
CA SER D 37 26.52 -40.65 -17.69
C SER D 37 27.16 -40.26 -16.36
N ASN D 38 27.01 -41.11 -15.34
CA ASN D 38 27.45 -40.86 -13.93
C ASN D 38 28.93 -40.45 -13.92
N ILE D 39 29.77 -41.14 -14.70
CA ILE D 39 31.23 -40.89 -14.79
C ILE D 39 31.48 -39.65 -15.66
N SER D 40 30.78 -39.54 -16.79
CA SER D 40 30.93 -38.42 -17.77
C SER D 40 30.66 -37.07 -17.10
N ARG D 41 29.70 -37.01 -16.17
CA ARG D 41 29.27 -35.76 -15.47
C ARG D 41 30.41 -35.24 -14.57
N ASP D 42 31.30 -36.13 -14.11
CA ASP D 42 32.49 -35.77 -13.27
C ASP D 42 33.66 -35.36 -14.18
N LEU D 43 33.76 -35.95 -15.38
CA LEU D 43 34.91 -35.79 -16.31
C LEU D 43 34.69 -34.58 -17.24
N PHE D 44 33.49 -34.47 -17.82
CA PHE D 44 33.14 -33.43 -18.82
C PHE D 44 31.92 -32.63 -18.35
N GLU D 45 31.93 -31.32 -18.63
CA GLU D 45 30.89 -30.36 -18.20
C GLU D 45 30.40 -29.58 -19.42
N GLY D 46 29.11 -29.66 -19.73
CA GLY D 46 28.46 -28.96 -20.86
C GLY D 46 28.14 -27.52 -20.50
N LEU D 47 27.19 -26.93 -21.22
CA LEU D 47 26.79 -25.50 -21.09
C LEU D 47 26.04 -25.31 -19.78
N LEU D 48 25.13 -26.22 -19.47
CA LEU D 48 24.31 -26.23 -18.21
C LEU D 48 24.60 -27.52 -17.45
N VAL D 49 24.36 -27.51 -16.14
CA VAL D 49 24.40 -28.71 -15.24
C VAL D 49 23.09 -28.76 -14.46
N SER D 50 22.76 -29.92 -13.88
CA SER D 50 21.62 -30.09 -12.94
C SER D 50 22.08 -29.63 -11.54
N ASP D 51 21.30 -28.75 -10.90
CA ASP D 51 21.50 -28.35 -9.48
C ASP D 51 20.95 -29.49 -8.61
N LEU D 52 20.95 -29.31 -7.29
CA LEU D 52 20.60 -30.39 -6.31
C LEU D 52 19.11 -30.77 -6.42
N ASP D 53 18.27 -29.92 -7.01
CA ASP D 53 16.81 -30.16 -7.17
C ASP D 53 16.47 -30.55 -8.62
N GLY D 54 17.48 -30.63 -9.50
CA GLY D 54 17.33 -31.12 -10.89
C GLY D 54 17.00 -30.00 -11.88
N HIS D 55 17.03 -28.74 -11.44
CA HIS D 55 16.78 -27.55 -12.29
C HIS D 55 18.04 -27.21 -13.07
N PRO D 56 17.95 -26.94 -14.40
CA PRO D 56 19.08 -26.43 -15.16
C PRO D 56 19.77 -25.25 -14.45
N ALA D 57 21.10 -25.30 -14.35
CA ALA D 57 21.95 -24.29 -13.67
C ALA D 57 23.17 -23.98 -14.55
N PRO D 58 23.88 -22.86 -14.32
CA PRO D 58 25.07 -22.52 -15.11
C PRO D 58 26.17 -23.59 -15.04
N GLY D 59 26.63 -24.06 -16.20
CA GLY D 59 27.83 -24.90 -16.37
C GLY D 59 28.99 -24.08 -16.91
N VAL D 60 29.48 -24.42 -18.10
CA VAL D 60 30.50 -23.62 -18.84
C VAL D 60 29.86 -22.26 -19.21
N ALA D 61 28.55 -22.26 -19.51
CA ALA D 61 27.73 -21.05 -19.72
C ALA D 61 27.38 -20.42 -18.37
N GLU D 62 27.82 -19.17 -18.14
CA GLU D 62 27.58 -18.40 -16.89
C GLU D 62 26.23 -17.69 -16.99
N SER D 63 25.85 -17.27 -18.20
CA SER D 63 24.55 -16.63 -18.54
C SER D 63 24.19 -16.98 -19.99
N TRP D 64 22.90 -16.91 -20.34
CA TRP D 64 22.41 -17.20 -21.72
C TRP D 64 21.20 -16.33 -22.07
N ASP D 65 20.98 -16.16 -23.37
CA ASP D 65 19.87 -15.39 -23.99
C ASP D 65 19.10 -16.31 -24.95
N ASN D 66 17.84 -16.00 -25.24
CA ASN D 66 17.04 -16.68 -26.30
C ASN D 66 16.09 -15.65 -26.92
N LYS D 67 15.82 -15.82 -28.22
CA LYS D 67 14.83 -15.02 -28.99
C LYS D 67 13.78 -15.99 -29.54
N ASP D 68 12.56 -15.95 -29.00
CA ASP D 68 11.40 -16.79 -29.43
C ASP D 68 11.71 -18.27 -29.14
N ALA D 69 12.66 -18.55 -28.23
CA ALA D 69 13.19 -19.90 -27.93
C ALA D 69 13.65 -20.57 -29.23
N LYS D 70 14.20 -19.78 -30.16
CA LYS D 70 14.59 -20.20 -31.52
C LYS D 70 16.09 -19.98 -31.74
N VAL D 71 16.60 -18.82 -31.33
CA VAL D 71 18.05 -18.44 -31.39
C VAL D 71 18.56 -18.28 -29.96
N TRP D 72 19.40 -19.22 -29.49
CA TRP D 72 20.00 -19.25 -28.14
C TRP D 72 21.45 -18.79 -28.22
N THR D 73 21.84 -17.82 -27.36
CA THR D 73 23.21 -17.28 -27.24
C THR D 73 23.72 -17.58 -25.82
N PHE D 74 24.77 -18.39 -25.71
CA PHE D 74 25.38 -18.84 -24.43
C PHE D 74 26.69 -18.06 -24.21
N HIS D 75 26.79 -17.40 -23.06
CA HIS D 75 27.97 -16.63 -22.61
C HIS D 75 28.84 -17.51 -21.73
N LEU D 76 29.94 -18.03 -22.28
CA LEU D 76 30.87 -18.99 -21.61
C LEU D 76 31.79 -18.19 -20.68
N ARG D 77 31.94 -18.63 -19.43
CA ARG D 77 32.83 -18.00 -18.42
C ARG D 77 34.28 -18.08 -18.91
N LYS D 78 35.08 -17.06 -18.62
CA LYS D 78 36.41 -16.83 -19.23
C LYS D 78 37.50 -17.58 -18.45
N ASP D 79 37.16 -18.15 -17.29
CA ASP D 79 38.08 -18.97 -16.45
C ASP D 79 37.81 -20.47 -16.68
N ALA D 80 36.97 -20.82 -17.66
CA ALA D 80 36.65 -22.21 -18.08
C ALA D 80 37.88 -22.82 -18.75
N LYS D 81 38.37 -23.96 -18.23
CA LYS D 81 39.69 -24.55 -18.62
C LYS D 81 39.59 -26.07 -18.73
N TRP D 82 40.31 -26.64 -19.70
CA TRP D 82 40.58 -28.10 -19.86
C TRP D 82 41.63 -28.51 -18.82
N SER D 83 41.91 -29.81 -18.71
CA SER D 83 42.87 -30.41 -17.74
C SER D 83 44.32 -30.14 -18.16
N ASP D 84 44.55 -29.68 -19.40
CA ASP D 84 45.89 -29.37 -19.96
C ASP D 84 46.20 -27.87 -19.82
N GLY D 85 45.25 -27.07 -19.32
CA GLY D 85 45.43 -25.63 -19.02
C GLY D 85 44.86 -24.73 -20.10
N THR D 86 44.49 -25.28 -21.26
CA THR D 86 43.91 -24.54 -22.41
C THR D 86 42.48 -24.14 -22.07
N PRO D 87 42.01 -22.96 -22.53
CA PRO D 87 40.65 -22.49 -22.21
C PRO D 87 39.56 -23.24 -22.99
N VAL D 88 38.41 -23.47 -22.34
CA VAL D 88 37.19 -24.05 -22.98
C VAL D 88 36.50 -22.94 -23.77
N THR D 89 36.43 -23.08 -25.10
CA THR D 89 35.96 -22.04 -26.04
C THR D 89 34.65 -22.48 -26.70
N ALA D 90 33.94 -21.54 -27.35
CA ALA D 90 32.72 -21.78 -28.13
C ALA D 90 33.04 -22.74 -29.29
N GLN D 91 34.22 -22.60 -29.90
CA GLN D 91 34.71 -23.45 -31.03
C GLN D 91 34.75 -24.92 -30.61
N ASP D 92 35.03 -25.20 -29.33
CA ASP D 92 35.06 -26.59 -28.78
C ASP D 92 33.66 -27.20 -28.87
N PHE D 93 32.62 -26.41 -28.60
CA PHE D 93 31.20 -26.83 -28.61
C PHE D 93 30.70 -26.99 -30.06
N VAL D 94 31.20 -26.16 -30.98
CA VAL D 94 30.90 -26.28 -32.44
C VAL D 94 31.40 -27.67 -32.88
N TYR D 95 32.70 -27.92 -32.72
CA TYR D 95 33.37 -29.20 -33.07
C TYR D 95 32.62 -30.38 -32.41
N SER D 96 32.43 -30.31 -31.08
CA SER D 96 31.86 -31.39 -30.24
C SER D 96 30.48 -31.79 -30.75
N TRP D 97 29.59 -30.81 -30.95
CA TRP D 97 28.18 -31.03 -31.39
C TRP D 97 28.15 -31.52 -32.84
N GLN D 98 29.02 -30.96 -33.69
CA GLN D 98 29.25 -31.42 -35.09
C GLN D 98 29.65 -32.90 -35.10
N ARG D 99 30.53 -33.31 -34.17
CA ARG D 99 31.04 -34.70 -34.07
C ARG D 99 29.90 -35.64 -33.64
N SER D 100 29.03 -35.20 -32.74
CA SER D 100 27.94 -36.02 -32.14
C SER D 100 26.96 -36.49 -33.22
N VAL D 101 26.74 -35.66 -34.26
CA VAL D 101 25.71 -35.89 -35.32
C VAL D 101 26.36 -36.47 -36.58
N ASP D 102 27.69 -36.54 -36.62
CA ASP D 102 28.47 -37.07 -37.78
C ASP D 102 28.18 -38.57 -37.92
N PRO D 103 27.64 -39.03 -39.06
CA PRO D 103 27.44 -40.47 -39.31
C PRO D 103 28.66 -41.33 -38.96
N ASN D 104 29.87 -40.79 -39.19
CA ASN D 104 31.17 -41.49 -39.01
C ASN D 104 31.47 -41.71 -37.52
N THR D 105 30.97 -40.84 -36.63
CA THR D 105 31.01 -41.03 -35.16
C THR D 105 30.09 -42.19 -34.77
N ALA D 106 28.96 -42.33 -35.47
CA ALA D 106 27.92 -43.37 -35.23
C ALA D 106 27.55 -43.38 -33.75
N SER D 107 27.25 -42.21 -33.20
CA SER D 107 26.84 -42.01 -31.78
C SER D 107 25.45 -42.61 -31.58
N PRO D 108 25.23 -43.40 -30.50
CA PRO D 108 23.89 -43.85 -30.16
C PRO D 108 22.98 -42.70 -29.72
N TYR D 109 23.57 -41.56 -29.33
CA TYR D 109 22.87 -40.31 -28.96
C TYR D 109 22.99 -39.28 -30.09
N ALA D 110 23.20 -39.74 -31.32
CA ALA D 110 23.31 -38.91 -32.54
C ALA D 110 22.09 -37.99 -32.67
N SER D 111 20.90 -38.51 -32.36
CA SER D 111 19.58 -37.84 -32.58
C SER D 111 19.23 -36.93 -31.41
N TYR D 112 20.07 -36.83 -30.38
CA TYR D 112 19.76 -36.06 -29.14
C TYR D 112 19.53 -34.58 -29.47
N LEU D 113 20.49 -33.95 -30.15
CA LEU D 113 20.43 -32.52 -30.55
C LEU D 113 19.32 -32.29 -31.58
N GLN D 114 18.84 -33.35 -32.25
CA GLN D 114 17.67 -33.31 -33.16
C GLN D 114 16.38 -33.09 -32.36
N TYR D 115 16.39 -33.42 -31.06
CA TYR D 115 15.23 -33.16 -30.17
C TYR D 115 15.22 -31.66 -29.83
N GLY D 116 16.38 -31.03 -29.95
CA GLY D 116 16.52 -29.59 -29.76
C GLY D 116 16.14 -28.87 -31.04
N HIS D 117 16.18 -29.60 -32.15
CA HIS D 117 15.83 -29.19 -33.53
C HIS D 117 16.75 -28.13 -34.09
N ILE D 118 18.04 -28.28 -33.85
CA ILE D 118 19.05 -27.33 -34.37
C ILE D 118 18.94 -27.27 -35.90
N ALA D 119 18.97 -26.07 -36.43
CA ALA D 119 18.85 -25.83 -37.88
C ALA D 119 19.82 -26.68 -38.69
N GLY D 120 19.31 -27.40 -39.69
CA GLY D 120 20.05 -28.19 -40.69
C GLY D 120 20.44 -29.58 -40.21
N ILE D 121 19.97 -30.01 -39.03
CA ILE D 121 20.39 -31.29 -38.38
C ILE D 121 19.77 -32.49 -39.12
N ASP D 122 18.56 -32.34 -39.67
CA ASP D 122 17.76 -33.45 -40.27
C ASP D 122 18.54 -34.11 -41.41
N GLU D 123 19.12 -33.29 -42.31
CA GLU D 123 19.83 -33.76 -43.54
C GLU D 123 21.27 -34.16 -43.20
N ILE D 124 21.86 -33.57 -42.15
CA ILE D 124 23.24 -33.91 -41.67
C ILE D 124 23.25 -35.34 -41.14
N LEU D 125 22.25 -35.70 -40.34
CA LEU D 125 22.14 -37.04 -39.67
C LEU D 125 21.96 -38.15 -40.71
N GLU D 126 21.29 -37.85 -41.84
CA GLU D 126 21.04 -38.80 -42.96
C GLU D 126 22.23 -38.77 -43.93
N GLY D 127 23.24 -37.95 -43.66
CA GLY D 127 24.49 -37.85 -44.46
C GLY D 127 24.26 -37.23 -45.82
N LYS D 128 23.27 -36.34 -45.93
CA LYS D 128 22.95 -35.58 -47.17
C LYS D 128 23.79 -34.30 -47.20
N LYS D 129 23.82 -33.56 -46.09
CA LYS D 129 24.60 -32.30 -45.92
C LYS D 129 25.81 -32.56 -45.04
N PRO D 130 26.88 -31.74 -45.15
CA PRO D 130 28.05 -31.87 -44.27
C PRO D 130 27.75 -31.37 -42.86
N ILE D 131 28.47 -31.91 -41.87
CA ILE D 131 28.32 -31.57 -40.41
C ILE D 131 28.55 -30.06 -40.21
N THR D 132 29.35 -29.44 -41.10
CA THR D 132 29.76 -28.01 -41.06
C THR D 132 28.51 -27.10 -41.18
N ASP D 133 27.39 -27.62 -41.66
CA ASP D 133 26.12 -26.87 -41.90
C ASP D 133 25.30 -26.72 -40.62
N LEU D 134 25.66 -27.41 -39.54
CA LEU D 134 24.88 -27.42 -38.27
C LEU D 134 24.70 -25.97 -37.78
N GLY D 135 23.53 -25.67 -37.21
CA GLY D 135 23.11 -24.31 -36.83
C GLY D 135 23.68 -23.88 -35.48
N VAL D 136 24.98 -24.10 -35.27
CA VAL D 136 25.75 -23.71 -34.06
C VAL D 136 27.06 -23.07 -34.55
N LYS D 137 27.42 -21.88 -34.05
CA LYS D 137 28.64 -21.16 -34.50
C LYS D 137 29.25 -20.36 -33.34
N ALA D 138 30.58 -20.24 -33.36
CA ALA D 138 31.40 -19.41 -32.44
C ALA D 138 31.36 -17.96 -32.95
N ILE D 139 30.54 -17.11 -32.32
CA ILE D 139 30.49 -15.64 -32.59
C ILE D 139 31.80 -15.03 -32.08
N ASP D 140 32.30 -15.50 -30.94
CA ASP D 140 33.68 -15.29 -30.45
C ASP D 140 34.07 -16.49 -29.56
N ASP D 141 35.19 -16.40 -28.85
CA ASP D 141 35.76 -17.52 -28.03
C ASP D 141 34.81 -17.87 -26.87
N HIS D 142 34.06 -16.90 -26.34
CA HIS D 142 33.22 -17.05 -25.12
C HIS D 142 31.74 -16.77 -25.42
N THR D 143 31.34 -16.83 -26.70
CA THR D 143 29.95 -16.60 -27.17
C THR D 143 29.57 -17.66 -28.20
N LEU D 144 28.60 -18.52 -27.85
CA LEU D 144 28.08 -19.63 -28.71
C LEU D 144 26.62 -19.32 -29.08
N GLU D 145 26.32 -19.21 -30.38
CA GLU D 145 24.95 -18.99 -30.91
C GLU D 145 24.42 -20.32 -31.47
N VAL D 146 23.29 -20.79 -30.95
CA VAL D 146 22.57 -22.01 -31.44
C VAL D 146 21.27 -21.54 -32.12
N THR D 147 21.13 -21.81 -33.42
CA THR D 147 19.94 -21.47 -34.23
C THR D 147 19.10 -22.74 -34.43
N LEU D 148 17.81 -22.67 -34.08
CA LEU D 148 16.84 -23.80 -34.21
C LEU D 148 15.89 -23.52 -35.38
N SER D 149 15.28 -24.57 -35.94
CA SER D 149 14.33 -24.51 -37.09
C SER D 149 12.92 -24.17 -36.59
N GLU D 150 12.59 -24.55 -35.35
CA GLU D 150 11.28 -24.27 -34.68
C GLU D 150 11.55 -23.70 -33.28
N PRO D 151 10.57 -23.00 -32.65
CA PRO D 151 10.70 -22.60 -31.25
C PRO D 151 10.61 -23.82 -30.31
N VAL D 152 11.56 -23.93 -29.38
CA VAL D 152 11.68 -25.06 -28.39
C VAL D 152 12.07 -24.45 -27.04
N PRO D 153 11.09 -24.07 -26.17
CA PRO D 153 11.40 -23.45 -24.89
C PRO D 153 12.24 -24.34 -23.94
N TYR D 154 12.12 -25.68 -24.08
CA TYR D 154 12.80 -26.67 -23.22
C TYR D 154 14.17 -27.08 -23.82
N PHE D 155 14.66 -26.34 -24.82
CA PHE D 155 15.97 -26.61 -25.48
C PHE D 155 17.10 -26.63 -24.43
N TYR D 156 17.10 -25.65 -23.53
CA TYR D 156 18.17 -25.42 -22.52
C TYR D 156 18.25 -26.61 -21.55
N LYS D 157 17.13 -27.29 -21.29
CA LYS D 157 17.06 -28.45 -20.35
C LYS D 157 17.83 -29.64 -20.92
N LEU D 158 18.02 -29.71 -22.25
CA LEU D 158 18.78 -30.78 -22.94
C LEU D 158 20.28 -30.68 -22.62
N LEU D 159 20.77 -29.47 -22.34
CA LEU D 159 22.22 -29.15 -22.39
C LEU D 159 22.92 -29.57 -21.10
N VAL D 160 22.22 -30.28 -20.20
CA VAL D 160 22.81 -30.90 -18.97
C VAL D 160 23.38 -32.28 -19.31
N HIS D 161 22.90 -32.92 -20.40
CA HIS D 161 23.21 -34.33 -20.75
C HIS D 161 24.66 -34.44 -21.23
N PRO D 162 25.43 -35.45 -20.74
CA PRO D 162 26.82 -35.65 -21.15
C PRO D 162 27.10 -35.67 -22.66
N SER D 163 26.18 -36.20 -23.48
CA SER D 163 26.32 -36.29 -24.96
C SER D 163 26.38 -34.89 -25.58
N THR D 164 26.25 -33.87 -24.73
CA THR D 164 26.23 -32.42 -25.09
C THR D 164 27.48 -31.72 -24.50
N SER D 165 28.34 -32.47 -23.80
CA SER D 165 29.60 -31.95 -23.21
C SER D 165 30.61 -31.68 -24.32
N PRO D 166 31.59 -30.77 -24.10
CA PRO D 166 32.67 -30.57 -25.05
C PRO D 166 33.67 -31.73 -24.98
N VAL D 167 34.33 -32.04 -26.09
CA VAL D 167 35.39 -33.08 -26.20
C VAL D 167 36.60 -32.46 -26.90
N PRO D 168 37.84 -32.80 -26.47
CA PRO D 168 39.04 -32.15 -26.99
C PRO D 168 39.47 -32.64 -28.38
N LYS D 169 39.56 -31.72 -29.36
CA LYS D 169 39.81 -32.00 -30.79
C LYS D 169 41.21 -32.63 -30.97
N ALA D 170 42.25 -32.00 -30.40
CA ALA D 170 43.66 -32.42 -30.55
C ALA D 170 43.82 -33.87 -30.09
N ALA D 171 43.41 -34.16 -28.85
CA ALA D 171 43.46 -35.50 -28.21
C ALA D 171 42.82 -36.55 -29.14
N ILE D 172 41.59 -36.28 -29.59
CA ILE D 172 40.76 -37.22 -30.40
C ILE D 172 41.47 -37.54 -31.72
N GLU D 173 41.99 -36.52 -32.40
CA GLU D 173 42.62 -36.65 -33.75
C GLU D 173 44.02 -37.29 -33.63
N LYS D 174 44.65 -37.21 -32.46
CA LYS D 174 46.00 -37.78 -32.18
C LYS D 174 45.86 -39.27 -31.81
N PHE D 175 44.88 -39.62 -30.96
CA PHE D 175 44.81 -40.91 -30.24
C PHE D 175 43.57 -41.75 -30.66
N GLY D 176 42.68 -41.21 -31.49
CA GLY D 176 41.44 -41.90 -31.91
C GLY D 176 40.67 -42.43 -30.70
N GLU D 177 40.29 -43.71 -30.71
CA GLU D 177 39.49 -44.35 -29.63
C GLU D 177 40.26 -44.36 -28.30
N LYS D 178 41.59 -44.26 -28.34
CA LYS D 178 42.47 -44.35 -27.13
C LYS D 178 42.71 -42.95 -26.55
N TRP D 179 41.84 -41.98 -26.85
CA TRP D 179 41.94 -40.58 -26.32
C TRP D 179 41.43 -40.54 -24.87
N THR D 180 40.66 -41.54 -24.43
CA THR D 180 40.07 -41.63 -23.08
C THR D 180 40.96 -42.45 -22.13
N GLN D 181 42.14 -42.89 -22.58
CA GLN D 181 43.12 -43.63 -21.74
C GLN D 181 43.69 -42.68 -20.69
N PRO D 182 43.91 -43.15 -19.44
CA PRO D 182 44.41 -42.30 -18.35
C PRO D 182 45.51 -41.28 -18.71
N GLY D 183 46.47 -41.66 -19.57
CA GLY D 183 47.63 -40.83 -19.94
C GLY D 183 47.33 -39.81 -21.01
N ASN D 184 46.20 -39.96 -21.74
CA ASN D 184 45.88 -39.18 -22.96
C ASN D 184 44.72 -38.20 -22.70
N ILE D 185 43.69 -38.64 -21.96
CA ILE D 185 42.39 -37.90 -21.82
C ILE D 185 42.64 -36.46 -21.37
N VAL D 186 41.82 -35.54 -21.88
CA VAL D 186 41.80 -34.10 -21.52
C VAL D 186 40.34 -33.74 -21.17
N THR D 187 40.10 -33.30 -19.94
CA THR D 187 38.77 -33.16 -19.31
C THR D 187 38.52 -31.70 -18.91
N ASN D 188 37.26 -31.26 -18.90
CA ASN D 188 36.85 -29.90 -18.44
C ASN D 188 35.92 -30.01 -17.22
N GLY D 189 35.67 -31.21 -16.71
CA GLY D 189 34.86 -31.44 -15.50
C GLY D 189 35.67 -31.19 -14.23
N ALA D 190 35.06 -31.41 -13.07
CA ALA D 190 35.67 -31.22 -11.73
C ALA D 190 36.72 -32.31 -11.46
N TYR D 191 36.72 -33.37 -12.28
CA TYR D 191 37.62 -34.55 -12.12
C TYR D 191 38.23 -34.91 -13.48
N THR D 192 39.39 -35.59 -13.45
CA THR D 192 40.06 -36.22 -14.61
C THR D 192 40.24 -37.71 -14.29
N LEU D 193 40.71 -38.50 -15.27
CA LEU D 193 40.90 -39.96 -15.13
C LEU D 193 42.28 -40.24 -14.54
N LYS D 194 42.34 -40.95 -13.42
CA LYS D 194 43.59 -41.46 -12.79
C LYS D 194 43.85 -42.89 -13.27
N ASP D 195 42.86 -43.77 -13.10
CA ASP D 195 42.99 -45.23 -13.38
C ASP D 195 41.68 -45.76 -13.97
N TRP D 196 41.79 -46.71 -14.92
CA TRP D 196 40.68 -47.50 -15.50
C TRP D 196 41.13 -48.96 -15.63
N VAL D 197 40.62 -49.84 -14.78
CA VAL D 197 40.84 -51.31 -14.81
C VAL D 197 39.49 -51.98 -15.12
N VAL D 198 39.39 -52.60 -16.30
CA VAL D 198 38.11 -53.15 -16.87
C VAL D 198 37.58 -54.24 -15.93
N ASN D 199 36.32 -54.12 -15.52
CA ASN D 199 35.56 -55.09 -14.68
C ASN D 199 36.05 -55.05 -13.22
N GLU D 200 36.78 -53.99 -12.83
CA GLU D 200 37.32 -53.83 -11.44
C GLU D 200 36.95 -52.45 -10.90
N ARG D 201 37.44 -51.37 -11.52
CA ARG D 201 37.21 -49.98 -11.02
C ARG D 201 37.60 -48.93 -12.07
N ILE D 202 36.93 -47.77 -12.02
CA ILE D 202 37.36 -46.48 -12.64
C ILE D 202 37.63 -45.50 -11.49
N VAL D 203 38.85 -44.98 -11.39
CA VAL D 203 39.29 -44.00 -10.34
C VAL D 203 39.45 -42.63 -11.00
N LEU D 204 38.68 -41.63 -10.55
CA LEU D 204 38.82 -40.20 -10.95
C LEU D 204 39.47 -39.44 -9.79
N GLU D 205 40.27 -38.42 -10.10
CA GLU D 205 40.88 -37.52 -9.08
C GLU D 205 40.56 -36.07 -9.43
N ARG D 206 40.32 -35.25 -8.41
CA ARG D 206 40.00 -33.80 -8.47
C ARG D 206 40.93 -33.10 -9.46
N SER D 207 40.36 -32.31 -10.35
CA SER D 207 41.08 -31.55 -11.39
C SER D 207 41.14 -30.08 -10.97
N PRO D 208 42.32 -29.53 -10.62
CA PRO D 208 42.41 -28.15 -10.14
C PRO D 208 42.41 -27.07 -11.25
N THR D 209 42.31 -27.52 -12.50
CA THR D 209 42.22 -26.63 -13.67
C THR D 209 40.74 -26.24 -13.85
N TYR D 210 39.85 -27.01 -13.23
CA TYR D 210 38.38 -26.80 -13.25
C TYR D 210 38.03 -25.44 -12.65
N TRP D 211 37.21 -24.64 -13.34
CA TRP D 211 36.84 -23.25 -12.96
C TRP D 211 36.29 -23.13 -11.54
N ASN D 212 35.53 -24.13 -11.07
CA ASN D 212 34.86 -24.08 -9.77
C ASN D 212 35.45 -25.15 -8.84
N ASN D 213 36.77 -25.29 -8.92
CA ASN D 213 37.50 -26.25 -8.06
C ASN D 213 37.42 -25.81 -6.58
N ALA D 214 37.39 -24.50 -6.33
CA ALA D 214 37.30 -23.96 -4.95
C ALA D 214 36.15 -24.59 -4.18
N LYS D 215 35.11 -25.03 -4.86
CA LYS D 215 33.90 -25.58 -4.19
C LYS D 215 33.91 -27.12 -4.22
N THR D 216 34.86 -27.75 -4.92
CA THR D 216 35.08 -29.22 -4.90
C THR D 216 35.71 -29.61 -3.55
N VAL D 217 35.28 -30.73 -2.97
CA VAL D 217 35.77 -31.24 -1.65
C VAL D 217 36.39 -32.64 -1.81
N ILE D 218 35.71 -33.55 -2.51
CA ILE D 218 36.18 -34.94 -2.76
C ILE D 218 37.43 -34.87 -3.65
N ASN D 219 38.54 -35.46 -3.19
CA ASN D 219 39.85 -35.47 -3.89
C ASN D 219 39.90 -36.64 -4.86
N GLN D 220 39.30 -37.78 -4.49
CA GLN D 220 39.27 -39.03 -5.31
C GLN D 220 37.91 -39.70 -5.17
N VAL D 221 37.35 -40.19 -6.29
CA VAL D 221 36.11 -41.00 -6.32
C VAL D 221 36.38 -42.26 -7.16
N THR D 222 35.96 -43.43 -6.66
CA THR D 222 36.06 -44.74 -7.34
C THR D 222 34.64 -45.19 -7.75
N TYR D 223 34.48 -45.64 -8.99
CA TYR D 223 33.24 -46.25 -9.54
C TYR D 223 33.52 -47.74 -9.80
N LEU D 224 32.69 -48.63 -9.24
CA LEU D 224 32.80 -50.11 -9.39
C LEU D 224 31.74 -50.59 -10.37
N PRO D 225 32.03 -51.61 -11.21
CA PRO D 225 31.07 -52.13 -12.18
C PRO D 225 30.34 -53.41 -11.74
N ILE D 226 29.81 -53.42 -10.51
CA ILE D 226 29.18 -54.62 -9.89
C ILE D 226 27.72 -54.71 -10.37
N ALA D 227 27.40 -55.72 -11.19
CA ALA D 227 26.06 -55.97 -11.77
C ALA D 227 25.13 -56.60 -10.73
N SER D 228 25.67 -57.45 -9.86
CA SER D 228 24.93 -58.12 -8.75
C SER D 228 24.53 -57.08 -7.70
N GLU D 229 23.23 -56.89 -7.49
CA GLU D 229 22.66 -55.95 -6.48
C GLU D 229 22.95 -56.48 -5.07
N VAL D 230 22.95 -57.81 -4.91
CA VAL D 230 23.24 -58.50 -3.61
C VAL D 230 24.68 -58.19 -3.19
N THR D 231 25.64 -58.41 -4.11
CA THR D 231 27.09 -58.16 -3.90
C THR D 231 27.31 -56.67 -3.57
N ASP D 232 26.68 -55.77 -4.33
CA ASP D 232 26.72 -54.30 -4.13
C ASP D 232 26.39 -53.99 -2.67
N VAL D 233 25.22 -54.46 -2.20
CA VAL D 233 24.71 -54.28 -0.81
C VAL D 233 25.72 -54.88 0.18
N ASN D 234 26.17 -56.11 -0.05
CA ASN D 234 27.09 -56.85 0.85
C ASN D 234 28.42 -56.08 0.99
N ARG D 235 28.99 -55.64 -0.14
CA ARG D 235 30.25 -54.85 -0.16
C ARG D 235 30.06 -53.52 0.57
N TYR D 236 28.85 -52.93 0.48
CA TYR D 236 28.46 -51.70 1.21
C TYR D 236 28.45 -51.99 2.72
N ARG D 237 27.84 -53.11 3.12
CA ARG D 237 27.71 -53.54 4.53
C ARG D 237 29.11 -53.83 5.12
N SER D 238 30.01 -54.38 4.30
CA SER D 238 31.40 -54.74 4.69
C SER D 238 32.25 -53.48 4.92
N GLY D 239 31.79 -52.32 4.45
CA GLY D 239 32.41 -51.01 4.70
C GLY D 239 33.33 -50.58 3.56
N GLU D 240 33.17 -51.17 2.38
CA GLU D 240 34.04 -50.95 1.19
C GLU D 240 33.40 -49.91 0.26
N ILE D 241 32.06 -49.88 0.17
CA ILE D 241 31.29 -48.97 -0.72
C ILE D 241 30.53 -47.95 0.14
N ASP D 242 30.62 -46.66 -0.23
CA ASP D 242 29.99 -45.52 0.48
C ASP D 242 28.56 -45.30 -0.02
N MET D 243 28.33 -45.54 -1.32
CA MET D 243 27.00 -45.36 -1.99
C MET D 243 26.76 -46.53 -2.96
N THR D 244 25.68 -47.29 -2.76
CA THR D 244 25.25 -48.38 -3.65
C THR D 244 24.71 -47.80 -4.97
N ASN D 245 24.66 -48.62 -6.02
CA ASN D 245 23.87 -48.34 -7.25
C ASN D 245 22.40 -48.29 -6.84
N ASN D 246 21.57 -47.54 -7.57
CA ASN D 246 20.12 -47.38 -7.26
C ASN D 246 19.33 -48.53 -7.89
N SER D 247 19.83 -49.76 -7.72
CA SER D 247 19.14 -51.03 -8.05
C SER D 247 19.18 -51.92 -6.79
N MET D 248 18.05 -52.06 -6.11
CA MET D 248 17.94 -52.77 -4.81
C MET D 248 17.52 -54.22 -5.05
N PRO D 249 18.12 -55.20 -4.33
CA PRO D 249 17.69 -56.59 -4.42
C PRO D 249 16.34 -56.77 -3.70
N ILE D 250 15.43 -57.51 -4.33
CA ILE D 250 14.05 -57.80 -3.84
C ILE D 250 14.12 -58.21 -2.36
N GLU D 251 14.99 -59.16 -2.04
CA GLU D 251 15.02 -59.92 -0.74
C GLU D 251 15.48 -58.99 0.39
N LEU D 252 16.63 -58.33 0.21
CA LEU D 252 17.40 -57.65 1.29
C LEU D 252 16.76 -56.30 1.67
N PHE D 253 16.14 -55.60 0.72
CA PHE D 253 15.68 -54.19 0.89
C PHE D 253 14.84 -54.04 2.16
N GLN D 254 13.90 -54.96 2.39
CA GLN D 254 12.99 -54.96 3.58
C GLN D 254 13.80 -55.11 4.87
N LYS D 255 14.84 -55.94 4.86
CA LYS D 255 15.76 -56.15 6.01
C LYS D 255 16.55 -54.87 6.28
N LEU D 256 16.90 -54.12 5.22
CA LEU D 256 17.76 -52.91 5.29
C LEU D 256 16.95 -51.70 5.78
N LYS D 257 15.65 -51.65 5.45
CA LYS D 257 14.68 -50.67 6.03
C LYS D 257 14.67 -50.79 7.55
N LYS D 258 14.70 -52.02 8.06
CA LYS D 258 14.59 -52.38 9.50
C LYS D 258 15.88 -51.99 10.24
N GLU D 259 17.05 -52.33 9.67
CA GLU D 259 18.36 -52.31 10.39
C GLU D 259 19.05 -50.95 10.23
N ILE D 260 19.09 -50.38 9.01
CA ILE D 260 19.80 -49.09 8.72
C ILE D 260 18.85 -48.13 8.01
N PRO D 261 17.72 -47.72 8.65
CA PRO D 261 16.73 -46.85 8.02
C PRO D 261 17.28 -45.48 7.59
N ASP D 262 18.15 -44.89 8.42
CA ASP D 262 18.78 -43.55 8.19
C ASP D 262 19.57 -43.55 6.87
N GLU D 263 20.13 -44.70 6.52
CA GLU D 263 21.03 -44.90 5.35
C GLU D 263 20.25 -45.21 4.08
N VAL D 264 18.95 -45.46 4.20
CA VAL D 264 18.12 -45.79 3.00
C VAL D 264 17.59 -44.52 2.35
N HIS D 265 17.75 -44.39 1.05
CA HIS D 265 17.25 -43.18 0.35
C HIS D 265 16.34 -43.63 -0.77
N VAL D 266 15.07 -43.20 -0.70
CA VAL D 266 14.01 -43.52 -1.69
C VAL D 266 13.43 -42.18 -2.15
N ASP D 267 13.53 -41.91 -3.43
CA ASP D 267 13.17 -40.59 -4.01
C ASP D 267 12.52 -40.78 -5.38
N PRO D 268 11.70 -39.81 -5.84
CA PRO D 268 11.14 -39.85 -7.19
C PRO D 268 12.23 -40.04 -8.26
N TYR D 269 11.95 -40.83 -9.29
CA TYR D 269 12.88 -41.20 -10.38
C TYR D 269 12.09 -41.33 -11.70
N LEU D 270 12.36 -40.44 -12.66
CA LEU D 270 11.65 -40.38 -13.97
C LEU D 270 12.25 -41.43 -14.92
N CYS D 271 12.06 -42.71 -14.58
CA CYS D 271 12.43 -43.89 -15.42
C CYS D 271 11.25 -44.87 -15.43
N THR D 272 11.11 -45.63 -16.51
CA THR D 272 10.06 -46.68 -16.70
C THR D 272 10.75 -48.03 -16.95
N TYR D 273 10.45 -49.03 -16.13
CA TYR D 273 10.79 -50.46 -16.33
C TYR D 273 9.76 -51.06 -17.29
N TYR D 274 10.22 -51.68 -18.39
CA TYR D 274 9.33 -52.29 -19.41
C TYR D 274 10.08 -53.38 -20.19
N TYR D 275 9.30 -54.29 -20.77
CA TYR D 275 9.78 -55.35 -21.70
C TYR D 275 9.64 -54.84 -23.13
N GLU D 276 10.78 -54.47 -23.72
CA GLU D 276 10.89 -53.87 -25.08
C GLU D 276 10.65 -54.97 -26.12
N ILE D 277 9.74 -54.73 -27.06
CA ILE D 277 9.45 -55.63 -28.20
C ILE D 277 10.28 -55.15 -29.41
N ASN D 278 11.01 -56.07 -30.05
CA ASN D 278 11.63 -55.84 -31.38
C ASN D 278 10.50 -55.85 -32.41
N ASN D 279 10.04 -54.65 -32.80
CA ASN D 279 8.83 -54.45 -33.65
C ASN D 279 9.08 -55.00 -35.07
N GLN D 280 10.34 -55.20 -35.48
CA GLN D 280 10.70 -55.62 -36.86
C GLN D 280 11.10 -57.11 -36.91
N LYS D 281 11.13 -57.79 -35.76
CA LYS D 281 11.42 -59.25 -35.67
C LYS D 281 10.09 -60.01 -35.67
N PRO D 282 9.77 -60.79 -36.74
CA PRO D 282 8.57 -61.63 -36.74
C PRO D 282 8.63 -62.65 -35.60
N PRO D 283 7.49 -62.97 -34.93
CA PRO D 283 6.17 -62.47 -35.32
C PRO D 283 5.73 -61.09 -34.76
N PHE D 284 6.66 -60.31 -34.19
CA PHE D 284 6.37 -59.06 -33.45
C PHE D 284 6.25 -57.86 -34.39
N ASN D 285 6.24 -58.11 -35.71
CA ASN D 285 5.83 -57.13 -36.75
C ASN D 285 4.30 -57.07 -36.79
N ASP D 286 3.63 -58.07 -36.20
CA ASP D 286 2.15 -58.16 -36.09
C ASP D 286 1.71 -57.48 -34.79
N VAL D 287 0.88 -56.45 -34.88
CA VAL D 287 0.40 -55.62 -33.73
C VAL D 287 -0.49 -56.46 -32.80
N ARG D 288 -1.19 -57.48 -33.34
CA ARG D 288 -2.09 -58.36 -32.56
C ARG D 288 -1.25 -59.21 -31.58
N VAL D 289 -0.14 -59.78 -32.07
CA VAL D 289 0.84 -60.56 -31.26
C VAL D 289 1.41 -59.64 -30.17
N ARG D 290 1.93 -58.48 -30.57
CA ARG D 290 2.50 -57.44 -29.65
C ARG D 290 1.49 -57.12 -28.54
N THR D 291 0.22 -56.90 -28.90
CA THR D 291 -0.86 -56.52 -27.96
C THR D 291 -1.12 -57.67 -26.98
N ALA D 292 -1.03 -58.92 -27.44
CA ALA D 292 -1.22 -60.14 -26.62
C ALA D 292 -0.16 -60.20 -25.51
N LEU D 293 1.10 -59.90 -25.84
CA LEU D 293 2.22 -59.81 -24.87
C LEU D 293 1.91 -58.74 -23.83
N LYS D 294 1.53 -57.54 -24.28
CA LYS D 294 1.25 -56.35 -23.44
C LYS D 294 0.20 -56.72 -22.37
N LEU D 295 -0.93 -57.29 -22.81
CA LEU D 295 -2.09 -57.64 -21.94
C LEU D 295 -1.73 -58.85 -21.07
N GLY D 296 -1.10 -59.88 -21.66
CA GLY D 296 -0.78 -61.16 -21.01
C GLY D 296 0.11 -61.01 -19.79
N MET D 297 0.91 -59.95 -19.74
CA MET D 297 1.76 -59.58 -18.56
C MET D 297 0.84 -59.12 -17.42
N ASP D 298 1.05 -59.66 -16.21
CA ASP D 298 0.32 -59.25 -14.97
C ASP D 298 1.25 -58.35 -14.15
N ARG D 299 1.03 -57.04 -14.22
CA ARG D 299 1.90 -56.01 -13.59
C ARG D 299 1.77 -56.09 -12.07
N ASP D 300 0.58 -56.37 -11.55
CA ASP D 300 0.25 -56.40 -10.10
C ASP D 300 1.08 -57.47 -9.39
N ILE D 301 1.25 -58.66 -10.01
CA ILE D 301 2.11 -59.75 -9.47
C ILE D 301 3.56 -59.25 -9.45
N ILE D 302 4.05 -58.75 -10.59
CA ILE D 302 5.46 -58.27 -10.78
C ILE D 302 5.75 -57.13 -9.80
N VAL D 303 4.89 -56.11 -9.77
CA VAL D 303 5.07 -54.86 -8.97
C VAL D 303 5.02 -55.19 -7.47
N ASN D 304 4.24 -56.19 -7.06
CA ASN D 304 4.04 -56.56 -5.63
C ASN D 304 5.24 -57.37 -5.12
N LYS D 305 6.20 -57.72 -5.99
CA LYS D 305 7.53 -58.28 -5.60
C LYS D 305 8.44 -57.13 -5.16
N VAL D 306 8.22 -55.92 -5.67
CA VAL D 306 9.02 -54.68 -5.35
C VAL D 306 8.11 -53.66 -4.64
N LYS D 307 7.03 -54.11 -4.00
CA LYS D 307 5.97 -53.23 -3.44
C LYS D 307 6.53 -52.39 -2.29
N ALA D 308 7.45 -52.95 -1.50
CA ALA D 308 8.10 -52.29 -0.33
C ALA D 308 8.79 -51.00 -0.77
N GLN D 309 9.43 -51.01 -1.95
CA GLN D 309 10.18 -49.85 -2.52
C GLN D 309 9.18 -48.78 -2.99
N GLY D 310 7.96 -49.18 -3.35
CA GLY D 310 6.84 -48.27 -3.69
C GLY D 310 6.74 -47.98 -5.17
N ASN D 311 7.15 -48.93 -6.03
CA ASN D 311 7.03 -48.83 -7.50
C ASN D 311 5.55 -48.96 -7.88
N MET D 312 5.07 -48.05 -8.74
CA MET D 312 3.64 -48.00 -9.19
C MET D 312 3.53 -48.69 -10.55
N PRO D 313 2.47 -49.51 -10.79
CA PRO D 313 2.32 -50.21 -12.06
C PRO D 313 2.25 -49.25 -13.26
N ALA D 314 2.91 -49.61 -14.37
CA ALA D 314 3.06 -48.77 -15.58
C ALA D 314 2.00 -49.15 -16.61
N TYR D 315 1.31 -48.16 -17.17
CA TYR D 315 0.26 -48.31 -18.21
C TYR D 315 0.70 -47.61 -19.52
N GLY D 316 1.94 -47.11 -19.55
CA GLY D 316 2.50 -46.33 -20.67
C GLY D 316 4.01 -46.24 -20.59
N TYR D 317 4.61 -45.32 -21.36
CA TYR D 317 6.07 -45.19 -21.54
C TYR D 317 6.58 -44.00 -20.70
N THR D 318 6.09 -42.79 -20.97
CA THR D 318 6.43 -41.55 -20.23
C THR D 318 5.85 -41.65 -18.82
N PRO D 319 6.68 -41.51 -17.76
CA PRO D 319 6.15 -41.42 -16.39
C PRO D 319 5.11 -40.30 -16.27
N PRO D 320 3.94 -40.56 -15.65
CA PRO D 320 2.88 -39.56 -15.55
C PRO D 320 3.21 -38.37 -14.63
N TYR D 321 4.24 -38.51 -13.78
CA TYR D 321 4.74 -37.45 -12.87
C TYR D 321 5.85 -36.64 -13.56
N THR D 322 6.10 -36.92 -14.86
CA THR D 322 6.95 -36.10 -15.76
C THR D 322 6.36 -34.68 -15.85
N ASP D 323 7.21 -33.67 -15.82
CA ASP D 323 6.82 -32.23 -15.93
C ASP D 323 6.24 -31.98 -17.32
N GLY D 324 4.93 -31.69 -17.40
CA GLY D 324 4.22 -31.38 -18.65
C GLY D 324 3.42 -32.57 -19.18
N ALA D 325 3.14 -33.56 -18.34
CA ALA D 325 2.43 -34.81 -18.69
C ALA D 325 1.15 -34.93 -17.86
N LYS D 326 -0.02 -34.97 -18.53
CA LYS D 326 -1.32 -35.33 -17.95
C LYS D 326 -1.85 -36.54 -18.71
N LEU D 327 -1.26 -37.70 -18.44
CA LEU D 327 -1.49 -38.97 -19.17
C LEU D 327 -2.83 -39.57 -18.74
N THR D 328 -3.44 -40.33 -19.65
CA THR D 328 -4.69 -41.10 -19.43
C THR D 328 -4.33 -42.59 -19.32
N GLN D 329 -5.01 -43.33 -18.44
CA GLN D 329 -4.89 -44.81 -18.35
C GLN D 329 -5.74 -45.42 -19.45
N PRO D 330 -5.21 -46.38 -20.25
CA PRO D 330 -5.99 -47.04 -21.30
C PRO D 330 -7.03 -48.00 -20.68
N GLU D 331 -8.08 -48.30 -21.45
CA GLU D 331 -9.25 -49.12 -21.04
C GLU D 331 -8.77 -50.45 -20.44
N TRP D 332 -7.79 -51.08 -21.08
CA TRP D 332 -7.32 -52.47 -20.78
C TRP D 332 -6.66 -52.52 -19.39
N PHE D 333 -6.14 -51.39 -18.90
CA PHE D 333 -5.49 -51.28 -17.56
C PHE D 333 -6.55 -51.42 -16.46
N GLY D 334 -7.79 -51.01 -16.76
CA GLY D 334 -8.95 -51.13 -15.85
C GLY D 334 -9.44 -52.57 -15.72
N TRP D 335 -9.29 -53.36 -16.78
CA TRP D 335 -9.81 -54.77 -16.88
C TRP D 335 -9.19 -55.63 -15.77
N SER D 336 -9.83 -56.77 -15.48
CA SER D 336 -9.25 -57.90 -14.69
C SER D 336 -8.21 -58.62 -15.56
N GLN D 337 -7.23 -59.29 -14.94
CA GLN D 337 -6.14 -60.00 -15.65
C GLN D 337 -6.75 -61.14 -16.49
N GLU D 338 -7.76 -61.83 -15.96
CA GLU D 338 -8.46 -62.96 -16.62
C GLU D 338 -9.00 -62.51 -17.98
N LYS D 339 -9.49 -61.27 -18.08
CA LYS D 339 -10.06 -60.67 -19.32
C LYS D 339 -8.92 -60.32 -20.28
N ARG D 340 -7.86 -59.69 -19.77
CA ARG D 340 -6.63 -59.35 -20.57
C ARG D 340 -6.10 -60.60 -21.26
N ASN D 341 -6.04 -61.72 -20.52
CA ASN D 341 -5.49 -63.02 -20.97
C ASN D 341 -6.36 -63.57 -22.12
N GLU D 342 -7.69 -63.54 -21.96
CA GLU D 342 -8.64 -64.13 -22.94
C GLU D 342 -8.63 -63.29 -24.24
N GLU D 343 -8.45 -61.97 -24.12
CA GLU D 343 -8.34 -61.04 -25.27
C GLU D 343 -7.00 -61.27 -25.97
N ALA D 344 -5.93 -61.53 -25.20
CA ALA D 344 -4.56 -61.77 -25.71
C ALA D 344 -4.51 -63.08 -26.51
N LYS D 345 -5.11 -64.15 -25.98
CA LYS D 345 -5.16 -65.50 -26.63
C LYS D 345 -6.01 -65.42 -27.90
N LYS D 346 -7.06 -64.61 -27.90
CA LYS D 346 -7.94 -64.34 -29.08
C LYS D 346 -7.12 -63.64 -30.17
N LEU D 347 -6.37 -62.59 -29.80
CA LEU D 347 -5.52 -61.80 -30.74
C LEU D 347 -4.42 -62.69 -31.32
N LEU D 348 -3.81 -63.54 -30.50
CA LEU D 348 -2.78 -64.54 -30.92
C LEU D 348 -3.38 -65.51 -31.94
N ALA D 349 -4.59 -66.00 -31.67
CA ALA D 349 -5.33 -66.99 -32.51
C ALA D 349 -5.65 -66.39 -33.88
N GLU D 350 -5.89 -65.08 -33.94
CA GLU D 350 -6.19 -64.34 -35.20
C GLU D 350 -4.94 -64.33 -36.09
N ALA D 351 -3.76 -64.18 -35.49
CA ALA D 351 -2.45 -64.12 -36.17
C ALA D 351 -1.94 -65.53 -36.49
N GLY D 352 -2.58 -66.57 -35.93
CA GLY D 352 -2.35 -67.99 -36.28
C GLY D 352 -1.46 -68.71 -35.28
N TYR D 353 -1.44 -68.28 -34.01
CA TYR D 353 -0.67 -68.88 -32.91
C TYR D 353 -1.63 -69.32 -31.80
N THR D 354 -1.67 -70.63 -31.53
CA THR D 354 -2.61 -71.28 -30.57
C THR D 354 -1.82 -72.13 -29.57
N ALA D 355 -2.53 -72.84 -28.68
CA ALA D 355 -1.98 -73.84 -27.73
C ALA D 355 -1.32 -74.99 -28.51
N ASP D 356 -1.96 -75.44 -29.59
CA ASP D 356 -1.53 -76.58 -30.44
C ASP D 356 -0.26 -76.23 -31.22
N LYS D 357 -0.21 -75.02 -31.79
CA LYS D 357 0.95 -74.47 -32.56
C LYS D 357 1.51 -73.28 -31.78
N PRO D 358 2.31 -73.53 -30.72
CA PRO D 358 2.65 -72.47 -29.76
C PRO D 358 3.81 -71.57 -30.22
N LEU D 359 3.94 -70.42 -29.55
CA LEU D 359 4.99 -69.40 -29.81
C LEU D 359 6.12 -69.58 -28.79
N THR D 360 7.37 -69.61 -29.27
CA THR D 360 8.61 -69.70 -28.43
C THR D 360 9.49 -68.47 -28.74
N ILE D 361 9.73 -67.65 -27.72
CA ILE D 361 10.46 -66.34 -27.83
C ILE D 361 11.66 -66.37 -26.90
N ASN D 362 12.65 -65.49 -27.13
CA ASN D 362 13.84 -65.30 -26.28
C ASN D 362 13.74 -63.95 -25.56
N LEU D 363 13.63 -63.98 -24.23
CA LEU D 363 13.62 -62.77 -23.36
C LEU D 363 15.06 -62.43 -22.96
N LEU D 364 15.67 -61.45 -23.63
CA LEU D 364 17.03 -60.93 -23.33
C LEU D 364 16.96 -60.05 -22.07
N TYR D 365 18.04 -60.02 -21.28
CA TYR D 365 18.19 -59.14 -20.09
C TYR D 365 19.68 -59.03 -19.74
N ASN D 366 20.13 -57.86 -19.26
CA ASN D 366 21.53 -57.61 -18.84
C ASN D 366 21.75 -58.21 -17.46
N THR D 367 22.94 -58.76 -17.20
CA THR D 367 23.33 -59.43 -15.93
C THR D 367 22.86 -58.58 -14.75
N SER D 368 22.17 -59.21 -13.80
CA SER D 368 21.53 -58.57 -12.61
C SER D 368 20.69 -59.61 -11.86
N ASP D 369 20.63 -59.49 -10.52
CA ASP D 369 19.82 -60.35 -9.63
C ASP D 369 18.34 -59.95 -9.75
N LEU D 370 18.07 -58.63 -9.86
CA LEU D 370 16.70 -58.06 -10.01
C LEU D 370 16.10 -58.50 -11.35
N HIS D 371 16.84 -58.32 -12.45
CA HIS D 371 16.36 -58.57 -13.83
C HIS D 371 16.13 -60.07 -14.04
N LYS D 372 17.00 -60.93 -13.50
CA LYS D 372 16.88 -62.41 -13.59
C LYS D 372 15.58 -62.85 -12.88
N LYS D 373 15.35 -62.37 -11.65
CA LYS D 373 14.16 -62.71 -10.82
C LYS D 373 12.88 -62.33 -11.56
N LEU D 374 12.78 -61.09 -12.04
CA LEU D 374 11.58 -60.53 -12.71
C LEU D 374 11.40 -61.15 -14.10
N ALA D 375 12.48 -61.56 -14.76
CA ALA D 375 12.48 -62.24 -16.08
C ALA D 375 11.89 -63.66 -15.93
N ILE D 376 12.36 -64.42 -14.92
CA ILE D 376 11.84 -65.77 -14.57
C ILE D 376 10.34 -65.66 -14.26
N ALA D 377 9.94 -64.63 -13.51
CA ALA D 377 8.54 -64.32 -13.16
C ALA D 377 7.73 -64.03 -14.43
N ALA D 378 8.22 -63.10 -15.25
CA ALA D 378 7.61 -62.68 -16.55
C ALA D 378 7.45 -63.90 -17.46
N SER D 379 8.51 -64.71 -17.57
CA SER D 379 8.56 -65.97 -18.38
C SER D 379 7.47 -66.94 -17.94
N SER D 380 7.21 -67.03 -16.63
CA SER D 380 6.22 -67.94 -16.01
C SER D 380 4.80 -67.39 -16.20
N LEU D 381 4.61 -66.08 -16.04
CA LEU D 381 3.31 -65.38 -16.23
C LEU D 381 2.83 -65.59 -17.69
N TRP D 382 3.68 -65.25 -18.65
CA TRP D 382 3.38 -65.35 -20.11
C TRP D 382 3.01 -66.80 -20.49
N LYS D 383 3.63 -67.79 -19.85
CA LYS D 383 3.37 -69.24 -20.10
C LYS D 383 1.97 -69.59 -19.60
N LYS D 384 1.65 -69.26 -18.34
CA LYS D 384 0.36 -69.61 -17.68
C LYS D 384 -0.78 -68.78 -18.29
N ASN D 385 -0.54 -67.50 -18.59
CA ASN D 385 -1.58 -66.51 -18.96
C ASN D 385 -1.98 -66.69 -20.43
N ILE D 386 -1.02 -66.71 -21.35
CA ILE D 386 -1.29 -66.66 -22.82
C ILE D 386 -0.55 -67.79 -23.57
N GLY D 387 -0.01 -68.79 -22.86
CA GLY D 387 0.56 -70.02 -23.45
C GLY D 387 1.72 -69.74 -24.39
N VAL D 388 2.52 -68.72 -24.10
CA VAL D 388 3.76 -68.36 -24.87
C VAL D 388 4.97 -68.86 -24.08
N ASN D 389 5.80 -69.72 -24.69
CA ASN D 389 7.08 -70.22 -24.13
C ASN D 389 8.12 -69.11 -24.21
N VAL D 390 8.82 -68.85 -23.11
CA VAL D 390 9.81 -67.73 -22.97
C VAL D 390 11.11 -68.29 -22.38
N LYS D 391 12.16 -68.40 -23.20
CA LYS D 391 13.53 -68.79 -22.76
C LYS D 391 14.30 -67.51 -22.40
N LEU D 392 15.23 -67.62 -21.44
CA LEU D 392 15.99 -66.47 -20.87
C LEU D 392 17.41 -66.45 -21.42
N VAL D 393 17.80 -65.33 -22.05
CA VAL D 393 19.17 -65.05 -22.55
C VAL D 393 19.73 -63.87 -21.76
N ASN D 394 20.91 -64.01 -21.13
CA ASN D 394 21.58 -62.94 -20.35
C ASN D 394 22.93 -62.61 -21.01
N GLN D 395 23.24 -61.31 -21.11
CA GLN D 395 24.49 -60.79 -21.73
C GLN D 395 25.05 -59.69 -20.83
N GLU D 396 26.34 -59.36 -20.99
CA GLU D 396 27.02 -58.27 -20.23
C GLU D 396 26.56 -56.93 -20.83
N TRP D 397 26.53 -55.88 -19.99
CA TRP D 397 25.87 -54.56 -20.23
C TRP D 397 26.20 -54.03 -21.63
N LYS D 398 27.48 -54.04 -22.03
CA LYS D 398 27.97 -53.52 -23.33
C LYS D 398 27.35 -54.30 -24.49
N THR D 399 27.37 -55.64 -24.41
CA THR D 399 26.81 -56.57 -25.44
C THR D 399 25.29 -56.39 -25.52
N PHE D 400 24.62 -56.37 -24.37
CA PHE D 400 23.16 -56.19 -24.20
C PHE D 400 22.68 -54.98 -25.02
N LEU D 401 23.37 -53.83 -24.88
CA LEU D 401 23.00 -52.56 -25.56
C LEU D 401 23.25 -52.66 -27.07
N ASP D 402 24.33 -53.34 -27.48
CA ASP D 402 24.66 -53.57 -28.92
C ASP D 402 23.58 -54.45 -29.55
N THR D 403 23.33 -55.62 -28.97
CA THR D 403 22.31 -56.62 -29.40
C THR D 403 21.00 -55.91 -29.76
N ARG D 404 20.52 -55.01 -28.90
CA ARG D 404 19.22 -54.30 -29.05
C ARG D 404 19.28 -53.31 -30.22
N HIS D 405 20.45 -52.72 -30.50
CA HIS D 405 20.64 -51.74 -31.60
C HIS D 405 20.59 -52.44 -32.96
N GLN D 406 21.25 -53.61 -33.10
CA GLN D 406 21.30 -54.35 -34.40
C GLN D 406 20.10 -55.30 -34.51
N GLY D 407 19.21 -55.32 -33.52
CA GLY D 407 17.90 -55.99 -33.59
C GLY D 407 18.01 -57.50 -33.56
N THR D 408 18.95 -58.03 -32.76
CA THR D 408 19.34 -59.46 -32.69
C THR D 408 18.55 -60.15 -31.56
N PHE D 409 17.36 -59.64 -31.22
CA PHE D 409 16.56 -60.11 -30.05
C PHE D 409 15.06 -60.13 -30.40
N ASP D 410 14.28 -60.85 -29.58
CA ASP D 410 12.80 -60.95 -29.68
C ASP D 410 12.16 -59.91 -28.75
N VAL D 411 12.31 -60.12 -27.44
CA VAL D 411 11.83 -59.22 -26.35
C VAL D 411 12.99 -59.02 -25.37
N ALA D 412 13.25 -57.77 -24.97
CA ALA D 412 14.34 -57.39 -24.05
C ALA D 412 13.76 -56.69 -22.82
N ARG D 413 14.18 -57.11 -21.62
CA ARG D 413 14.08 -56.27 -20.40
C ARG D 413 14.69 -54.92 -20.75
N ALA D 414 13.94 -53.84 -20.56
CA ALA D 414 14.37 -52.46 -20.90
C ALA D 414 14.11 -51.53 -19.72
N GLY D 415 14.85 -50.41 -19.68
CA GLY D 415 14.66 -49.31 -18.72
C GLY D 415 15.13 -48.01 -19.33
N TRP D 416 14.23 -47.04 -19.53
CA TRP D 416 14.57 -45.68 -20.02
C TRP D 416 14.44 -44.67 -18.89
N CYS D 417 15.47 -43.83 -18.71
CA CYS D 417 15.49 -42.68 -17.77
C CYS D 417 15.50 -41.38 -18.58
N ALA D 418 14.69 -40.40 -18.18
CA ALA D 418 14.59 -39.07 -18.82
C ALA D 418 15.95 -38.39 -18.79
N ASP D 419 16.42 -37.87 -19.93
CA ASP D 419 17.67 -37.07 -20.05
C ASP D 419 17.38 -35.65 -19.57
N TYR D 420 16.16 -35.15 -19.81
CA TYR D 420 15.64 -33.84 -19.36
C TYR D 420 14.16 -34.01 -18.98
N ASN D 421 13.70 -33.26 -17.97
CA ASN D 421 12.33 -33.41 -17.39
C ASN D 421 11.31 -32.76 -18.36
N GLU D 422 10.98 -33.50 -19.42
CA GLU D 422 10.00 -33.09 -20.46
C GLU D 422 9.63 -34.34 -21.26
N PRO D 423 8.34 -34.60 -21.56
CA PRO D 423 7.91 -35.89 -22.12
C PRO D 423 8.59 -36.31 -23.44
N THR D 424 9.13 -35.36 -24.22
CA THR D 424 9.85 -35.64 -25.49
C THR D 424 11.10 -36.49 -25.20
N SER D 425 11.73 -36.30 -24.04
CA SER D 425 12.92 -37.07 -23.58
C SER D 425 12.64 -38.57 -23.67
N PHE D 426 11.40 -38.98 -23.41
CA PHE D 426 10.89 -40.37 -23.58
C PHE D 426 10.37 -40.55 -25.02
N LEU D 427 9.36 -39.75 -25.39
CA LEU D 427 8.54 -39.96 -26.62
C LEU D 427 9.38 -39.89 -27.89
N ASN D 428 10.46 -39.11 -27.91
CA ASN D 428 11.32 -38.91 -29.11
C ASN D 428 12.15 -40.17 -29.41
N THR D 429 12.24 -41.12 -28.46
CA THR D 429 12.99 -42.40 -28.63
C THR D 429 12.18 -43.37 -29.50
N MET D 430 10.89 -43.10 -29.72
CA MET D 430 9.98 -43.96 -30.52
C MET D 430 9.73 -43.33 -31.90
N LEU D 431 10.39 -42.20 -32.22
CA LEU D 431 10.39 -41.60 -33.58
C LEU D 431 11.11 -42.57 -34.52
N SER D 432 10.57 -42.79 -35.73
CA SER D 432 11.08 -43.73 -36.76
C SER D 432 12.59 -43.57 -36.94
N ASN D 433 13.08 -42.32 -36.90
CA ASN D 433 14.46 -41.92 -37.29
C ASN D 433 15.38 -41.82 -36.08
N SER D 434 14.89 -42.08 -34.86
CA SER D 434 15.66 -41.91 -33.60
C SER D 434 16.75 -42.97 -33.49
N SER D 435 17.98 -42.56 -33.16
CA SER D 435 19.16 -43.43 -32.93
C SER D 435 18.95 -44.28 -31.67
N MET D 436 18.03 -43.86 -30.78
CA MET D 436 17.74 -44.51 -29.48
C MET D 436 16.56 -45.48 -29.60
N ASN D 437 16.02 -45.59 -30.81
CA ASN D 437 14.87 -46.48 -31.09
C ASN D 437 15.32 -47.93 -31.14
N THR D 438 15.41 -48.57 -29.97
CA THR D 438 15.81 -49.99 -29.87
C THR D 438 14.58 -50.88 -29.95
N ALA D 439 13.42 -50.29 -30.06
CA ALA D 439 12.18 -51.07 -30.24
C ALA D 439 12.01 -51.31 -31.73
N HIS D 440 12.60 -50.42 -32.55
CA HIS D 440 12.54 -50.38 -34.03
C HIS D 440 11.09 -50.11 -34.42
N TYR D 441 10.44 -49.27 -33.63
CA TYR D 441 9.02 -48.89 -33.80
C TYR D 441 8.99 -47.79 -34.84
N LYS D 442 8.22 -48.01 -35.90
CA LYS D 442 8.11 -47.03 -37.00
C LYS D 442 6.64 -46.77 -37.29
N SER D 443 6.16 -45.63 -36.79
CA SER D 443 4.74 -45.20 -36.97
C SER D 443 4.64 -43.77 -37.53
N PRO D 444 4.31 -43.59 -38.80
CA PRO D 444 4.07 -42.27 -39.37
C PRO D 444 3.04 -41.44 -38.58
N ALA D 445 2.05 -42.10 -38.00
CA ALA D 445 1.00 -41.47 -37.18
C ALA D 445 1.62 -40.86 -35.91
N PHE D 446 2.48 -41.62 -35.22
CA PHE D 446 3.18 -41.22 -33.98
C PHE D 446 4.17 -40.09 -34.29
N ASP D 447 4.97 -40.26 -35.33
CA ASP D 447 5.93 -39.24 -35.84
C ASP D 447 5.18 -37.93 -36.11
N SER D 448 4.02 -38.02 -36.76
CA SER D 448 3.15 -36.88 -37.15
C SER D 448 2.67 -36.14 -35.90
N ILE D 449 2.25 -36.87 -34.86
CA ILE D 449 1.75 -36.29 -33.57
C ILE D 449 2.90 -35.51 -32.90
N MET D 450 4.12 -36.04 -32.91
CA MET D 450 5.30 -35.42 -32.24
C MET D 450 5.74 -34.16 -33.01
N ALA D 451 5.64 -34.17 -34.35
CA ALA D 451 5.92 -33.00 -35.22
C ALA D 451 4.91 -31.89 -34.94
N GLU D 452 3.68 -32.24 -34.53
CA GLU D 452 2.58 -31.29 -34.22
C GLU D 452 2.91 -30.51 -32.93
N THR D 453 3.70 -31.09 -32.01
CA THR D 453 4.03 -30.51 -30.68
C THR D 453 4.87 -29.23 -30.84
N LEU D 454 5.54 -29.05 -31.99
CA LEU D 454 6.47 -27.92 -32.26
C LEU D 454 5.77 -26.79 -33.04
N LYS D 455 4.50 -26.98 -33.44
CA LYS D 455 3.69 -25.99 -34.20
C LYS D 455 2.56 -25.48 -33.30
N VAL D 456 2.73 -25.64 -31.99
CA VAL D 456 1.67 -25.45 -30.94
C VAL D 456 1.59 -23.96 -30.59
N THR D 457 0.44 -23.51 -30.06
CA THR D 457 0.16 -22.10 -29.68
C THR D 457 0.47 -21.89 -28.19
N ASP D 458 0.08 -22.83 -27.32
CA ASP D 458 0.35 -22.78 -25.85
C ASP D 458 0.87 -24.15 -25.39
N GLU D 459 1.27 -24.26 -24.13
CA GLU D 459 1.86 -25.49 -23.52
C GLU D 459 0.74 -26.50 -23.20
N ALA D 460 -0.50 -26.05 -23.02
CA ALA D 460 -1.67 -26.90 -22.73
C ALA D 460 -1.97 -27.82 -23.92
N GLN D 461 -1.84 -27.30 -25.14
CA GLN D 461 -1.99 -28.07 -26.41
C GLN D 461 -0.86 -29.08 -26.55
N ARG D 462 0.36 -28.68 -26.18
CA ARG D 462 1.59 -29.52 -26.23
C ARG D 462 1.38 -30.75 -25.34
N THR D 463 0.90 -30.53 -24.11
CA THR D 463 0.61 -31.59 -23.10
C THR D 463 -0.44 -32.56 -23.66
N ALA D 464 -1.52 -32.05 -24.26
CA ALA D 464 -2.63 -32.83 -24.85
C ALA D 464 -2.10 -33.70 -26.00
N LEU D 465 -1.18 -33.15 -26.81
CA LEU D 465 -0.57 -33.85 -27.97
C LEU D 465 0.34 -34.99 -27.49
N TYR D 466 1.04 -34.82 -26.36
CA TYR D 466 1.91 -35.86 -25.74
C TYR D 466 1.05 -37.04 -25.27
N THR D 467 -0.15 -36.77 -24.74
CA THR D 467 -1.13 -37.80 -24.28
C THR D 467 -1.64 -38.59 -25.50
N LYS D 468 -1.83 -37.92 -26.64
CA LYS D 468 -2.25 -38.55 -27.92
C LYS D 468 -1.16 -39.50 -28.41
N ALA D 469 0.12 -39.11 -28.27
CA ALA D 469 1.31 -39.90 -28.67
C ALA D 469 1.40 -41.18 -27.83
N GLU D 470 1.25 -41.05 -26.50
CA GLU D 470 1.19 -42.17 -25.54
C GLU D 470 0.05 -43.13 -25.93
N GLN D 471 -1.12 -42.57 -26.29
CA GLN D 471 -2.32 -43.34 -26.70
C GLN D 471 -2.02 -44.15 -27.96
N GLN D 472 -1.39 -43.51 -28.97
CA GLN D 472 -1.02 -44.15 -30.26
C GLN D 472 0.01 -45.25 -30.01
N LEU D 473 1.04 -44.95 -29.23
CA LEU D 473 2.12 -45.88 -28.81
C LEU D 473 1.50 -47.11 -28.13
N ASP D 474 0.49 -46.89 -27.30
CA ASP D 474 -0.24 -47.96 -26.56
C ASP D 474 -1.10 -48.78 -27.53
N LYS D 475 -1.84 -48.12 -28.42
CA LYS D 475 -2.73 -48.75 -29.43
C LYS D 475 -1.91 -49.61 -30.40
N ASP D 476 -0.64 -49.24 -30.64
CA ASP D 476 0.31 -49.97 -31.50
C ASP D 476 1.11 -51.00 -30.69
N SER D 477 0.93 -51.01 -29.36
CA SER D 477 1.64 -51.91 -28.40
C SER D 477 3.12 -51.99 -28.79
N ALA D 478 3.80 -50.85 -28.81
CA ALA D 478 5.24 -50.71 -29.15
C ALA D 478 6.10 -51.39 -28.06
N ILE D 479 5.59 -51.44 -26.82
CA ILE D 479 6.31 -51.98 -25.64
C ILE D 479 5.32 -52.68 -24.69
N VAL D 480 5.86 -53.37 -23.67
CA VAL D 480 5.10 -53.95 -22.52
C VAL D 480 5.49 -53.17 -21.27
N PRO D 481 4.78 -52.07 -20.93
CA PRO D 481 5.04 -51.35 -19.67
C PRO D 481 4.88 -52.28 -18.46
N VAL D 482 5.79 -52.19 -17.49
CA VAL D 482 5.78 -53.02 -16.25
C VAL D 482 5.56 -52.11 -15.04
N TYR D 483 6.57 -51.33 -14.63
CA TYR D 483 6.48 -50.42 -13.46
C TYR D 483 7.36 -49.19 -13.65
N TYR D 484 6.95 -48.07 -13.03
CA TYR D 484 7.69 -46.79 -12.93
C TYR D 484 8.71 -46.91 -11.79
N TYR D 485 9.97 -46.52 -12.03
CA TYR D 485 11.12 -46.67 -11.11
C TYR D 485 10.95 -45.77 -9.88
N VAL D 486 11.71 -46.09 -8.82
CA VAL D 486 12.09 -45.17 -7.70
C VAL D 486 13.61 -45.18 -7.61
N ASN D 487 14.21 -44.13 -7.04
CA ASN D 487 15.68 -43.97 -6.87
C ASN D 487 16.04 -44.45 -5.46
N ALA D 488 16.13 -45.77 -5.28
CA ALA D 488 16.35 -46.46 -3.98
C ALA D 488 17.81 -46.92 -3.90
N ARG D 489 18.60 -46.31 -3.00
CA ARG D 489 20.03 -46.68 -2.77
C ARG D 489 20.42 -46.48 -1.30
N LEU D 490 21.48 -47.18 -0.88
CA LEU D 490 22.12 -47.09 0.46
C LEU D 490 23.24 -46.05 0.39
N VAL D 491 23.27 -45.09 1.33
CA VAL D 491 24.31 -44.03 1.42
C VAL D 491 24.74 -43.93 2.89
N LYS D 492 26.05 -44.09 3.14
CA LYS D 492 26.66 -44.09 4.50
C LYS D 492 26.38 -42.73 5.16
N PRO D 493 26.15 -42.68 6.49
CA PRO D 493 25.73 -41.46 7.16
C PRO D 493 26.73 -40.31 7.03
N TRP D 494 28.01 -40.63 6.81
CA TRP D 494 29.14 -39.66 6.72
C TRP D 494 29.21 -39.02 5.33
N VAL D 495 28.45 -39.51 4.35
CA VAL D 495 28.38 -38.94 2.97
C VAL D 495 27.34 -37.82 2.97
N GLY D 496 27.79 -36.57 2.79
CA GLY D 496 26.94 -35.38 2.65
C GLY D 496 26.90 -34.88 1.22
N GLY D 497 25.87 -34.11 0.86
CA GLY D 497 25.71 -33.48 -0.46
C GLY D 497 24.78 -34.27 -1.38
N TYR D 498 24.31 -35.44 -0.94
CA TYR D 498 23.27 -36.25 -1.63
C TYR D 498 21.90 -35.96 -1.01
N THR D 499 21.10 -35.15 -1.69
CA THR D 499 19.72 -34.75 -1.29
C THR D 499 18.71 -35.72 -1.94
N GLY D 500 19.01 -36.19 -3.16
CA GLY D 500 18.18 -37.14 -3.93
C GLY D 500 16.93 -36.49 -4.49
N LYS D 501 16.84 -35.16 -4.47
CA LYS D 501 15.63 -34.38 -4.86
C LYS D 501 15.68 -34.06 -6.36
N ASP D 502 16.71 -34.54 -7.06
CA ASP D 502 16.79 -34.54 -8.55
C ASP D 502 16.07 -35.78 -9.07
N PRO D 503 14.95 -35.64 -9.82
CA PRO D 503 14.22 -36.79 -10.33
C PRO D 503 14.88 -37.49 -11.53
N LEU D 504 15.98 -36.92 -12.05
CA LEU D 504 16.84 -37.55 -13.11
C LEU D 504 18.04 -38.24 -12.45
N ASP D 505 18.29 -37.94 -11.16
CA ASP D 505 19.41 -38.48 -10.35
C ASP D 505 20.75 -38.13 -11.04
N ASN D 506 20.86 -36.89 -11.53
CA ASN D 506 22.09 -36.36 -12.18
C ASN D 506 22.95 -35.69 -11.11
N THR D 507 23.45 -36.48 -10.16
CA THR D 507 24.35 -36.07 -9.06
C THR D 507 25.75 -35.85 -9.63
N TYR D 508 26.58 -35.06 -8.93
CA TYR D 508 27.99 -34.79 -9.25
C TYR D 508 28.83 -35.03 -7.99
N THR D 509 30.02 -35.63 -8.13
CA THR D 509 31.00 -35.86 -7.03
C THR D 509 31.38 -34.52 -6.39
N ARG D 510 31.41 -33.44 -7.19
CA ARG D 510 31.84 -32.09 -6.76
C ARG D 510 30.83 -31.46 -5.78
N ASN D 511 29.63 -32.05 -5.65
CA ASN D 511 28.56 -31.56 -4.73
C ASN D 511 28.64 -32.29 -3.38
N MET D 512 29.48 -33.31 -3.27
CA MET D 512 29.50 -34.25 -2.10
C MET D 512 30.79 -34.07 -1.29
N TYR D 513 30.74 -34.46 -0.01
CA TYR D 513 31.84 -34.33 0.98
C TYR D 513 31.73 -35.48 2.01
N ILE D 514 32.85 -35.77 2.69
CA ILE D 514 32.92 -36.81 3.77
C ILE D 514 32.97 -36.08 5.12
N VAL D 515 32.03 -36.40 6.02
CA VAL D 515 31.98 -35.91 7.43
C VAL D 515 32.89 -36.80 8.27
N LYS D 516 33.51 -36.23 9.32
CA LYS D 516 34.44 -36.94 10.24
C LYS D 516 33.71 -38.14 10.87
N HIS D 517 34.36 -39.31 10.88
CA HIS D 517 33.88 -40.57 11.49
C HIS D 517 35.08 -41.40 11.97
#